data_1YRM
# 
_entry.id   1YRM 
# 
_audit_conform.dict_name       mmcif_pdbx.dic 
_audit_conform.dict_version    5.389 
_audit_conform.dict_location   http://mmcif.pdb.org/dictionaries/ascii/mmcif_pdbx.dic 
# 
loop_
_database_2.database_id 
_database_2.database_code 
_database_2.pdbx_database_accession 
_database_2.pdbx_DOI 
PDB   1YRM         pdb_00001yrm 10.2210/pdb1yrm/pdb 
NDB   AR0057       ?            ?                   
RCSB  RCSB031851   ?            ?                   
WWPDB D_1000031851 ?            ?                   
# 
loop_
_pdbx_audit_revision_history.ordinal 
_pdbx_audit_revision_history.data_content_type 
_pdbx_audit_revision_history.major_revision 
_pdbx_audit_revision_history.minor_revision 
_pdbx_audit_revision_history.revision_date 
1 'Structure model' 1 0 2005-10-18 
2 'Structure model' 1 1 2008-04-30 
3 'Structure model' 1 2 2011-07-13 
4 'Structure model' 1 3 2011-11-16 
5 'Structure model' 1 4 2024-02-14 
6 'Structure model' 1 5 2024-04-03 
# 
_pdbx_audit_revision_details.ordinal             1 
_pdbx_audit_revision_details.revision_ordinal    1 
_pdbx_audit_revision_details.data_content_type   'Structure model' 
_pdbx_audit_revision_details.provider            repository 
_pdbx_audit_revision_details.type                'Initial release' 
_pdbx_audit_revision_details.description         ? 
_pdbx_audit_revision_details.details             ? 
# 
loop_
_pdbx_audit_revision_group.ordinal 
_pdbx_audit_revision_group.revision_ordinal 
_pdbx_audit_revision_group.data_content_type 
_pdbx_audit_revision_group.group 
1 2 'Structure model' 'Version format compliance' 
2 3 'Structure model' 'Version format compliance' 
3 4 'Structure model' 'Atomic model'              
4 5 'Structure model' 'Data collection'           
5 5 'Structure model' 'Database references'       
6 5 'Structure model' 'Derived calculations'      
7 6 'Structure model' 'Refinement description'    
# 
loop_
_pdbx_audit_revision_category.ordinal 
_pdbx_audit_revision_category.revision_ordinal 
_pdbx_audit_revision_category.data_content_type 
_pdbx_audit_revision_category.category 
1 5 'Structure model' chem_comp_atom                
2 5 'Structure model' chem_comp_bond                
3 5 'Structure model' database_2                    
4 5 'Structure model' pdbx_struct_conn_angle        
5 5 'Structure model' struct_conn                   
6 5 'Structure model' struct_site                   
7 6 'Structure model' pdbx_initial_refinement_model 
# 
loop_
_pdbx_audit_revision_item.ordinal 
_pdbx_audit_revision_item.revision_ordinal 
_pdbx_audit_revision_item.data_content_type 
_pdbx_audit_revision_item.item 
1  5 'Structure model' '_database_2.pdbx_DOI'                      
2  5 'Structure model' '_database_2.pdbx_database_accession'       
3  5 'Structure model' '_pdbx_struct_conn_angle.ptnr1_auth_seq_id' 
4  5 'Structure model' '_pdbx_struct_conn_angle.ptnr1_symmetry'    
5  5 'Structure model' '_pdbx_struct_conn_angle.ptnr3_auth_seq_id' 
6  5 'Structure model' '_pdbx_struct_conn_angle.ptnr3_symmetry'    
7  5 'Structure model' '_pdbx_struct_conn_angle.value'             
8  5 'Structure model' '_struct_conn.conn_type_id'                 
9  5 'Structure model' '_struct_conn.id'                           
10 5 'Structure model' '_struct_conn.pdbx_dist_value'              
11 5 'Structure model' '_struct_conn.pdbx_leaving_atom_flag'       
12 5 'Structure model' '_struct_conn.ptnr1_auth_asym_id'           
13 5 'Structure model' '_struct_conn.ptnr1_auth_comp_id'           
14 5 'Structure model' '_struct_conn.ptnr1_auth_seq_id'            
15 5 'Structure model' '_struct_conn.ptnr1_label_asym_id'          
16 5 'Structure model' '_struct_conn.ptnr1_label_atom_id'          
17 5 'Structure model' '_struct_conn.ptnr1_label_comp_id'          
18 5 'Structure model' '_struct_conn.ptnr1_label_seq_id'           
19 5 'Structure model' '_struct_conn.ptnr2_auth_asym_id'           
20 5 'Structure model' '_struct_conn.ptnr2_auth_comp_id'           
21 5 'Structure model' '_struct_conn.ptnr2_auth_seq_id'            
22 5 'Structure model' '_struct_conn.ptnr2_label_asym_id'          
23 5 'Structure model' '_struct_conn.ptnr2_label_atom_id'          
24 5 'Structure model' '_struct_conn.ptnr2_label_comp_id'          
25 5 'Structure model' '_struct_conn.ptnr2_label_seq_id'           
26 5 'Structure model' '_struct_conn.ptnr2_symmetry'               
27 5 'Structure model' '_struct_site.pdbx_auth_asym_id'            
28 5 'Structure model' '_struct_site.pdbx_auth_comp_id'            
29 5 'Structure model' '_struct_site.pdbx_auth_seq_id'             
# 
_pdbx_database_status.status_code                     REL 
_pdbx_database_status.entry_id                        1YRM 
_pdbx_database_status.recvd_initial_deposition_date   2005-02-04 
_pdbx_database_status.deposit_site                    RCSB 
_pdbx_database_status.process_site                    RCSB 
_pdbx_database_status.status_code_sf                  REL 
_pdbx_database_status.status_code_mr                  ? 
_pdbx_database_status.SG_entry                        ? 
_pdbx_database_status.pdb_format_compatible           Y 
_pdbx_database_status.status_code_cs                  ? 
_pdbx_database_status.status_code_nmr_data            ? 
_pdbx_database_status.methods_development_category    ? 
# 
_pdbx_database_related.db_name        NDB 
_pdbx_database_related.db_id          AR0002 
_pdbx_database_related.details        
;The same sequence without the 2'-amine substitution, molecular replacement model
;
_pdbx_database_related.content_type   unspecified 
# 
loop_
_audit_author.name 
_audit_author.pdbx_ordinal 
'Gherghe, C.M.' 1 
'Krahn, J.M.'   2 
'Weeks, K.M.'   3 
# 
_citation.id                        primary 
_citation.title                     
;Crystal structures, reactivity and inferred acylation transition States for 2'-amine substituted RNA.
;
_citation.journal_abbrev            J.Am.Chem.Soc. 
_citation.journal_volume            127 
_citation.page_first                13622 
_citation.page_last                 13628 
_citation.year                      2005 
_citation.journal_id_ASTM           JACSAT 
_citation.country                   US 
_citation.journal_id_ISSN           0002-7863 
_citation.journal_id_CSD            0004 
_citation.book_publisher            ? 
_citation.pdbx_database_id_PubMed   16190727 
_citation.pdbx_database_id_DOI      10.1021/ja053647y 
# 
loop_
_citation_author.citation_id 
_citation_author.name 
_citation_author.ordinal 
_citation_author.identifier_ORCID 
primary 'Gherghe, C.M.' 1 ? 
primary 'Krahn, J.M.'   2 ? 
primary 'Weeks, K.M.'   3 ? 
# 
loop_
_entity.id 
_entity.type 
_entity.src_method 
_entity.pdbx_description 
_entity.formula_weight 
_entity.pdbx_number_of_molecules 
_entity.pdbx_ec 
_entity.pdbx_mutation 
_entity.pdbx_fragment 
_entity.details 
1 polymer     syn 
;DNA/RNA (5'-R(*GP*CP*AP*GP*A)-D(P*(A5M))-R(P*UP*UP*AP*AP*AP*UP*CP*UP*GP*C)-3')
;
5081.094 3  ? ? ? ? 
2 non-polymer syn 'STRONTIUM ION'                                                                  87.620   2  ? ? ? ? 
3 water       nat water                                                                            18.015   50 ? ? ? ? 
# 
_entity_poly.entity_id                      1 
_entity_poly.type                           'polydeoxyribonucleotide/polyribonucleotide hybrid' 
_entity_poly.nstd_linkage                   no 
_entity_poly.nstd_monomer                   yes 
_entity_poly.pdbx_seq_one_letter_code       'GCAGA(A5M)UUAAAUCUGC' 
_entity_poly.pdbx_seq_one_letter_code_can   GCAGACUUAAAUCUGC 
_entity_poly.pdbx_strand_id                 A,B,C 
_entity_poly.pdbx_target_identifier         ? 
# 
loop_
_pdbx_entity_nonpoly.entity_id 
_pdbx_entity_nonpoly.name 
_pdbx_entity_nonpoly.comp_id 
2 'STRONTIUM ION' SR  
3 water           HOH 
# 
loop_
_entity_poly_seq.entity_id 
_entity_poly_seq.num 
_entity_poly_seq.mon_id 
_entity_poly_seq.hetero 
1 1  G   n 
1 2  C   n 
1 3  A   n 
1 4  G   n 
1 5  A   n 
1 6  A5M n 
1 7  U   n 
1 8  U   n 
1 9  A   n 
1 10 A   n 
1 11 A   n 
1 12 U   n 
1 13 C   n 
1 14 U   n 
1 15 G   n 
1 16 C   n 
# 
loop_
_chem_comp.id 
_chem_comp.type 
_chem_comp.mon_nstd_flag 
_chem_comp.name 
_chem_comp.pdbx_synonyms 
_chem_comp.formula 
_chem_comp.formula_weight 
A   'RNA linking' y "ADENOSINE-5'-MONOPHOSPHATE"         ? 'C10 H14 N5 O7 P' 347.221 
A5M 'RNA linking' n "2'-AMINE-CYTIDINE-5'-MONOPHOSPHATE" ? 'C9 H15 N4 O7 P'  322.212 
C   'RNA linking' y "CYTIDINE-5'-MONOPHOSPHATE"          ? 'C9 H14 N3 O8 P'  323.197 
G   'RNA linking' y "GUANOSINE-5'-MONOPHOSPHATE"         ? 'C10 H14 N5 O8 P' 363.221 
HOH non-polymer   . WATER                                ? 'H2 O'            18.015  
SR  non-polymer   . 'STRONTIUM ION'                      ? 'Sr 2'            87.620  
U   'RNA linking' y "URIDINE-5'-MONOPHOSPHATE"           ? 'C9 H13 N2 O9 P'  324.181 
# 
loop_
_pdbx_poly_seq_scheme.asym_id 
_pdbx_poly_seq_scheme.entity_id 
_pdbx_poly_seq_scheme.seq_id 
_pdbx_poly_seq_scheme.mon_id 
_pdbx_poly_seq_scheme.ndb_seq_num 
_pdbx_poly_seq_scheme.pdb_seq_num 
_pdbx_poly_seq_scheme.auth_seq_num 
_pdbx_poly_seq_scheme.pdb_mon_id 
_pdbx_poly_seq_scheme.auth_mon_id 
_pdbx_poly_seq_scheme.pdb_strand_id 
_pdbx_poly_seq_scheme.pdb_ins_code 
_pdbx_poly_seq_scheme.hetero 
A 1 1  G   1  1  1  G   G A . n 
A 1 2  C   2  2  2  C   C A . n 
A 1 3  A   3  3  3  A   A A . n 
A 1 4  G   4  4  4  G   G A . n 
A 1 5  A   5  5  5  A   A A . n 
A 1 6  A5M 6  6  6  A5M C A . n 
A 1 7  U   7  7  7  U   U A . n 
A 1 8  U   8  8  8  U   U A . n 
A 1 9  A   9  9  9  A   A A . n 
A 1 10 A   10 10 10 A   A A . n 
A 1 11 A   11 11 11 A   A A . n 
A 1 12 U   12 12 12 U   U A . n 
A 1 13 C   13 13 13 C   C A . n 
A 1 14 U   14 14 14 U   U A . n 
A 1 15 G   15 15 15 G   G A . n 
A 1 16 C   16 16 16 C   C A . n 
B 1 1  G   1  1  1  G   G B . n 
B 1 2  C   2  2  2  C   C B . n 
B 1 3  A   3  3  3  A   A B . n 
B 1 4  G   4  4  4  G   G B . n 
B 1 5  A   5  5  5  A   A B . n 
B 1 6  A5M 6  6  6  A5M C B . n 
B 1 7  U   7  7  7  U   U B . n 
B 1 8  U   8  8  8  U   U B . n 
B 1 9  A   9  9  9  A   A B . n 
B 1 10 A   10 10 10 A   A B . n 
B 1 11 A   11 11 11 A   A B . n 
B 1 12 U   12 12 12 U   U B . n 
B 1 13 C   13 13 13 C   C B . n 
B 1 14 U   14 14 14 U   U B . n 
B 1 15 G   15 15 15 G   G B . n 
B 1 16 C   16 16 16 C   C B . n 
C 1 1  G   1  1  1  G   G C . n 
C 1 2  C   2  2  2  C   C C . n 
C 1 3  A   3  3  3  A   A C . n 
C 1 4  G   4  4  4  G   G C . n 
C 1 5  A   5  5  5  A   A C . n 
C 1 6  A5M 6  6  6  A5M C C . n 
C 1 7  U   7  7  7  U   U C . n 
C 1 8  U   8  8  8  U   U C . n 
C 1 9  A   9  9  9  A   A C . n 
C 1 10 A   10 10 10 A   A C . n 
C 1 11 A   11 11 11 A   A C . n 
C 1 12 U   12 12 12 U   U C . n 
C 1 13 C   13 13 13 C   C C . n 
C 1 14 U   14 14 14 U   U C . n 
C 1 15 G   15 15 15 G   G C . n 
C 1 16 C   16 16 16 C   C C . n 
# 
loop_
_pdbx_nonpoly_scheme.asym_id 
_pdbx_nonpoly_scheme.entity_id 
_pdbx_nonpoly_scheme.mon_id 
_pdbx_nonpoly_scheme.ndb_seq_num 
_pdbx_nonpoly_scheme.pdb_seq_num 
_pdbx_nonpoly_scheme.auth_seq_num 
_pdbx_nonpoly_scheme.pdb_mon_id 
_pdbx_nonpoly_scheme.auth_mon_id 
_pdbx_nonpoly_scheme.pdb_strand_id 
_pdbx_nonpoly_scheme.pdb_ins_code 
D 2 SR  1  17 1  SR  SR  A . 
E 2 SR  1  17 3  SR  SR  C . 
F 3 HOH 1  22 22 HOH HOH A . 
F 3 HOH 2  26 26 HOH HOH A . 
F 3 HOH 3  34 34 HOH HOH A . 
F 3 HOH 4  36 36 HOH HOH A . 
F 3 HOH 5  37 37 HOH HOH A . 
F 3 HOH 6  38 38 HOH HOH A . 
F 3 HOH 7  40 40 HOH HOH A . 
F 3 HOH 8  45 45 HOH HOH A . 
F 3 HOH 9  51 51 HOH HOH A . 
F 3 HOH 10 52 52 HOH HOH A . 
G 3 HOH 1  17 16 HOH HOH B . 
G 3 HOH 2  18 21 HOH HOH B . 
G 3 HOH 3  19 24 HOH HOH B . 
G 3 HOH 4  20 25 HOH HOH B . 
G 3 HOH 5  21 27 HOH HOH B . 
G 3 HOH 6  22 28 HOH HOH B . 
G 3 HOH 7  23 29 HOH HOH B . 
G 3 HOH 8  24 33 HOH HOH B . 
G 3 HOH 9  25 35 HOH HOH B . 
G 3 HOH 10 26 41 HOH HOH B . 
G 3 HOH 11 27 43 HOH HOH B . 
G 3 HOH 12 28 44 HOH HOH B . 
G 3 HOH 13 29 48 HOH HOH B . 
G 3 HOH 14 30 49 HOH HOH B . 
H 3 HOH 1  18 2  HOH HOH C . 
H 3 HOH 2  19 4  HOH HOH C . 
H 3 HOH 3  20 5  HOH HOH C . 
H 3 HOH 4  21 6  HOH HOH C . 
H 3 HOH 5  22 7  HOH HOH C . 
H 3 HOH 6  23 8  HOH HOH C . 
H 3 HOH 7  24 9  HOH HOH C . 
H 3 HOH 8  25 10 HOH HOH C . 
H 3 HOH 9  26 11 HOH HOH C . 
H 3 HOH 10 27 12 HOH HOH C . 
H 3 HOH 11 28 13 HOH HOH C . 
H 3 HOH 12 29 14 HOH HOH C . 
H 3 HOH 13 30 15 HOH HOH C . 
H 3 HOH 14 31 17 HOH HOH C . 
H 3 HOH 15 32 18 HOH HOH C . 
H 3 HOH 16 33 19 HOH HOH C . 
H 3 HOH 17 34 20 HOH HOH C . 
H 3 HOH 18 35 23 HOH HOH C . 
H 3 HOH 19 36 30 HOH HOH C . 
H 3 HOH 20 37 31 HOH HOH C . 
H 3 HOH 21 38 32 HOH HOH C . 
H 3 HOH 22 39 39 HOH HOH C . 
H 3 HOH 23 40 42 HOH HOH C . 
H 3 HOH 24 41 46 HOH HOH C . 
H 3 HOH 25 42 47 HOH HOH C . 
H 3 HOH 26 43 50 HOH HOH C . 
# 
loop_
_software.name 
_software.classification 
_software.version 
_software.citation_id 
_software.pdbx_ordinal 
CNS       refinement     1.1 ? 1 
SCALEPACK 'data scaling' .   ? 2 
AMoRE     phasing        .   ? 3 
# 
_cell.entry_id           1YRM 
_cell.length_a           43.000 
_cell.length_b           43.000 
_cell.length_c           122.500 
_cell.angle_alpha        90.00 
_cell.angle_beta         90.00 
_cell.angle_gamma        120.00 
_cell.Z_PDB              18 
_cell.pdbx_unique_axis   ? 
# 
_symmetry.entry_id                         1YRM 
_symmetry.space_group_name_H-M             'P 31 2 1' 
_symmetry.pdbx_full_space_group_name_H-M   ? 
_symmetry.cell_setting                     ? 
_symmetry.Int_Tables_number                152 
_symmetry.space_group_name_Hall            ? 
# 
_exptl.entry_id          1YRM 
_exptl.method            'X-RAY DIFFRACTION' 
_exptl.crystals_number   1 
# 
_exptl_crystal.id                    1 
_exptl_crystal.density_meas          ? 
_exptl_crystal.density_Matthews      2.14 
_exptl_crystal.density_percent_sol   42.65 
_exptl_crystal.description           ? 
_exptl_crystal.F_000                 ? 
_exptl_crystal.preparation           ? 
# 
_exptl_crystal_grow.crystal_id      1 
_exptl_crystal_grow.method          'VAPOR DIFFUSION, SITTING DROP' 
_exptl_crystal_grow.temp            273 
_exptl_crystal_grow.temp_details    ? 
_exptl_crystal_grow.pH              8.0 
_exptl_crystal_grow.pdbx_details    
'MPD, cacodylate, spermidine, strontium chloride, pH 8.0, VAPOR DIFFUSION, SITTING DROP, temperature 273K' 
_exptl_crystal_grow.pdbx_pH_range   . 
# 
loop_
_exptl_crystal_grow_comp.crystal_id 
_exptl_crystal_grow_comp.id 
_exptl_crystal_grow_comp.sol_id 
_exptl_crystal_grow_comp.name 
_exptl_crystal_grow_comp.volume 
_exptl_crystal_grow_comp.conc 
_exptl_crystal_grow_comp.details 
1 1 1 MPD                  ? ? ? 
1 2 1 spermidine           ? ? ? 
1 3 1 'strontium chloride' ? ? ? 
1 4 1 cacodylate           ? ? ? 
1 5 2 'strontium chloride' ? ? ? 
1 6 2 MPD                  ? ? ? 
1 7 2 cacodylate           ? ? ? 
# 
_diffrn.id                     1 
_diffrn.ambient_temp           100 
_diffrn.ambient_temp_details   ? 
_diffrn.crystal_id             1 
# 
_diffrn_detector.diffrn_id              1 
_diffrn_detector.detector               'IMAGE PLATE' 
_diffrn_detector.type                   'RIGAKU RAXIS IV' 
_diffrn_detector.pdbx_collection_date   2003-03-15 
_diffrn_detector.details                ? 
# 
_diffrn_radiation.diffrn_id                        1 
_diffrn_radiation.wavelength_id                    1 
_diffrn_radiation.pdbx_monochromatic_or_laue_m_l   M 
_diffrn_radiation.monochromator                    ? 
_diffrn_radiation.pdbx_diffrn_protocol             'SINGLE WAVELENGTH' 
_diffrn_radiation.pdbx_scattering_type             x-ray 
# 
_diffrn_radiation_wavelength.id           1 
_diffrn_radiation_wavelength.wavelength   1.5418 
_diffrn_radiation_wavelength.wt           1.0 
# 
_diffrn_source.diffrn_id                   1 
_diffrn_source.source                      'ROTATING ANODE' 
_diffrn_source.type                        RIGAKU 
_diffrn_source.pdbx_synchrotron_site       ? 
_diffrn_source.pdbx_synchrotron_beamline   ? 
_diffrn_source.pdbx_wavelength             1.5418 
_diffrn_source.pdbx_wavelength_list        ? 
# 
_reflns.entry_id                     1YRM 
_reflns.observed_criterion_sigma_I   1 
_reflns.observed_criterion_sigma_F   0 
_reflns.d_resolution_low             21.50 
_reflns.d_resolution_high            2.40 
_reflns.number_obs                   5305 
_reflns.number_all                   5573 
_reflns.percent_possible_obs         95.2 
_reflns.pdbx_Rmerge_I_obs            0.044 
_reflns.pdbx_Rsym_value              0.041 
_reflns.pdbx_netI_over_sigmaI        17.19 
_reflns.B_iso_Wilson_estimate        39.0 
_reflns.pdbx_redundancy              13.09 
_reflns.R_free_details               ? 
_reflns.pdbx_chi_squared             ? 
_reflns.pdbx_scaling_rejects         ? 
_reflns.pdbx_diffrn_id               1 
_reflns.pdbx_ordinal                 1 
# 
_reflns_shell.d_res_high             2.40 
_reflns_shell.d_res_low              2.49 
_reflns_shell.percent_possible_all   75.2 
_reflns_shell.Rmerge_I_obs           0.255 
_reflns_shell.pdbx_Rsym_value        0.187 
_reflns_shell.meanI_over_sigI_obs    3.77 
_reflns_shell.pdbx_redundancy        ? 
_reflns_shell.percent_possible_obs   ? 
_reflns_shell.number_unique_all      395 
_reflns_shell.number_measured_all    ? 
_reflns_shell.number_measured_obs    ? 
_reflns_shell.number_unique_obs      ? 
_reflns_shell.pdbx_chi_squared       ? 
_reflns_shell.pdbx_diffrn_id         ? 
_reflns_shell.pdbx_ordinal           1 
# 
_refine.entry_id                                 1YRM 
_refine.ls_number_reflns_obs                     4649 
_refine.ls_number_reflns_all                     4649 
_refine.pdbx_ls_sigma_I                          ? 
_refine.pdbx_ls_sigma_F                          0.0 
_refine.pdbx_data_cutoff_high_absF               696091.00 
_refine.pdbx_data_cutoff_low_absF                0.000000 
_refine.pdbx_data_cutoff_high_rms_absF           ? 
_refine.ls_d_res_low                             7.98 
_refine.ls_d_res_high                            2.50 
_refine.ls_percent_reflns_obs                    97.9 
_refine.ls_R_factor_obs                          0.234 
_refine.ls_R_factor_all                          0.234 
_refine.ls_R_factor_R_work                       0.234 
_refine.ls_R_factor_R_free                       0.278 
_refine.ls_R_factor_R_free_error                 0.018 
_refine.ls_R_factor_R_free_error_details         ? 
_refine.ls_percent_reflns_R_free                 5.4 
_refine.ls_number_reflns_R_free                  253 
_refine.ls_number_parameters                     ? 
_refine.ls_number_restraints                     ? 
_refine.occupancy_min                            ? 
_refine.occupancy_max                            ? 
_refine.correlation_coeff_Fo_to_Fc               ? 
_refine.correlation_coeff_Fo_to_Fc_free          ? 
_refine.B_iso_mean                               42.3 
_refine.aniso_B[1][1]                            6.26 
_refine.aniso_B[2][2]                            6.26 
_refine.aniso_B[3][3]                            -12.52 
_refine.aniso_B[1][2]                            5.47 
_refine.aniso_B[1][3]                            0.00 
_refine.aniso_B[2][3]                            0.00 
_refine.solvent_model_details                    'FLAT MODEL' 
_refine.solvent_model_param_ksol                 0.228829 
_refine.solvent_model_param_bsol                 36.6756 
_refine.pdbx_solvent_vdw_probe_radii             ? 
_refine.pdbx_solvent_ion_probe_radii             ? 
_refine.pdbx_solvent_shrinkage_radii             ? 
_refine.pdbx_ls_cross_valid_method               THROUGHOUT 
_refine.details                                  ? 
_refine.pdbx_starting_model                      'NDB ENTRY AR0002' 
_refine.pdbx_method_to_determine_struct          'MOLECULAR REPLACEMENT' 
_refine.pdbx_isotropic_thermal_model             RESTRAINED 
_refine.pdbx_stereochemistry_target_values       ? 
_refine.pdbx_stereochem_target_val_spec_case     ? 
_refine.pdbx_R_Free_selection_details            RANDOM 
_refine.pdbx_overall_ESU_R                       ? 
_refine.pdbx_overall_ESU_R_Free                  ? 
_refine.overall_SU_ML                            ? 
_refine.overall_SU_B                             ? 
_refine.ls_redundancy_reflns_obs                 ? 
_refine.overall_SU_R_Cruickshank_DPI             ? 
_refine.overall_SU_R_free                        ? 
_refine.ls_wR_factor_R_free                      ? 
_refine.ls_wR_factor_R_work                      ? 
_refine.overall_FOM_free_R_set                   ? 
_refine.overall_FOM_work_R_set                   ? 
_refine.pdbx_refine_id                           'X-RAY DIFFRACTION' 
_refine.pdbx_diffrn_id                           1 
_refine.pdbx_TLS_residual_ADP_flag               ? 
_refine.pdbx_overall_phase_error                 ? 
_refine.pdbx_overall_SU_R_free_Cruickshank_DPI   ? 
_refine.pdbx_overall_SU_R_Blow_DPI               ? 
_refine.pdbx_overall_SU_R_free_Blow_DPI          ? 
# 
_refine_analyze.entry_id                        1YRM 
_refine_analyze.Luzzati_coordinate_error_obs    0.36 
_refine_analyze.Luzzati_sigma_a_obs             0.44 
_refine_analyze.Luzzati_d_res_low_obs           5.00 
_refine_analyze.Luzzati_coordinate_error_free   0.44 
_refine_analyze.Luzzati_sigma_a_free            0.43 
_refine_analyze.Luzzati_d_res_low_free          ? 
_refine_analyze.number_disordered_residues      ? 
_refine_analyze.occupancy_sum_hydrogen          ? 
_refine_analyze.occupancy_sum_non_hydrogen      ? 
_refine_analyze.pdbx_refine_id                  'X-RAY DIFFRACTION' 
# 
_refine_hist.pdbx_refine_id                   'X-RAY DIFFRACTION' 
_refine_hist.cycle_id                         LAST 
_refine_hist.pdbx_number_atoms_protein        0 
_refine_hist.pdbx_number_atoms_nucleic_acid   1008 
_refine_hist.pdbx_number_atoms_ligand         2 
_refine_hist.number_atoms_solvent             50 
_refine_hist.number_atoms_total               1060 
_refine_hist.d_res_high                       2.50 
_refine_hist.d_res_low                        7.98 
# 
loop_
_refine_ls_restr.type 
_refine_ls_restr.dev_ideal 
_refine_ls_restr.dev_ideal_target 
_refine_ls_restr.weight 
_refine_ls_restr.number 
_refine_ls_restr.pdbx_refine_id 
_refine_ls_restr.pdbx_restraint_function 
c_bond_d           0.005 ?    ? ? 'X-RAY DIFFRACTION' ? 
c_angle_deg        0.9   ?    ? ? 'X-RAY DIFFRACTION' ? 
c_dihedral_angle_d 7.3   ?    ? ? 'X-RAY DIFFRACTION' ? 
c_improper_angle_d 1.35  ?    ? ? 'X-RAY DIFFRACTION' ? 
c_mcbond_it        0.00  1.50 ? ? 'X-RAY DIFFRACTION' ? 
c_mcangle_it       0.00  2.00 ? ? 'X-RAY DIFFRACTION' ? 
c_scbond_it        0.36  2.00 ? ? 'X-RAY DIFFRACTION' ? 
c_scangle_it       0.62  2.50 ? ? 'X-RAY DIFFRACTION' ? 
# 
_refine_ls_shell.pdbx_total_number_of_bins_used   6 
_refine_ls_shell.d_res_high                       2.50 
_refine_ls_shell.d_res_low                        2.65 
_refine_ls_shell.number_reflns_R_work             648 
_refine_ls_shell.R_factor_R_work                  0.335 
_refine_ls_shell.percent_reflns_obs               90.2 
_refine_ls_shell.R_factor_R_free                  0.379 
_refine_ls_shell.R_factor_R_free_error            0.058 
_refine_ls_shell.percent_reflns_R_free            6.2 
_refine_ls_shell.number_reflns_R_free             43 
_refine_ls_shell.redundancy_reflns_obs            ? 
_refine_ls_shell.pdbx_refine_id                   'X-RAY DIFFRACTION' 
_refine_ls_shell.number_reflns_all                ? 
_refine_ls_shell.R_factor_all                     ? 
# 
loop_
_pdbx_xplor_file.serial_no 
_pdbx_xplor_file.param_file 
_pdbx_xplor_file.topol_file 
_pdbx_xplor_file.pdbx_refine_id 
1 C2N.PARAM     C2N.TOP     'X-RAY DIFFRACTION' 
2 DNA-RNA.PARAM DNA-RNA.TOP 'X-RAY DIFFRACTION' 
3 WATER.PARAM   WATER.TOP   'X-RAY DIFFRACTION' 
4 ION.PARAM     ION.TOP     'X-RAY DIFFRACTION' 
# 
_struct.entry_id                  1YRM 
_struct.title                     
;Crystal Structure of an RNA duplex containing site specific 2'-amine substitutions at a C-A mismatch
;
_struct.pdbx_model_details        ? 
_struct.pdbx_CASP_flag            ? 
_struct.pdbx_model_type_details   ? 
# 
_struct_keywords.entry_id        1YRM 
_struct_keywords.pdbx_keywords   RNA 
_struct_keywords.text            
;2'-AMINE, RNA, DUPLEX, MISMATCH
;
# 
loop_
_struct_asym.id 
_struct_asym.pdbx_blank_PDB_chainid_flag 
_struct_asym.pdbx_modified 
_struct_asym.entity_id 
_struct_asym.details 
A N N 1 ? 
B N N 1 ? 
C N N 1 ? 
D N N 2 ? 
E N N 2 ? 
F N N 3 ? 
G N N 3 ? 
H N N 3 ? 
# 
_struct_ref.id                         1 
_struct_ref.entity_id                  1 
_struct_ref.db_name                    PDB 
_struct_ref.db_code                    1YRM 
_struct_ref.pdbx_db_accession          1YRM 
_struct_ref.pdbx_db_isoform            ? 
_struct_ref.pdbx_seq_one_letter_code   ? 
_struct_ref.pdbx_align_begin           ? 
# 
loop_
_struct_ref_seq.align_id 
_struct_ref_seq.ref_id 
_struct_ref_seq.pdbx_PDB_id_code 
_struct_ref_seq.pdbx_strand_id 
_struct_ref_seq.seq_align_beg 
_struct_ref_seq.pdbx_seq_align_beg_ins_code 
_struct_ref_seq.seq_align_end 
_struct_ref_seq.pdbx_seq_align_end_ins_code 
_struct_ref_seq.pdbx_db_accession 
_struct_ref_seq.db_align_beg 
_struct_ref_seq.pdbx_db_align_beg_ins_code 
_struct_ref_seq.db_align_end 
_struct_ref_seq.pdbx_db_align_end_ins_code 
_struct_ref_seq.pdbx_auth_seq_align_beg 
_struct_ref_seq.pdbx_auth_seq_align_end 
1 1 1YRM A 1 ? 16 ? 1YRM 1 ? 16 ? 1 16 
2 1 1YRM B 1 ? 16 ? 1YRM 1 ? 16 ? 1 16 
3 1 1YRM C 1 ? 16 ? 1YRM 1 ? 16 ? 1 16 
# 
loop_
_pdbx_struct_assembly.id 
_pdbx_struct_assembly.details 
_pdbx_struct_assembly.method_details 
_pdbx_struct_assembly.oligomeric_details 
_pdbx_struct_assembly.oligomeric_count 
1 author_defined_assembly ? dimeric 2 
2 author_defined_assembly ? dimeric 2 
# 
loop_
_pdbx_struct_assembly_gen.assembly_id 
_pdbx_struct_assembly_gen.oper_expression 
_pdbx_struct_assembly_gen.asym_id_list 
1 1   A,B,D,F,G 
2 1,2 C,E,H     
# 
loop_
_pdbx_struct_oper_list.id 
_pdbx_struct_oper_list.type 
_pdbx_struct_oper_list.name 
_pdbx_struct_oper_list.symmetry_operation 
_pdbx_struct_oper_list.matrix[1][1] 
_pdbx_struct_oper_list.matrix[1][2] 
_pdbx_struct_oper_list.matrix[1][3] 
_pdbx_struct_oper_list.vector[1] 
_pdbx_struct_oper_list.matrix[2][1] 
_pdbx_struct_oper_list.matrix[2][2] 
_pdbx_struct_oper_list.matrix[2][3] 
_pdbx_struct_oper_list.vector[2] 
_pdbx_struct_oper_list.matrix[3][1] 
_pdbx_struct_oper_list.matrix[3][2] 
_pdbx_struct_oper_list.matrix[3][3] 
_pdbx_struct_oper_list.vector[3] 
1 'identity operation'         1_555 x,y,z              1.0000000000 0.0000000000  0.0000000000  0.0000000000  0.0000000000  1.0000000000  0.0000000000 0.0000000000  0.0000000000  0.0000000000 1.0000000000  0.0000000000   
2 'crystal symmetry operation' 6_765 -x+2,-x+y+1,-z+1/3 0.5295609684 -0.6265590259 -0.5718294919 -6.6289052358 -0.6265590259 -0.7433405918 0.2342403715 30.3555733212 -0.5718294919 0.2342403715 -0.7862203766 -50.9922513175 
# 
loop_
_struct_biol.id 
_struct_biol.pdbx_parent_biol_id 
_struct_biol.details 
1 ? ? 
2 ? ? 
# 
loop_
_struct_conn.id 
_struct_conn.conn_type_id 
_struct_conn.pdbx_leaving_atom_flag 
_struct_conn.pdbx_PDB_id 
_struct_conn.ptnr1_label_asym_id 
_struct_conn.ptnr1_label_comp_id 
_struct_conn.ptnr1_label_seq_id 
_struct_conn.ptnr1_label_atom_id 
_struct_conn.pdbx_ptnr1_label_alt_id 
_struct_conn.pdbx_ptnr1_PDB_ins_code 
_struct_conn.pdbx_ptnr1_standard_comp_id 
_struct_conn.ptnr1_symmetry 
_struct_conn.ptnr2_label_asym_id 
_struct_conn.ptnr2_label_comp_id 
_struct_conn.ptnr2_label_seq_id 
_struct_conn.ptnr2_label_atom_id 
_struct_conn.pdbx_ptnr2_label_alt_id 
_struct_conn.pdbx_ptnr2_PDB_ins_code 
_struct_conn.ptnr1_auth_asym_id 
_struct_conn.ptnr1_auth_comp_id 
_struct_conn.ptnr1_auth_seq_id 
_struct_conn.ptnr2_auth_asym_id 
_struct_conn.ptnr2_auth_comp_id 
_struct_conn.ptnr2_auth_seq_id 
_struct_conn.ptnr2_symmetry 
_struct_conn.pdbx_ptnr3_label_atom_id 
_struct_conn.pdbx_ptnr3_label_seq_id 
_struct_conn.pdbx_ptnr3_label_comp_id 
_struct_conn.pdbx_ptnr3_label_asym_id 
_struct_conn.pdbx_ptnr3_label_alt_id 
_struct_conn.pdbx_ptnr3_PDB_ins_code 
_struct_conn.details 
_struct_conn.pdbx_dist_value 
_struct_conn.pdbx_value_order 
_struct_conn.pdbx_role 
covale1  covale both ? A A   5  "O3'" ? ? ? 1_555 A A5M 6  P  ? ? A A   5  A A5M 6  1_555 ? ? ? ? ? ? ?               1.618 ? ? 
covale2  covale both ? A A5M 6  "O3'" ? ? ? 1_555 A U   7  P  ? ? A A5M 6  A U   7  1_555 ? ? ? ? ? ? ?               1.604 ? ? 
covale3  covale both ? B A   5  "O3'" ? ? ? 1_555 B A5M 6  P  ? ? B A   5  B A5M 6  1_555 ? ? ? ? ? ? ?               1.609 ? ? 
covale4  covale both ? B A5M 6  "O3'" ? ? ? 1_555 B U   7  P  ? ? B A5M 6  B U   7  1_555 ? ? ? ? ? ? ?               1.603 ? ? 
covale5  covale both ? C A   5  "O3'" ? ? ? 1_555 C A5M 6  P  ? ? C A   5  C A5M 6  1_555 ? ? ? ? ? ? ?               1.608 ? ? 
covale6  covale both ? C A5M 6  "O3'" ? ? ? 1_555 C U   7  P  ? ? C A5M 6  C U   7  1_555 ? ? ? ? ? ? ?               1.609 ? ? 
metalc1  metalc ?    ? A C   16 "O3'" ? ? ? 1_555 D SR  .  SR ? ? A C   16 A SR  17 1_555 ? ? ? ? ? ? ?               2.952 ? ? 
metalc2  metalc ?    ? A C   16 "O2'" ? ? ? 1_555 D SR  .  SR ? ? A C   16 A SR  17 1_555 ? ? ? ? ? ? ?               2.567 ? ? 
metalc3  metalc ?    ? D SR  .  SR    ? ? ? 1_555 H HOH .  O  ? ? A SR  17 C HOH 18 2_665 ? ? ? ? ? ? ?               3.043 ? ? 
metalc4  metalc ?    ? E SR  .  SR    ? ? ? 1_555 H HOH .  O  ? ? C SR  17 C HOH 19 1_555 ? ? ? ? ? ? ?               3.307 ? ? 
metalc5  metalc ?    ? E SR  .  SR    ? ? ? 1_555 H HOH .  O  ? ? C SR  17 C HOH 19 6_765 ? ? ? ? ? ? ?               3.238 ? ? 
metalc6  metalc ?    ? E SR  .  SR    ? ? ? 1_555 H HOH .  O  ? ? C SR  17 C HOH 20 1_555 ? ? ? ? ? ? ?               2.812 ? ? 
metalc7  metalc ?    ? E SR  .  SR    ? ? ? 1_555 H HOH .  O  ? ? C SR  17 C HOH 20 6_765 ? ? ? ? ? ? ?               2.779 ? ? 
hydrog1  hydrog ?    ? A G   1  N1    ? ? ? 1_555 B C   16 N3 ? ? A G   1  B C   16 1_555 ? ? ? ? ? ? WATSON-CRICK    ?     ? ? 
hydrog2  hydrog ?    ? A G   1  N2    ? ? ? 1_555 B C   16 O2 ? ? A G   1  B C   16 1_555 ? ? ? ? ? ? WATSON-CRICK    ?     ? ? 
hydrog3  hydrog ?    ? A G   1  O6    ? ? ? 1_555 B C   16 N4 ? ? A G   1  B C   16 1_555 ? ? ? ? ? ? WATSON-CRICK    ?     ? ? 
hydrog4  hydrog ?    ? A C   2  N3    ? ? ? 1_555 B G   15 N1 ? ? A C   2  B G   15 1_555 ? ? ? ? ? ? WATSON-CRICK    ?     ? ? 
hydrog5  hydrog ?    ? A C   2  N4    ? ? ? 1_555 B G   15 O6 ? ? A C   2  B G   15 1_555 ? ? ? ? ? ? WATSON-CRICK    ?     ? ? 
hydrog6  hydrog ?    ? A C   2  O2    ? ? ? 1_555 B G   15 N2 ? ? A C   2  B G   15 1_555 ? ? ? ? ? ? WATSON-CRICK    ?     ? ? 
hydrog7  hydrog ?    ? A A   3  N1    ? ? ? 1_555 B U   14 N3 ? ? A A   3  B U   14 1_555 ? ? ? ? ? ? WATSON-CRICK    ?     ? ? 
hydrog8  hydrog ?    ? A A   3  N6    ? ? ? 1_555 B U   14 O4 ? ? A A   3  B U   14 1_555 ? ? ? ? ? ? WATSON-CRICK    ?     ? ? 
hydrog9  hydrog ?    ? A G   4  N1    ? ? ? 1_555 B C   13 N3 ? ? A G   4  B C   13 1_555 ? ? ? ? ? ? WATSON-CRICK    ?     ? ? 
hydrog10 hydrog ?    ? A G   4  N2    ? ? ? 1_555 B C   13 O2 ? ? A G   4  B C   13 1_555 ? ? ? ? ? ? WATSON-CRICK    ?     ? ? 
hydrog11 hydrog ?    ? A G   4  O6    ? ? ? 1_555 B C   13 N4 ? ? A G   4  B C   13 1_555 ? ? ? ? ? ? WATSON-CRICK    ?     ? ? 
hydrog12 hydrog ?    ? A A   5  N1    ? ? ? 1_555 B U   12 N3 ? ? A A   5  B U   12 1_555 ? ? ? ? ? ? WATSON-CRICK    ?     ? ? 
hydrog13 hydrog ?    ? A A   5  N6    ? ? ? 1_555 B U   12 O4 ? ? A A   5  B U   12 1_555 ? ? ? ? ? ? WATSON-CRICK    ?     ? ? 
hydrog14 hydrog ?    ? A A5M 6  N3    ? ? ? 1_555 B A   11 N6 ? ? A A5M 6  B A   11 1_555 ? ? ? ? ? ? 'A5M-A MISPAIR' ?     ? ? 
hydrog15 hydrog ?    ? A U   7  N3    ? ? ? 1_555 B A   10 N1 ? ? A U   7  B A   10 1_555 ? ? ? ? ? ? WATSON-CRICK    ?     ? ? 
hydrog16 hydrog ?    ? A U   7  O4    ? ? ? 1_555 B A   10 N6 ? ? A U   7  B A   10 1_555 ? ? ? ? ? ? WATSON-CRICK    ?     ? ? 
hydrog17 hydrog ?    ? A U   8  N3    ? ? ? 1_555 B A   9  N1 ? ? A U   8  B A   9  1_555 ? ? ? ? ? ? WATSON-CRICK    ?     ? ? 
hydrog18 hydrog ?    ? A U   8  O4    ? ? ? 1_555 B A   9  N6 ? ? A U   8  B A   9  1_555 ? ? ? ? ? ? WATSON-CRICK    ?     ? ? 
hydrog19 hydrog ?    ? A A   9  N1    ? ? ? 1_555 B U   8  N3 ? ? A A   9  B U   8  1_555 ? ? ? ? ? ? WATSON-CRICK    ?     ? ? 
hydrog20 hydrog ?    ? A A   9  N6    ? ? ? 1_555 B U   8  O4 ? ? A A   9  B U   8  1_555 ? ? ? ? ? ? WATSON-CRICK    ?     ? ? 
hydrog21 hydrog ?    ? A A   10 N1    ? ? ? 1_555 B U   7  N3 ? ? A A   10 B U   7  1_555 ? ? ? ? ? ? WATSON-CRICK    ?     ? ? 
hydrog22 hydrog ?    ? A A   10 N6    ? ? ? 1_555 B U   7  O4 ? ? A A   10 B U   7  1_555 ? ? ? ? ? ? WATSON-CRICK    ?     ? ? 
hydrog23 hydrog ?    ? A A   11 N6    ? ? ? 1_555 B A5M 6  N3 ? ? A A   11 B A5M 6  1_555 ? ? ? ? ? ? 'A-A5M MISPAIR' ?     ? ? 
hydrog24 hydrog ?    ? A U   12 N3    ? ? ? 1_555 B A   5  N1 ? ? A U   12 B A   5  1_555 ? ? ? ? ? ? WATSON-CRICK    ?     ? ? 
hydrog25 hydrog ?    ? A U   12 O4    ? ? ? 1_555 B A   5  N6 ? ? A U   12 B A   5  1_555 ? ? ? ? ? ? WATSON-CRICK    ?     ? ? 
hydrog26 hydrog ?    ? A C   13 N3    ? ? ? 1_555 B G   4  N1 ? ? A C   13 B G   4  1_555 ? ? ? ? ? ? WATSON-CRICK    ?     ? ? 
hydrog27 hydrog ?    ? A C   13 N4    ? ? ? 1_555 B G   4  O6 ? ? A C   13 B G   4  1_555 ? ? ? ? ? ? WATSON-CRICK    ?     ? ? 
hydrog28 hydrog ?    ? A C   13 O2    ? ? ? 1_555 B G   4  N2 ? ? A C   13 B G   4  1_555 ? ? ? ? ? ? WATSON-CRICK    ?     ? ? 
hydrog29 hydrog ?    ? A U   14 N3    ? ? ? 1_555 B A   3  N1 ? ? A U   14 B A   3  1_555 ? ? ? ? ? ? WATSON-CRICK    ?     ? ? 
hydrog30 hydrog ?    ? A U   14 O4    ? ? ? 1_555 B A   3  N6 ? ? A U   14 B A   3  1_555 ? ? ? ? ? ? WATSON-CRICK    ?     ? ? 
hydrog31 hydrog ?    ? A G   15 N1    ? ? ? 1_555 B C   2  N3 ? ? A G   15 B C   2  1_555 ? ? ? ? ? ? WATSON-CRICK    ?     ? ? 
hydrog32 hydrog ?    ? A G   15 N2    ? ? ? 1_555 B C   2  O2 ? ? A G   15 B C   2  1_555 ? ? ? ? ? ? WATSON-CRICK    ?     ? ? 
hydrog33 hydrog ?    ? A G   15 O6    ? ? ? 1_555 B C   2  N4 ? ? A G   15 B C   2  1_555 ? ? ? ? ? ? WATSON-CRICK    ?     ? ? 
hydrog34 hydrog ?    ? A C   16 N3    ? ? ? 1_555 B G   1  N1 ? ? A C   16 B G   1  1_555 ? ? ? ? ? ? WATSON-CRICK    ?     ? ? 
hydrog35 hydrog ?    ? A C   16 N4    ? ? ? 1_555 B G   1  O6 ? ? A C   16 B G   1  1_555 ? ? ? ? ? ? WATSON-CRICK    ?     ? ? 
hydrog36 hydrog ?    ? A C   16 O2    ? ? ? 1_555 B G   1  N2 ? ? A C   16 B G   1  1_555 ? ? ? ? ? ? WATSON-CRICK    ?     ? ? 
hydrog37 hydrog ?    ? C G   1  N1    ? ? ? 1_555 C C   16 N3 ? ? C G   1  C C   16 6_765 ? ? ? ? ? ? WATSON-CRICK    ?     ? ? 
hydrog38 hydrog ?    ? C G   1  N2    ? ? ? 1_555 C C   16 O2 ? ? C G   1  C C   16 6_765 ? ? ? ? ? ? WATSON-CRICK    ?     ? ? 
hydrog39 hydrog ?    ? C G   1  O6    ? ? ? 1_555 C C   16 N4 ? ? C G   1  C C   16 6_765 ? ? ? ? ? ? WATSON-CRICK    ?     ? ? 
hydrog40 hydrog ?    ? C C   2  N3    ? ? ? 1_555 C G   15 N1 ? ? C C   2  C G   15 6_765 ? ? ? ? ? ? WATSON-CRICK    ?     ? ? 
hydrog41 hydrog ?    ? C C   2  N4    ? ? ? 1_555 C G   15 O6 ? ? C C   2  C G   15 6_765 ? ? ? ? ? ? WATSON-CRICK    ?     ? ? 
hydrog42 hydrog ?    ? C C   2  O2    ? ? ? 1_555 C G   15 N2 ? ? C C   2  C G   15 6_765 ? ? ? ? ? ? WATSON-CRICK    ?     ? ? 
hydrog43 hydrog ?    ? C A   3  N1    ? ? ? 1_555 C U   14 N3 ? ? C A   3  C U   14 6_765 ? ? ? ? ? ? WATSON-CRICK    ?     ? ? 
hydrog44 hydrog ?    ? C A   3  N6    ? ? ? 1_555 C U   14 O4 ? ? C A   3  C U   14 6_765 ? ? ? ? ? ? WATSON-CRICK    ?     ? ? 
hydrog45 hydrog ?    ? C G   4  N1    ? ? ? 1_555 C C   13 N3 ? ? C G   4  C C   13 6_765 ? ? ? ? ? ? WATSON-CRICK    ?     ? ? 
hydrog46 hydrog ?    ? C G   4  N2    ? ? ? 1_555 C C   13 O2 ? ? C G   4  C C   13 6_765 ? ? ? ? ? ? WATSON-CRICK    ?     ? ? 
hydrog47 hydrog ?    ? C G   4  O6    ? ? ? 1_555 C C   13 N4 ? ? C G   4  C C   13 6_765 ? ? ? ? ? ? WATSON-CRICK    ?     ? ? 
hydrog48 hydrog ?    ? C A   5  N1    ? ? ? 1_555 C U   12 N3 ? ? C A   5  C U   12 6_765 ? ? ? ? ? ? WATSON-CRICK    ?     ? ? 
hydrog49 hydrog ?    ? C A   5  N6    ? ? ? 1_555 C U   12 O4 ? ? C A   5  C U   12 6_765 ? ? ? ? ? ? WATSON-CRICK    ?     ? ? 
hydrog50 hydrog ?    ? C A5M 6  O2    ? ? ? 1_555 C A   11 N6 ? ? C A5M 6  C A   11 6_765 ? ? ? ? ? ? 'A5M-A MISPAIR' ?     ? ? 
hydrog51 hydrog ?    ? C U   7  N3    ? ? ? 1_555 C A   10 N1 ? ? C U   7  C A   10 6_765 ? ? ? ? ? ? WATSON-CRICK    ?     ? ? 
hydrog52 hydrog ?    ? C U   7  O4    ? ? ? 1_555 C A   10 N6 ? ? C U   7  C A   10 6_765 ? ? ? ? ? ? WATSON-CRICK    ?     ? ? 
hydrog53 hydrog ?    ? C U   8  N3    ? ? ? 1_555 C A   9  N1 ? ? C U   8  C A   9  6_765 ? ? ? ? ? ? WATSON-CRICK    ?     ? ? 
hydrog54 hydrog ?    ? C U   8  O4    ? ? ? 1_555 C A   9  N6 ? ? C U   8  C A   9  6_765 ? ? ? ? ? ? WATSON-CRICK    ?     ? ? 
hydrog55 hydrog ?    ? C A   9  N1    ? ? ? 1_555 C U   8  N3 ? ? C A   9  C U   8  6_765 ? ? ? ? ? ? WATSON-CRICK    ?     ? ? 
hydrog56 hydrog ?    ? C A   9  N6    ? ? ? 1_555 C U   8  O4 ? ? C A   9  C U   8  6_765 ? ? ? ? ? ? WATSON-CRICK    ?     ? ? 
hydrog57 hydrog ?    ? C A   10 N1    ? ? ? 1_555 C U   7  N3 ? ? C A   10 C U   7  6_765 ? ? ? ? ? ? WATSON-CRICK    ?     ? ? 
hydrog58 hydrog ?    ? C A   10 N6    ? ? ? 1_555 C U   7  O4 ? ? C A   10 C U   7  6_765 ? ? ? ? ? ? WATSON-CRICK    ?     ? ? 
hydrog59 hydrog ?    ? C A   11 N6    ? ? ? 1_555 C A5M 6  O2 ? ? C A   11 C A5M 6  6_765 ? ? ? ? ? ? 'A-A5M MISPAIR' ?     ? ? 
hydrog60 hydrog ?    ? C U   12 N3    ? ? ? 1_555 C A   5  N1 ? ? C U   12 C A   5  6_765 ? ? ? ? ? ? WATSON-CRICK    ?     ? ? 
hydrog61 hydrog ?    ? C U   12 O4    ? ? ? 1_555 C A   5  N6 ? ? C U   12 C A   5  6_765 ? ? ? ? ? ? WATSON-CRICK    ?     ? ? 
hydrog62 hydrog ?    ? C C   13 N3    ? ? ? 1_555 C G   4  N1 ? ? C C   13 C G   4  6_765 ? ? ? ? ? ? WATSON-CRICK    ?     ? ? 
hydrog63 hydrog ?    ? C C   13 N4    ? ? ? 1_555 C G   4  O6 ? ? C C   13 C G   4  6_765 ? ? ? ? ? ? WATSON-CRICK    ?     ? ? 
hydrog64 hydrog ?    ? C C   13 O2    ? ? ? 1_555 C G   4  N2 ? ? C C   13 C G   4  6_765 ? ? ? ? ? ? WATSON-CRICK    ?     ? ? 
hydrog65 hydrog ?    ? C U   14 N3    ? ? ? 1_555 C A   3  N1 ? ? C U   14 C A   3  6_765 ? ? ? ? ? ? WATSON-CRICK    ?     ? ? 
hydrog66 hydrog ?    ? C U   14 O4    ? ? ? 1_555 C A   3  N6 ? ? C U   14 C A   3  6_765 ? ? ? ? ? ? WATSON-CRICK    ?     ? ? 
hydrog67 hydrog ?    ? C G   15 N1    ? ? ? 1_555 C C   2  N3 ? ? C G   15 C C   2  6_765 ? ? ? ? ? ? WATSON-CRICK    ?     ? ? 
hydrog68 hydrog ?    ? C G   15 N2    ? ? ? 1_555 C C   2  O2 ? ? C G   15 C C   2  6_765 ? ? ? ? ? ? WATSON-CRICK    ?     ? ? 
hydrog69 hydrog ?    ? C G   15 O6    ? ? ? 1_555 C C   2  N4 ? ? C G   15 C C   2  6_765 ? ? ? ? ? ? WATSON-CRICK    ?     ? ? 
hydrog70 hydrog ?    ? C C   16 N3    ? ? ? 1_555 C G   1  N1 ? ? C C   16 C G   1  6_765 ? ? ? ? ? ? WATSON-CRICK    ?     ? ? 
hydrog71 hydrog ?    ? C C   16 N4    ? ? ? 1_555 C G   1  O6 ? ? C C   16 C G   1  6_765 ? ? ? ? ? ? WATSON-CRICK    ?     ? ? 
hydrog72 hydrog ?    ? C C   16 O2    ? ? ? 1_555 C G   1  N2 ? ? C C   16 C G   1  6_765 ? ? ? ? ? ? WATSON-CRICK    ?     ? ? 
# 
loop_
_struct_conn_type.id 
_struct_conn_type.criteria 
_struct_conn_type.reference 
covale ? ? 
metalc ? ? 
hydrog ? ? 
# 
loop_
_pdbx_struct_conn_angle.id 
_pdbx_struct_conn_angle.ptnr1_label_atom_id 
_pdbx_struct_conn_angle.ptnr1_label_alt_id 
_pdbx_struct_conn_angle.ptnr1_label_asym_id 
_pdbx_struct_conn_angle.ptnr1_label_comp_id 
_pdbx_struct_conn_angle.ptnr1_label_seq_id 
_pdbx_struct_conn_angle.ptnr1_auth_atom_id 
_pdbx_struct_conn_angle.ptnr1_auth_asym_id 
_pdbx_struct_conn_angle.ptnr1_auth_comp_id 
_pdbx_struct_conn_angle.ptnr1_auth_seq_id 
_pdbx_struct_conn_angle.ptnr1_PDB_ins_code 
_pdbx_struct_conn_angle.ptnr1_symmetry 
_pdbx_struct_conn_angle.ptnr2_label_atom_id 
_pdbx_struct_conn_angle.ptnr2_label_alt_id 
_pdbx_struct_conn_angle.ptnr2_label_asym_id 
_pdbx_struct_conn_angle.ptnr2_label_comp_id 
_pdbx_struct_conn_angle.ptnr2_label_seq_id 
_pdbx_struct_conn_angle.ptnr2_auth_atom_id 
_pdbx_struct_conn_angle.ptnr2_auth_asym_id 
_pdbx_struct_conn_angle.ptnr2_auth_comp_id 
_pdbx_struct_conn_angle.ptnr2_auth_seq_id 
_pdbx_struct_conn_angle.ptnr2_PDB_ins_code 
_pdbx_struct_conn_angle.ptnr2_symmetry 
_pdbx_struct_conn_angle.ptnr3_label_atom_id 
_pdbx_struct_conn_angle.ptnr3_label_alt_id 
_pdbx_struct_conn_angle.ptnr3_label_asym_id 
_pdbx_struct_conn_angle.ptnr3_label_comp_id 
_pdbx_struct_conn_angle.ptnr3_label_seq_id 
_pdbx_struct_conn_angle.ptnr3_auth_atom_id 
_pdbx_struct_conn_angle.ptnr3_auth_asym_id 
_pdbx_struct_conn_angle.ptnr3_auth_comp_id 
_pdbx_struct_conn_angle.ptnr3_auth_seq_id 
_pdbx_struct_conn_angle.ptnr3_PDB_ins_code 
_pdbx_struct_conn_angle.ptnr3_symmetry 
_pdbx_struct_conn_angle.value 
_pdbx_struct_conn_angle.value_esd 
1 "O3'" ? A C   16 ? A C   16 ? 1_555 SR ? D SR . ? A SR 17 ? 1_555 "O2'" ? A C   16 ? A C   16 ? 1_555 62.0  ? 
2 "O3'" ? A C   16 ? A C   16 ? 1_555 SR ? D SR . ? A SR 17 ? 1_555 O     ? H HOH .  ? C HOH 18 ? 2_665 75.6  ? 
3 "O2'" ? A C   16 ? A C   16 ? 1_555 SR ? D SR . ? A SR 17 ? 1_555 O     ? H HOH .  ? C HOH 18 ? 2_665 112.1 ? 
4 O     ? H HOH .  ? C HOH 19 ? 1_555 SR ? E SR . ? C SR 17 ? 1_555 O     ? H HOH .  ? C HOH 19 ? 6_765 125.7 ? 
5 O     ? H HOH .  ? C HOH 19 ? 1_555 SR ? E SR . ? C SR 17 ? 1_555 O     ? H HOH .  ? C HOH 20 ? 1_555 71.1  ? 
6 O     ? H HOH .  ? C HOH 19 ? 6_765 SR ? E SR . ? C SR 17 ? 1_555 O     ? H HOH .  ? C HOH 20 ? 1_555 140.1 ? 
7 O     ? H HOH .  ? C HOH 19 ? 1_555 SR ? E SR . ? C SR 17 ? 1_555 O     ? H HOH .  ? C HOH 20 ? 6_765 138.2 ? 
8 O     ? H HOH .  ? C HOH 19 ? 6_765 SR ? E SR . ? C SR 17 ? 1_555 O     ? H HOH .  ? C HOH 20 ? 6_765 72.6  ? 
9 O     ? H HOH .  ? C HOH 20 ? 1_555 SR ? E SR . ? C SR 17 ? 1_555 O     ? H HOH .  ? C HOH 20 ? 6_765 121.6 ? 
# 
loop_
_struct_site.id 
_struct_site.pdbx_evidence_code 
_struct_site.pdbx_auth_asym_id 
_struct_site.pdbx_auth_comp_id 
_struct_site.pdbx_auth_seq_id 
_struct_site.pdbx_auth_ins_code 
_struct_site.pdbx_num_residues 
_struct_site.details 
AC1 Software A SR 17 ? 2 'BINDING SITE FOR RESIDUE SR A 17' 
AC2 Software C SR 17 ? 2 'BINDING SITE FOR RESIDUE SR C 17' 
# 
loop_
_struct_site_gen.id 
_struct_site_gen.site_id 
_struct_site_gen.pdbx_num_res 
_struct_site_gen.label_comp_id 
_struct_site_gen.label_asym_id 
_struct_site_gen.label_seq_id 
_struct_site_gen.pdbx_auth_ins_code 
_struct_site_gen.auth_comp_id 
_struct_site_gen.auth_asym_id 
_struct_site_gen.auth_seq_id 
_struct_site_gen.label_atom_id 
_struct_site_gen.label_alt_id 
_struct_site_gen.symmetry 
_struct_site_gen.details 
1 AC1 2 C   A 16 ? C   A 16 . ? 1_555 ? 
2 AC1 2 HOH H .  ? HOH C 18 . ? 2_665 ? 
3 AC2 2 HOH H .  ? HOH C 20 . ? 6_765 ? 
4 AC2 2 HOH H .  ? HOH C 20 . ? 1_555 ? 
# 
loop_
_pdbx_struct_mod_residue.id 
_pdbx_struct_mod_residue.label_asym_id 
_pdbx_struct_mod_residue.label_comp_id 
_pdbx_struct_mod_residue.label_seq_id 
_pdbx_struct_mod_residue.auth_asym_id 
_pdbx_struct_mod_residue.auth_comp_id 
_pdbx_struct_mod_residue.auth_seq_id 
_pdbx_struct_mod_residue.PDB_ins_code 
_pdbx_struct_mod_residue.parent_comp_id 
_pdbx_struct_mod_residue.details 
1 A A5M 6 A A5M 6 ? C "2'-AMINE-CYTIDINE-5'-MONOPHOSPHATE" 
2 B A5M 6 B A5M 6 ? C "2'-AMINE-CYTIDINE-5'-MONOPHOSPHATE" 
3 C A5M 6 C A5M 6 ? C "2'-AMINE-CYTIDINE-5'-MONOPHOSPHATE" 
# 
loop_
_pdbx_struct_special_symmetry.id 
_pdbx_struct_special_symmetry.PDB_model_num 
_pdbx_struct_special_symmetry.auth_asym_id 
_pdbx_struct_special_symmetry.auth_comp_id 
_pdbx_struct_special_symmetry.auth_seq_id 
_pdbx_struct_special_symmetry.PDB_ins_code 
_pdbx_struct_special_symmetry.label_asym_id 
_pdbx_struct_special_symmetry.label_comp_id 
_pdbx_struct_special_symmetry.label_seq_id 
1 1 C SR  17 ? E SR  . 
2 1 A HOH 51 ? F HOH . 
# 
loop_
_chem_comp_atom.comp_id 
_chem_comp_atom.atom_id 
_chem_comp_atom.type_symbol 
_chem_comp_atom.pdbx_aromatic_flag 
_chem_comp_atom.pdbx_stereo_config 
_chem_comp_atom.pdbx_ordinal 
A   OP3    O  N N 1   
A   P      P  N N 2   
A   OP1    O  N N 3   
A   OP2    O  N N 4   
A   "O5'"  O  N N 5   
A   "C5'"  C  N N 6   
A   "C4'"  C  N R 7   
A   "O4'"  O  N N 8   
A   "C3'"  C  N S 9   
A   "O3'"  O  N N 10  
A   "C2'"  C  N R 11  
A   "O2'"  O  N N 12  
A   "C1'"  C  N R 13  
A   N9     N  Y N 14  
A   C8     C  Y N 15  
A   N7     N  Y N 16  
A   C5     C  Y N 17  
A   C6     C  Y N 18  
A   N6     N  N N 19  
A   N1     N  Y N 20  
A   C2     C  Y N 21  
A   N3     N  Y N 22  
A   C4     C  Y N 23  
A   HOP3   H  N N 24  
A   HOP2   H  N N 25  
A   "H5'"  H  N N 26  
A   "H5''" H  N N 27  
A   "H4'"  H  N N 28  
A   "H3'"  H  N N 29  
A   "HO3'" H  N N 30  
A   "H2'"  H  N N 31  
A   "HO2'" H  N N 32  
A   "H1'"  H  N N 33  
A   H8     H  N N 34  
A   H61    H  N N 35  
A   H62    H  N N 36  
A   H2     H  N N 37  
A5M P      P  N N 38  
A5M OP1    O  N N 39  
A5M OP2    O  N N 40  
A5M "O5'"  O  N N 41  
A5M "C5'"  C  N N 42  
A5M "C4'"  C  N R 43  
A5M "O4'"  O  N N 44  
A5M "C1'"  C  N R 45  
A5M N1     N  N N 46  
A5M C6     C  N N 47  
A5M C2     C  N N 48  
A5M O2     O  N N 49  
A5M N3     N  N N 50  
A5M C4     C  N N 51  
A5M N4     N  N N 52  
A5M C5     C  N N 53  
A5M "C2'"  C  N R 54  
A5M "N2'"  N  N N 55  
A5M "C3'"  C  N S 56  
A5M "O3'"  O  N N 57  
A5M OP3    O  N N 58  
A5M HOP2   H  N N 59  
A5M "H5'"  H  N N 60  
A5M "H5''" H  N N 61  
A5M "H4'"  H  N N 62  
A5M "H1'"  H  N N 63  
A5M H6     H  N N 64  
A5M H41    H  N N 65  
A5M H42    H  N N 66  
A5M H5     H  N N 67  
A5M "H2'"  H  N N 68  
A5M "H'1N" H  N N 69  
A5M "H'2N" H  N N 70  
A5M "H3'"  H  N N 71  
A5M "HO3'" H  N N 72  
A5M HOP3   H  N N 73  
C   OP3    O  N N 74  
C   P      P  N N 75  
C   OP1    O  N N 76  
C   OP2    O  N N 77  
C   "O5'"  O  N N 78  
C   "C5'"  C  N N 79  
C   "C4'"  C  N R 80  
C   "O4'"  O  N N 81  
C   "C3'"  C  N S 82  
C   "O3'"  O  N N 83  
C   "C2'"  C  N R 84  
C   "O2'"  O  N N 85  
C   "C1'"  C  N R 86  
C   N1     N  N N 87  
C   C2     C  N N 88  
C   O2     O  N N 89  
C   N3     N  N N 90  
C   C4     C  N N 91  
C   N4     N  N N 92  
C   C5     C  N N 93  
C   C6     C  N N 94  
C   HOP3   H  N N 95  
C   HOP2   H  N N 96  
C   "H5'"  H  N N 97  
C   "H5''" H  N N 98  
C   "H4'"  H  N N 99  
C   "H3'"  H  N N 100 
C   "HO3'" H  N N 101 
C   "H2'"  H  N N 102 
C   "HO2'" H  N N 103 
C   "H1'"  H  N N 104 
C   H41    H  N N 105 
C   H42    H  N N 106 
C   H5     H  N N 107 
C   H6     H  N N 108 
G   OP3    O  N N 109 
G   P      P  N N 110 
G   OP1    O  N N 111 
G   OP2    O  N N 112 
G   "O5'"  O  N N 113 
G   "C5'"  C  N N 114 
G   "C4'"  C  N R 115 
G   "O4'"  O  N N 116 
G   "C3'"  C  N S 117 
G   "O3'"  O  N N 118 
G   "C2'"  C  N R 119 
G   "O2'"  O  N N 120 
G   "C1'"  C  N R 121 
G   N9     N  Y N 122 
G   C8     C  Y N 123 
G   N7     N  Y N 124 
G   C5     C  Y N 125 
G   C6     C  N N 126 
G   O6     O  N N 127 
G   N1     N  N N 128 
G   C2     C  N N 129 
G   N2     N  N N 130 
G   N3     N  N N 131 
G   C4     C  Y N 132 
G   HOP3   H  N N 133 
G   HOP2   H  N N 134 
G   "H5'"  H  N N 135 
G   "H5''" H  N N 136 
G   "H4'"  H  N N 137 
G   "H3'"  H  N N 138 
G   "HO3'" H  N N 139 
G   "H2'"  H  N N 140 
G   "HO2'" H  N N 141 
G   "H1'"  H  N N 142 
G   H8     H  N N 143 
G   H1     H  N N 144 
G   H21    H  N N 145 
G   H22    H  N N 146 
HOH O      O  N N 147 
HOH H1     H  N N 148 
HOH H2     H  N N 149 
SR  SR     SR N N 150 
U   OP3    O  N N 151 
U   P      P  N N 152 
U   OP1    O  N N 153 
U   OP2    O  N N 154 
U   "O5'"  O  N N 155 
U   "C5'"  C  N N 156 
U   "C4'"  C  N R 157 
U   "O4'"  O  N N 158 
U   "C3'"  C  N S 159 
U   "O3'"  O  N N 160 
U   "C2'"  C  N R 161 
U   "O2'"  O  N N 162 
U   "C1'"  C  N R 163 
U   N1     N  N N 164 
U   C2     C  N N 165 
U   O2     O  N N 166 
U   N3     N  N N 167 
U   C4     C  N N 168 
U   O4     O  N N 169 
U   C5     C  N N 170 
U   C6     C  N N 171 
U   HOP3   H  N N 172 
U   HOP2   H  N N 173 
U   "H5'"  H  N N 174 
U   "H5''" H  N N 175 
U   "H4'"  H  N N 176 
U   "H3'"  H  N N 177 
U   "HO3'" H  N N 178 
U   "H2'"  H  N N 179 
U   "HO2'" H  N N 180 
U   "H1'"  H  N N 181 
U   H3     H  N N 182 
U   H5     H  N N 183 
U   H6     H  N N 184 
# 
loop_
_chem_comp_bond.comp_id 
_chem_comp_bond.atom_id_1 
_chem_comp_bond.atom_id_2 
_chem_comp_bond.value_order 
_chem_comp_bond.pdbx_aromatic_flag 
_chem_comp_bond.pdbx_stereo_config 
_chem_comp_bond.pdbx_ordinal 
A   OP3   P      sing N N 1   
A   OP3   HOP3   sing N N 2   
A   P     OP1    doub N N 3   
A   P     OP2    sing N N 4   
A   P     "O5'"  sing N N 5   
A   OP2   HOP2   sing N N 6   
A   "O5'" "C5'"  sing N N 7   
A   "C5'" "C4'"  sing N N 8   
A   "C5'" "H5'"  sing N N 9   
A   "C5'" "H5''" sing N N 10  
A   "C4'" "O4'"  sing N N 11  
A   "C4'" "C3'"  sing N N 12  
A   "C4'" "H4'"  sing N N 13  
A   "O4'" "C1'"  sing N N 14  
A   "C3'" "O3'"  sing N N 15  
A   "C3'" "C2'"  sing N N 16  
A   "C3'" "H3'"  sing N N 17  
A   "O3'" "HO3'" sing N N 18  
A   "C2'" "O2'"  sing N N 19  
A   "C2'" "C1'"  sing N N 20  
A   "C2'" "H2'"  sing N N 21  
A   "O2'" "HO2'" sing N N 22  
A   "C1'" N9     sing N N 23  
A   "C1'" "H1'"  sing N N 24  
A   N9    C8     sing Y N 25  
A   N9    C4     sing Y N 26  
A   C8    N7     doub Y N 27  
A   C8    H8     sing N N 28  
A   N7    C5     sing Y N 29  
A   C5    C6     sing Y N 30  
A   C5    C4     doub Y N 31  
A   C6    N6     sing N N 32  
A   C6    N1     doub Y N 33  
A   N6    H61    sing N N 34  
A   N6    H62    sing N N 35  
A   N1    C2     sing Y N 36  
A   C2    N3     doub Y N 37  
A   C2    H2     sing N N 38  
A   N3    C4     sing Y N 39  
A5M P     OP1    doub N N 40  
A5M P     OP2    sing N N 41  
A5M P     "O5'"  sing N N 42  
A5M P     OP3    sing N N 43  
A5M OP2   HOP2   sing N N 44  
A5M "O5'" "C5'"  sing N N 45  
A5M "C5'" "C4'"  sing N N 46  
A5M "C5'" "H5'"  sing N N 47  
A5M "C5'" "H5''" sing N N 48  
A5M "C4'" "O4'"  sing N N 49  
A5M "C4'" "C3'"  sing N N 50  
A5M "C4'" "H4'"  sing N N 51  
A5M "O4'" "C1'"  sing N N 52  
A5M "C1'" N1     sing N N 53  
A5M "C1'" "C2'"  sing N N 54  
A5M "C1'" "H1'"  sing N N 55  
A5M N1    C6     sing N N 56  
A5M N1    C2     sing N N 57  
A5M C6    C5     doub N N 58  
A5M C6    H6     sing N N 59  
A5M C2    O2     doub N N 60  
A5M C2    N3     sing N N 61  
A5M N3    C4     doub N N 62  
A5M C4    N4     sing N N 63  
A5M C4    C5     sing N N 64  
A5M N4    H41    sing N N 65  
A5M N4    H42    sing N N 66  
A5M C5    H5     sing N N 67  
A5M "C2'" "N2'"  sing N N 68  
A5M "C2'" "C3'"  sing N N 69  
A5M "C2'" "H2'"  sing N N 70  
A5M "N2'" "H'1N" sing N N 71  
A5M "N2'" "H'2N" sing N N 72  
A5M "C3'" "O3'"  sing N N 73  
A5M "C3'" "H3'"  sing N N 74  
A5M "O3'" "HO3'" sing N N 75  
A5M OP3   HOP3   sing N N 76  
C   OP3   P      sing N N 77  
C   OP3   HOP3   sing N N 78  
C   P     OP1    doub N N 79  
C   P     OP2    sing N N 80  
C   P     "O5'"  sing N N 81  
C   OP2   HOP2   sing N N 82  
C   "O5'" "C5'"  sing N N 83  
C   "C5'" "C4'"  sing N N 84  
C   "C5'" "H5'"  sing N N 85  
C   "C5'" "H5''" sing N N 86  
C   "C4'" "O4'"  sing N N 87  
C   "C4'" "C3'"  sing N N 88  
C   "C4'" "H4'"  sing N N 89  
C   "O4'" "C1'"  sing N N 90  
C   "C3'" "O3'"  sing N N 91  
C   "C3'" "C2'"  sing N N 92  
C   "C3'" "H3'"  sing N N 93  
C   "O3'" "HO3'" sing N N 94  
C   "C2'" "O2'"  sing N N 95  
C   "C2'" "C1'"  sing N N 96  
C   "C2'" "H2'"  sing N N 97  
C   "O2'" "HO2'" sing N N 98  
C   "C1'" N1     sing N N 99  
C   "C1'" "H1'"  sing N N 100 
C   N1    C2     sing N N 101 
C   N1    C6     sing N N 102 
C   C2    O2     doub N N 103 
C   C2    N3     sing N N 104 
C   N3    C4     doub N N 105 
C   C4    N4     sing N N 106 
C   C4    C5     sing N N 107 
C   N4    H41    sing N N 108 
C   N4    H42    sing N N 109 
C   C5    C6     doub N N 110 
C   C5    H5     sing N N 111 
C   C6    H6     sing N N 112 
G   OP3   P      sing N N 113 
G   OP3   HOP3   sing N N 114 
G   P     OP1    doub N N 115 
G   P     OP2    sing N N 116 
G   P     "O5'"  sing N N 117 
G   OP2   HOP2   sing N N 118 
G   "O5'" "C5'"  sing N N 119 
G   "C5'" "C4'"  sing N N 120 
G   "C5'" "H5'"  sing N N 121 
G   "C5'" "H5''" sing N N 122 
G   "C4'" "O4'"  sing N N 123 
G   "C4'" "C3'"  sing N N 124 
G   "C4'" "H4'"  sing N N 125 
G   "O4'" "C1'"  sing N N 126 
G   "C3'" "O3'"  sing N N 127 
G   "C3'" "C2'"  sing N N 128 
G   "C3'" "H3'"  sing N N 129 
G   "O3'" "HO3'" sing N N 130 
G   "C2'" "O2'"  sing N N 131 
G   "C2'" "C1'"  sing N N 132 
G   "C2'" "H2'"  sing N N 133 
G   "O2'" "HO2'" sing N N 134 
G   "C1'" N9     sing N N 135 
G   "C1'" "H1'"  sing N N 136 
G   N9    C8     sing Y N 137 
G   N9    C4     sing Y N 138 
G   C8    N7     doub Y N 139 
G   C8    H8     sing N N 140 
G   N7    C5     sing Y N 141 
G   C5    C6     sing N N 142 
G   C5    C4     doub Y N 143 
G   C6    O6     doub N N 144 
G   C6    N1     sing N N 145 
G   N1    C2     sing N N 146 
G   N1    H1     sing N N 147 
G   C2    N2     sing N N 148 
G   C2    N3     doub N N 149 
G   N2    H21    sing N N 150 
G   N2    H22    sing N N 151 
G   N3    C4     sing N N 152 
HOH O     H1     sing N N 153 
HOH O     H2     sing N N 154 
U   OP3   P      sing N N 155 
U   OP3   HOP3   sing N N 156 
U   P     OP1    doub N N 157 
U   P     OP2    sing N N 158 
U   P     "O5'"  sing N N 159 
U   OP2   HOP2   sing N N 160 
U   "O5'" "C5'"  sing N N 161 
U   "C5'" "C4'"  sing N N 162 
U   "C5'" "H5'"  sing N N 163 
U   "C5'" "H5''" sing N N 164 
U   "C4'" "O4'"  sing N N 165 
U   "C4'" "C3'"  sing N N 166 
U   "C4'" "H4'"  sing N N 167 
U   "O4'" "C1'"  sing N N 168 
U   "C3'" "O3'"  sing N N 169 
U   "C3'" "C2'"  sing N N 170 
U   "C3'" "H3'"  sing N N 171 
U   "O3'" "HO3'" sing N N 172 
U   "C2'" "O2'"  sing N N 173 
U   "C2'" "C1'"  sing N N 174 
U   "C2'" "H2'"  sing N N 175 
U   "O2'" "HO2'" sing N N 176 
U   "C1'" N1     sing N N 177 
U   "C1'" "H1'"  sing N N 178 
U   N1    C2     sing N N 179 
U   N1    C6     sing N N 180 
U   C2    O2     doub N N 181 
U   C2    N3     sing N N 182 
U   N3    C4     sing N N 183 
U   N3    H3     sing N N 184 
U   C4    O4     doub N N 185 
U   C4    C5     sing N N 186 
U   C5    C6     doub N N 187 
U   C5    H5     sing N N 188 
U   C6    H6     sing N N 189 
# 
loop_
_ndb_struct_conf_na.entry_id 
_ndb_struct_conf_na.feature 
1YRM 'a-form double helix'  
1YRM 'mismatched base pair' 
# 
loop_
_ndb_struct_na_base_pair.model_number 
_ndb_struct_na_base_pair.i_label_asym_id 
_ndb_struct_na_base_pair.i_label_comp_id 
_ndb_struct_na_base_pair.i_label_seq_id 
_ndb_struct_na_base_pair.i_symmetry 
_ndb_struct_na_base_pair.j_label_asym_id 
_ndb_struct_na_base_pair.j_label_comp_id 
_ndb_struct_na_base_pair.j_label_seq_id 
_ndb_struct_na_base_pair.j_symmetry 
_ndb_struct_na_base_pair.shear 
_ndb_struct_na_base_pair.stretch 
_ndb_struct_na_base_pair.stagger 
_ndb_struct_na_base_pair.buckle 
_ndb_struct_na_base_pair.propeller 
_ndb_struct_na_base_pair.opening 
_ndb_struct_na_base_pair.pair_number 
_ndb_struct_na_base_pair.pair_name 
_ndb_struct_na_base_pair.i_auth_asym_id 
_ndb_struct_na_base_pair.i_auth_seq_id 
_ndb_struct_na_base_pair.i_PDB_ins_code 
_ndb_struct_na_base_pair.j_auth_asym_id 
_ndb_struct_na_base_pair.j_auth_seq_id 
_ndb_struct_na_base_pair.j_PDB_ins_code 
_ndb_struct_na_base_pair.hbond_type_28 
_ndb_struct_na_base_pair.hbond_type_12 
1 A G   1  1_555 B C   16 1_555 -0.580 -0.054 -0.175 -1.639 -18.527 -0.707 1  A_G1:C16_B   A 1  ? B 16 ? 19 1 
1 A C   2  1_555 B G   15 1_555 -0.005 -0.118 0.019  4.828  -15.341 0.932  2  A_C2:G15_B   A 2  ? B 15 ? 19 1 
1 A A   3  1_555 B U   14 1_555 0.601  -0.283 0.570  10.329 -16.233 2.707  3  A_A3:U14_B   A 3  ? B 14 ? 20 1 
1 A G   4  1_555 B C   13 1_555 -0.572 -0.157 0.205  -0.021 -19.853 5.887  4  A_G4:C13_B   A 4  ? B 13 ? 19 1 
1 A A   5  1_555 B U   12 1_555 -0.493 -0.206 0.174  -3.430 -13.999 7.812  5  A_A5:U12_B   A 5  ? B 12 ? 20 1 
1 A A5M 6  1_555 B A   11 1_555 2.451  -0.316 0.318  1.913  -18.805 12.007 6  A_A5M6:A11_B A 6  ? B 11 ? ?  1 
1 A U   7  1_555 B A   10 1_555 0.114  -0.267 -0.043 1.918  -12.122 0.581  7  A_U7:A10_B   A 7  ? B 10 ? 20 1 
1 A U   8  1_555 B A   9  1_555 -0.314 -0.130 0.075  4.970  -16.218 6.620  8  A_U8:A9_B    A 8  ? B 9  ? 20 1 
1 A A   9  1_555 B U   8  1_555 -0.352 -0.068 -0.014 -4.773 -10.307 2.361  9  A_A9:U8_B    A 9  ? B 8  ? 20 1 
1 A A   10 1_555 B U   7  1_555 -0.136 -0.299 -0.059 -4.052 -11.458 3.707  10 A_A10:U7_B   A 10 ? B 7  ? 20 1 
1 A A   11 1_555 B A5M 6  1_555 -2.541 -0.262 0.444  4.736  -16.481 13.915 11 A_A11:A5M6_B A 11 ? B 6  ? ?  1 
1 A U   12 1_555 B A   5  1_555 0.024  -0.259 0.295  6.518  -9.850  -0.687 12 A_U12:A5_B   A 12 ? B 5  ? 20 1 
1 A C   13 1_555 B G   4  1_555 0.111  -0.064 0.180  8.173  -20.316 2.068  13 A_C13:G4_B   A 13 ? B 4  ? 19 1 
1 A U   14 1_555 B A   3  1_555 -0.214 -0.109 0.015  6.638  -15.369 4.173  14 A_U14:A3_B   A 14 ? B 3  ? 20 1 
1 A G   15 1_555 B C   2  1_555 -0.421 -0.035 0.306  5.660  -16.301 4.315  15 A_G15:C2_B   A 15 ? B 2  ? 19 1 
1 A C   16 1_555 B G   1  1_555 0.350  -0.211 0.048  4.065  -4.658  -0.879 16 A_C16:G1_B   A 16 ? B 1  ? 19 1 
1 C G   1  1_555 C C   16 6_765 -0.614 -0.020 0.116  -2.777 -8.214  3.758  17 C_G1:C16_C   C 1  ? C 16 ? 19 1 
1 C C   2  1_555 C G   15 6_765 0.112  -0.014 -0.446 5.843  -13.475 1.095  18 C_C2:G15_C   C 2  ? C 15 ? 19 1 
1 C A   3  1_555 C U   14 6_765 -0.043 -0.151 0.034  -0.954 -4.332  2.939  19 C_A3:U14_C   C 3  ? C 14 ? 20 1 
1 C G   4  1_555 C C   13 6_765 -0.345 -0.184 -0.113 -0.213 -11.144 -3.181 20 C_G4:C13_C   C 4  ? C 13 ? 19 1 
1 C A   5  1_555 C U   12 6_765 -0.125 -0.260 0.243  -2.824 -12.885 0.762  21 C_A5:U12_C   C 5  ? C 12 ? 20 1 
1 C A5M 6  1_555 C A   11 6_765 2.797  -0.506 0.057  -4.668 -12.605 3.580  22 C_A5M6:A11_C C 6  ? C 11 ? ?  1 
1 C U   7  1_555 C A   10 6_765 0.356  -0.125 -0.098 -0.934 -14.480 0.726  23 C_U7:A10_C   C 7  ? C 10 ? 20 1 
1 C U   8  1_555 C A   9  6_765 0.342  -0.126 0.024  2.707  -18.048 6.007  24 C_U8:A9_C    C 8  ? C 9  ? 20 1 
1 C A   9  1_555 C U   8  6_765 -0.342 -0.126 0.024  -2.707 -18.048 6.007  25 C_A9:U8_C    C 9  ? C 8  ? 20 1 
1 C A   10 1_555 C U   7  6_765 -0.356 -0.125 -0.098 0.934  -14.480 0.726  26 C_A10:U7_C   C 10 ? C 7  ? 20 1 
1 C A   11 1_555 C A5M 6  6_765 -2.797 -0.506 0.057  4.668  -12.605 3.580  27 C_A11:A5M6_C C 11 ? C 6  ? ?  1 
1 C U   12 1_555 C A   5  6_765 0.125  -0.260 0.243  2.824  -12.885 0.762  28 C_U12:A5_C   C 12 ? C 5  ? 20 1 
1 C C   13 1_555 C G   4  6_765 0.345  -0.184 -0.113 0.213  -11.144 -3.181 29 C_C13:G4_C   C 13 ? C 4  ? 19 1 
1 C U   14 1_555 C A   3  6_765 0.043  -0.151 0.034  0.954  -4.332  2.939  30 C_U14:A3_C   C 14 ? C 3  ? 20 1 
1 C G   15 1_555 C C   2  6_765 -0.112 -0.014 -0.446 -5.843 -13.475 1.095  31 C_G15:C2_C   C 15 ? C 2  ? 19 1 
1 C C   16 1_555 C G   1  6_765 0.614  -0.020 0.116  2.777  -8.214  3.758  32 C_C16:G1_C   C 16 ? C 1  ? 19 1 
# 
loop_
_ndb_struct_na_base_pair_step.model_number 
_ndb_struct_na_base_pair_step.i_label_asym_id_1 
_ndb_struct_na_base_pair_step.i_label_comp_id_1 
_ndb_struct_na_base_pair_step.i_label_seq_id_1 
_ndb_struct_na_base_pair_step.i_symmetry_1 
_ndb_struct_na_base_pair_step.j_label_asym_id_1 
_ndb_struct_na_base_pair_step.j_label_comp_id_1 
_ndb_struct_na_base_pair_step.j_label_seq_id_1 
_ndb_struct_na_base_pair_step.j_symmetry_1 
_ndb_struct_na_base_pair_step.i_label_asym_id_2 
_ndb_struct_na_base_pair_step.i_label_comp_id_2 
_ndb_struct_na_base_pair_step.i_label_seq_id_2 
_ndb_struct_na_base_pair_step.i_symmetry_2 
_ndb_struct_na_base_pair_step.j_label_asym_id_2 
_ndb_struct_na_base_pair_step.j_label_comp_id_2 
_ndb_struct_na_base_pair_step.j_label_seq_id_2 
_ndb_struct_na_base_pair_step.j_symmetry_2 
_ndb_struct_na_base_pair_step.shift 
_ndb_struct_na_base_pair_step.slide 
_ndb_struct_na_base_pair_step.rise 
_ndb_struct_na_base_pair_step.tilt 
_ndb_struct_na_base_pair_step.roll 
_ndb_struct_na_base_pair_step.twist 
_ndb_struct_na_base_pair_step.x_displacement 
_ndb_struct_na_base_pair_step.y_displacement 
_ndb_struct_na_base_pair_step.helical_rise 
_ndb_struct_na_base_pair_step.inclination 
_ndb_struct_na_base_pair_step.tip 
_ndb_struct_na_base_pair_step.helical_twist 
_ndb_struct_na_base_pair_step.step_number 
_ndb_struct_na_base_pair_step.step_name 
_ndb_struct_na_base_pair_step.i_auth_asym_id_1 
_ndb_struct_na_base_pair_step.i_auth_seq_id_1 
_ndb_struct_na_base_pair_step.i_PDB_ins_code_1 
_ndb_struct_na_base_pair_step.j_auth_asym_id_1 
_ndb_struct_na_base_pair_step.j_auth_seq_id_1 
_ndb_struct_na_base_pair_step.j_PDB_ins_code_1 
_ndb_struct_na_base_pair_step.i_auth_asym_id_2 
_ndb_struct_na_base_pair_step.i_auth_seq_id_2 
_ndb_struct_na_base_pair_step.i_PDB_ins_code_2 
_ndb_struct_na_base_pair_step.j_auth_asym_id_2 
_ndb_struct_na_base_pair_step.j_auth_seq_id_2 
_ndb_struct_na_base_pair_step.j_PDB_ins_code_2 
1 A G   1  1_555 B C   16 1_555 A C   2  1_555 B G   15 1_555 -0.422 -1.395 3.098 -4.042 -0.516 34.499 -2.261 0.115  3.146 -0.866 
6.786  34.731 1  AA_G1C2:G15C16_BB   A 1  ? B 16 ? A 2  ? B 15 ? 
1 A C   2  1_555 B G   15 1_555 A A   3  1_555 B U   14 1_555 -0.236 -1.424 2.986 -2.993 7.014  34.102 -3.301 -0.003 2.660 11.778 
5.025  34.919 2  AA_C2A3:U14G15_BB   A 2  ? B 15 ? A 3  ? B 14 ? 
1 A A   3  1_555 B U   14 1_555 A G   4  1_555 B C   13 1_555 0.914  -1.074 3.428 4.726  12.018 26.582 -4.685 -0.782 2.810 24.392 
-9.593 29.501 3  AA_A3G4:C13U14_BB   A 3  ? B 14 ? A 4  ? B 13 ? 
1 A G   4  1_555 B C   13 1_555 A A   5  1_555 B U   12 1_555 0.422  -1.741 3.184 -0.726 7.725  30.856 -4.463 -0.892 2.670 14.237 
1.339  31.793 4  AA_G4A5:U12C13_BB   A 4  ? B 13 ? A 5  ? B 12 ? 
1 A A   5  1_555 B U   12 1_555 A A5M 6  1_555 B A   11 1_555 0.190  -0.965 3.123 0.813  6.184  42.123 -1.913 -0.185 2.962 8.547  
-1.123 42.562 5  AA_A5A5M6:A11U12_BB A 5  ? B 12 ? A 6  ? B 11 ? 
1 A A5M 6  1_555 B A   11 1_555 A U   7  1_555 B A   10 1_555 -2.083 -1.784 3.217 -1.093 12.476 16.762 -9.317 5.358  1.636 36.833 
3.227  20.897 6  AA_A5M6U7:A10A11_BB A 6  ? B 11 ? A 7  ? B 10 ? 
1 A U   7  1_555 B A   10 1_555 A U   8  1_555 B A   9  1_555 0.970  -1.289 3.108 -0.739 10.248 30.864 -3.895 -1.848 2.538 18.619 
1.342  32.490 7  AA_U7U8:A9A10_BB    A 7  ? B 10 ? A 8  ? B 9  ? 
1 A U   8  1_555 B A   9  1_555 A A   9  1_555 B U   8  1_555 -0.170 -1.446 3.120 -0.110 19.323 32.260 -4.384 0.252  1.973 31.500 
0.179  37.472 8  AA_U8A9:U8A9_BB     A 8  ? B 9  ? A 9  ? B 8  ? 
1 A A   9  1_555 B U   8  1_555 A A   10 1_555 B U   7  1_555 0.075  -1.480 3.384 1.221  2.623  34.182 -2.928 0.068  3.265 4.453  
-2.072 34.301 9  AA_A9A10:U7U8_BB    A 9  ? B 8  ? A 10 ? B 7  ? 
1 A A   10 1_555 B U   7  1_555 A A   11 1_555 B A5M 6  1_555 0.577  -1.908 2.768 -2.881 7.032  16.493 -8.900 -2.997 1.692 22.991 
9.418  18.148 10 AA_A10A11:A5M6U7_BB A 10 ? B 7  ? A 11 ? B 6  ? 
1 A A   11 1_555 B A5M 6  1_555 A U   12 1_555 B A   5  1_555 -0.512 -1.058 3.288 -2.897 4.776  41.582 -1.971 0.416  3.179 6.691  
4.059  41.939 11 AA_A11U12:A5A5M6_BB A 11 ? B 6  ? A 12 ? B 5  ? 
1 A U   12 1_555 B A   5  1_555 A C   13 1_555 B G   4  1_555 -0.404 -1.713 3.113 -1.526 9.007  32.557 -4.240 0.476  2.577 15.684 
2.657  33.781 12 AA_U12C13:G4A5_BB   A 12 ? B 5  ? A 13 ? B 4  ? 
1 A C   13 1_555 B G   4  1_555 A U   14 1_555 B A   3  1_555 -0.207 -1.442 3.174 -0.167 13.779 28.418 -4.901 0.354  2.253 26.208 
0.317  31.520 13 AA_C13U14:A3G4_BB   A 13 ? B 4  ? A 14 ? B 3  ? 
1 A U   14 1_555 B A   3  1_555 A G   15 1_555 B C   2  1_555 0.066  -1.266 3.177 -1.836 12.207 32.804 -3.773 -0.360 2.551 20.723 
3.116  34.990 14 AA_U14G15:C2A3_BB   A 14 ? B 3  ? A 15 ? B 2  ? 
1 A G   15 1_555 B C   2  1_555 A C   16 1_555 B G   1  1_555 0.213  -1.183 3.190 2.815  7.130  39.430 -2.492 -0.006 2.949 10.447 
-4.124 40.139 15 AA_G15C16:G1C2_BB   A 15 ? B 2  ? A 16 ? B 1  ? 
1 C G   1  1_555 C C   16 6_765 C C   2  1_555 C G   15 6_765 -0.477 -1.442 3.092 3.892  3.292  34.892 -2.830 1.317  2.880 5.454  
-6.448 35.251 16 CC_G1C2:G15C16_CC   C 1  ? C 16 ? C 2  ? C 15 ? 
1 C C   2  1_555 C G   15 6_765 C A   3  1_555 C U   14 6_765 0.366  -1.525 3.406 -3.233 11.053 31.932 -4.326 -1.128 2.696 19.322 
5.651  33.894 17 CC_C2A3:U14G15_CC   C 2  ? C 15 ? C 3  ? C 14 ? 
1 C A   3  1_555 C U   14 6_765 C G   4  1_555 C C   13 6_765 -0.286 -1.442 3.204 0.290  9.226  29.425 -4.361 0.589  2.639 17.624 
-0.555 30.809 18 CC_A3G4:C13U14_CC   C 3  ? C 14 ? C 4  ? C 13 ? 
1 C G   4  1_555 C C   13 6_765 C A   5  1_555 C U   12 6_765 0.046  -1.849 3.252 -2.635 11.044 33.476 -4.534 -0.430 2.524 18.524 
4.419  35.297 19 CC_G4A5:U12C13_CC   C 4  ? C 13 ? C 5  ? C 12 ? 
1 C A   5  1_555 C U   12 6_765 C A5M 6  1_555 C A   11 6_765 0.297  -1.210 3.340 4.590  11.818 43.053 -2.643 0.020  2.941 15.701 
-6.098 44.796 20 CC_A5A5M6:A11U12_CC C 5  ? C 12 ? C 6  ? C 11 ? 
1 C A5M 6  1_555 C A   11 6_765 C U   7  1_555 C A   10 6_765 -0.321 -1.685 2.884 3.105  11.074 21.172 -6.721 1.522  1.734 27.663 
-7.758 24.063 21 CC_A5M6U7:A10A11_CC C 6  ? C 11 ? C 7  ? C 10 ? 
1 C U   7  1_555 C A   10 6_765 C U   8  1_555 C A   9  6_765 0.294  -1.297 3.190 -0.265 7.412  30.856 -3.641 -0.584 2.808 13.683 
0.489  31.713 22 CC_U7U8:A9A10_CC    C 7  ? C 10 ? C 8  ? C 9  ? 
1 C U   8  1_555 C A   9  6_765 C A   9  1_555 C U   8  6_765 0.000  -1.265 3.181 0.000  16.109 31.424 -4.215 0.000  2.284 27.590 
0.000  35.220 23 CC_U8A9:U8A9_CC     C 8  ? C 9  ? C 9  ? C 8  ? 
1 C A   9  1_555 C U   8  6_765 C A   10 1_555 C U   7  6_765 -0.294 -1.297 3.190 0.265  7.412  30.856 -3.641 0.584  2.808 13.683 
-0.489 31.713 24 CC_A9A10:U7U8_CC    C 9  ? C 8  ? C 10 ? C 7  ? 
1 C A   10 1_555 C U   7  6_765 C A   11 1_555 C A5M 6  6_765 0.321  -1.685 2.884 -3.105 11.074 21.172 -6.721 -1.522 1.734 27.663 
7.758  24.063 25 CC_A10A11:A5M6U7_CC C 10 ? C 7  ? C 11 ? C 6  ? 
1 C A   11 1_555 C A5M 6  6_765 C U   12 1_555 C A   5  6_765 -0.297 -1.210 3.340 -4.590 11.818 43.053 -2.643 -0.020 2.941 15.701 
6.098  44.796 26 CC_A11U12:A5A5M6_CC C 11 ? C 6  ? C 12 ? C 5  ? 
1 C U   12 1_555 C A   5  6_765 C C   13 1_555 C G   4  6_765 -0.046 -1.849 3.252 2.635  11.044 33.476 -4.534 0.430  2.524 18.524 
-4.419 35.297 27 CC_U12C13:G4A5_CC   C 12 ? C 5  ? C 13 ? C 4  ? 
1 C C   13 1_555 C G   4  6_765 C U   14 1_555 C A   3  6_765 0.286  -1.442 3.204 -0.290 9.226  29.425 -4.361 -0.589 2.639 17.624 
0.555  30.809 28 CC_C13U14:A3G4_CC   C 13 ? C 4  ? C 14 ? C 3  ? 
1 C U   14 1_555 C A   3  6_765 C G   15 1_555 C C   2  6_765 -0.366 -1.525 3.406 3.233  11.053 31.932 -4.326 1.128  2.696 19.322 
-5.651 33.894 29 CC_U14G15:C2A3_CC   C 14 ? C 3  ? C 15 ? C 2  ? 
1 C G   15 1_555 C C   2  6_765 C C   16 1_555 C G   1  6_765 0.477  -1.442 3.092 -3.892 3.292  34.892 -2.830 -1.317 2.880 5.454  
6.448  35.251 30 CC_G15C16:G1C2_CC   C 15 ? C 2  ? C 16 ? C 1  ? 
# 
_pdbx_initial_refinement_model.accession_code   405D 
_pdbx_initial_refinement_model.id               1 
_pdbx_initial_refinement_model.entity_id_list   ? 
_pdbx_initial_refinement_model.type             'experimental model' 
_pdbx_initial_refinement_model.source_name      PDB 
_pdbx_initial_refinement_model.details          'NDB ENTRY AR0002' 
# 
_atom_sites.entry_id                    1YRM 
_atom_sites.fract_transf_matrix[1][1]   -0.01207780 
_atom_sites.fract_transf_matrix[1][2]   -0.00931286 
_atom_sites.fract_transf_matrix[1][3]   -0.02210256 
_atom_sites.fract_transf_matrix[2][1]   0.01429899 
_atom_sites.fract_transf_matrix[2][2]   -0.01298756 
_atom_sites.fract_transf_matrix[2][3]   -0.01865475 
_atom_sites.fract_transf_matrix[3][1]   -0.00148132 
_atom_sites.fract_transf_matrix[3][2]   -0.00707597 
_atom_sites.fract_transf_matrix[3][3]   0.00379090 
_atom_sites.fract_transf_vector[1]      0.537801 
_atom_sites.fract_transf_vector[2]      0.778817 
_atom_sites.fract_transf_vector[3]      0.365802 
# 
loop_
_atom_type.symbol 
C  
N  
O  
P  
SR 
# 
loop_
_atom_site.group_PDB 
_atom_site.id 
_atom_site.type_symbol 
_atom_site.label_atom_id 
_atom_site.label_alt_id 
_atom_site.label_comp_id 
_atom_site.label_asym_id 
_atom_site.label_entity_id 
_atom_site.label_seq_id 
_atom_site.pdbx_PDB_ins_code 
_atom_site.Cartn_x 
_atom_site.Cartn_y 
_atom_site.Cartn_z 
_atom_site.occupancy 
_atom_site.B_iso_or_equiv 
_atom_site.pdbx_formal_charge 
_atom_site.auth_seq_id 
_atom_site.auth_comp_id 
_atom_site.auth_asym_id 
_atom_site.auth_atom_id 
_atom_site.pdbx_PDB_model_num 
ATOM   1    O  "O5'" . G   A 1 1  ? -1.737  5.719   0.504   1.00 59.95 ? 1  G   A "O5'" 1 
ATOM   2    C  "C5'" . G   A 1 1  ? -2.442  5.044   -0.537  1.00 60.12 ? 1  G   A "C5'" 1 
ATOM   3    C  "C4'" . G   A 1 1  ? -1.555  4.766   -1.726  1.00 60.23 ? 1  G   A "C4'" 1 
ATOM   4    O  "O4'" . G   A 1 1  ? -0.844  5.978   -2.074  1.00 59.88 ? 1  G   A "O4'" 1 
ATOM   5    C  "C3'" . G   A 1 1  ? -0.462  3.736   -1.502  1.00 60.68 ? 1  G   A "C3'" 1 
ATOM   6    O  "O3'" . G   A 1 1  ? -0.968  2.433   -1.768  1.00 61.89 ? 1  G   A "O3'" 1 
ATOM   7    C  "C2'" . G   A 1 1  ? 0.575   4.137   -2.538  1.00 60.14 ? 1  G   A "C2'" 1 
ATOM   8    O  "O2'" . G   A 1 1  ? 0.227   3.687   -3.830  1.00 60.14 ? 1  G   A "O2'" 1 
ATOM   9    C  "C1'" . G   A 1 1  ? 0.463   5.659   -2.504  1.00 59.59 ? 1  G   A "C1'" 1 
ATOM   10   N  N9    . G   A 1 1  ? 1.392   6.318   -1.598  1.00 58.85 ? 1  G   A N9    1 
ATOM   11   C  C8    . G   A 1 1  ? 1.074   6.953   -0.429  1.00 58.63 ? 1  G   A C8    1 
ATOM   12   N  N7    . G   A 1 1  ? 2.102   7.501   0.152   1.00 58.56 ? 1  G   A N7    1 
ATOM   13   C  C5    . G   A 1 1  ? 3.167   7.198   -0.679  1.00 58.36 ? 1  G   A C5    1 
ATOM   14   C  C6    . G   A 1 1  ? 4.534   7.540   -0.572  1.00 58.41 ? 1  G   A C6    1 
ATOM   15   O  O6    . G   A 1 1  ? 5.099   8.208   0.312   1.00 58.23 ? 1  G   A O6    1 
ATOM   16   N  N1    . G   A 1 1  ? 5.271   7.031   -1.635  1.00 58.32 ? 1  G   A N1    1 
ATOM   17   C  C2    . G   A 1 1  ? 4.755   6.294   -2.669  1.00 58.27 ? 1  G   A C2    1 
ATOM   18   N  N2    . G   A 1 1  ? 5.628   5.912   -3.611  1.00 58.31 ? 1  G   A N2    1 
ATOM   19   N  N3    . G   A 1 1  ? 3.479   5.965   -2.776  1.00 58.27 ? 1  G   A N3    1 
ATOM   20   C  C4    . G   A 1 1  ? 2.748   6.452   -1.757  1.00 58.45 ? 1  G   A C4    1 
ATOM   21   P  P     . C   A 1 2  ? -0.311  1.156   -1.042  1.00 62.95 ? 2  C   A P     1 
ATOM   22   O  OP1   . C   A 1 2  ? -1.065  -0.039  -1.518  1.00 62.73 ? 2  C   A OP1   1 
ATOM   23   O  OP2   . C   A 1 2  ? -0.225  1.441   0.421   1.00 62.82 ? 2  C   A OP2   1 
ATOM   24   O  "O5'" . C   A 1 2  ? 1.170   1.088   -1.632  1.00 63.36 ? 2  C   A "O5'" 1 
ATOM   25   C  "C5'" . C   A 1 2  ? 1.393   0.683   -2.975  1.00 64.42 ? 2  C   A "C5'" 1 
ATOM   26   C  "C4'" . C   A 1 2  ? 2.865   0.707   -3.293  1.00 65.25 ? 2  C   A "C4'" 1 
ATOM   27   O  "O4'" . C   A 1 2  ? 3.357   2.071   -3.213  1.00 65.59 ? 2  C   A "O4'" 1 
ATOM   28   C  "C3'" . C   A 1 2  ? 3.755   -0.036  -2.318  1.00 65.69 ? 2  C   A "C3'" 1 
ATOM   29   O  "O3'" . C   A 1 2  ? 3.788   -1.428  -2.573  1.00 66.07 ? 2  C   A "O3'" 1 
ATOM   30   C  "C2'" . C   A 1 2  ? 5.108   0.599   -2.584  1.00 65.76 ? 2  C   A "C2'" 1 
ATOM   31   O  "O2'" . C   A 1 2  ? 5.705   0.096   -3.761  1.00 65.67 ? 2  C   A "O2'" 1 
ATOM   32   C  "C1'" . C   A 1 2  ? 4.712   2.061   -2.779  1.00 65.90 ? 2  C   A "C1'" 1 
ATOM   33   N  N1    . C   A 1 2  ? 4.824   2.864   -1.544  1.00 66.12 ? 2  C   A N1    1 
ATOM   34   C  C2    . C   A 1 2  ? 6.076   3.415   -1.207  1.00 66.33 ? 2  C   A C2    1 
ATOM   35   O  O2    . C   A 1 2  ? 7.056   3.166   -1.925  1.00 66.59 ? 2  C   A O2    1 
ATOM   36   N  N3    . C   A 1 2  ? 6.182   4.195   -0.107  1.00 66.25 ? 2  C   A N3    1 
ATOM   37   C  C4    . C   A 1 2  ? 5.111   4.423   0.653   1.00 66.12 ? 2  C   A C4    1 
ATOM   38   N  N4    . C   A 1 2  ? 5.263   5.213   1.711   1.00 66.02 ? 2  C   A N4    1 
ATOM   39   C  C5    . C   A 1 2  ? 3.836   3.852   0.355   1.00 66.06 ? 2  C   A C5    1 
ATOM   40   C  C6    . C   A 1 2  ? 3.738   3.086   -0.743  1.00 66.07 ? 2  C   A C6    1 
ATOM   41   P  P     . A   A 1 3  ? 4.309   -2.421  -1.421  1.00 66.56 ? 3  A   A P     1 
ATOM   42   O  OP1   . A   A 1 3  ? 4.310   -3.786  -2.005  1.00 66.73 ? 3  A   A OP1   1 
ATOM   43   O  OP2   . A   A 1 3  ? 3.539   -2.165  -0.176  1.00 66.63 ? 3  A   A OP2   1 
ATOM   44   O  "O5'" . A   A 1 3  ? 5.818   -1.965  -1.189  1.00 66.45 ? 3  A   A "O5'" 1 
ATOM   45   C  "C5'" . A   A 1 3  ? 6.801   -2.212  -2.186  1.00 66.39 ? 3  A   A "C5'" 1 
ATOM   46   C  "C4'" . A   A 1 3  ? 8.182   -1.961  -1.638  1.00 66.47 ? 3  A   A "C4'" 1 
ATOM   47   O  "O4'" . A   A 1 3  ? 8.428   -0.532  -1.523  1.00 66.61 ? 3  A   A "O4'" 1 
ATOM   48   C  "C3'" . A   A 1 3  ? 8.426   -2.476  -0.235  1.00 66.39 ? 3  A   A "C3'" 1 
ATOM   49   O  "O3'" . A   A 1 3  ? 8.653   -3.876  -0.200  1.00 65.96 ? 3  A   A "O3'" 1 
ATOM   50   C  "C2'" . A   A 1 3  ? 9.631   -1.647  0.179   1.00 66.49 ? 3  A   A "C2'" 1 
ATOM   51   O  "O2'" . A   A 1 3  ? 10.836  -2.071  -0.430  1.00 66.39 ? 3  A   A "O2'" 1 
ATOM   52   C  "C1'" . A   A 1 3  ? 9.235   -0.279  -0.380  1.00 66.67 ? 3  A   A "C1'" 1 
ATOM   53   N  N9    . A   A 1 3  ? 8.443   0.489   0.585   1.00 66.74 ? 3  A   A N9    1 
ATOM   54   C  C8    . A   A 1 3  ? 7.091   0.415   0.813   1.00 66.79 ? 3  A   A C8    1 
ATOM   55   N  N7    . A   A 1 3  ? 6.671   1.214   1.762   1.00 66.85 ? 3  A   A N7    1 
ATOM   56   C  C5    . A   A 1 3  ? 7.822   1.860   2.185   1.00 66.93 ? 3  A   A C5    1 
ATOM   57   C  C6    . A   A 1 3  ? 8.049   2.829   3.171   1.00 67.09 ? 3  A   A C6    1 
ATOM   58   N  N6    . A   A 1 3  ? 7.087   3.332   3.944   1.00 67.30 ? 3  A   A N6    1 
ATOM   59   N  N1    . A   A 1 3  ? 9.316   3.267   3.345   1.00 67.09 ? 3  A   A N1    1 
ATOM   60   C  C2    . A   A 1 3  ? 10.280  2.755   2.576   1.00 67.05 ? 3  A   A C2    1 
ATOM   61   N  N3    . A   A 1 3  ? 10.190  1.840   1.612   1.00 67.07 ? 3  A   A N3    1 
ATOM   62   C  C4    . A   A 1 3  ? 8.920   1.429   1.466   1.00 66.89 ? 3  A   A C4    1 
ATOM   63   P  P     . G   A 1 4  ? 8.059   -4.737  1.022   1.00 65.77 ? 4  G   A P     1 
ATOM   64   O  OP1   . G   A 1 4  ? 8.054   -6.174  0.628   1.00 65.86 ? 4  G   A OP1   1 
ATOM   65   O  OP2   . G   A 1 4  ? 6.787   -4.091  1.427   1.00 65.90 ? 4  G   A OP2   1 
ATOM   66   O  "O5'" . G   A 1 4  ? 9.122   -4.511  2.191   1.00 64.85 ? 4  G   A "O5'" 1 
ATOM   67   C  "C5'" . G   A 1 4  ? 10.499  -4.777  1.970   1.00 63.39 ? 4  G   A "C5'" 1 
ATOM   68   C  "C4'" . G   A 1 4  ? 11.364  -3.896  2.845   1.00 62.46 ? 4  G   A "C4'" 1 
ATOM   69   O  "O4'" . G   A 1 4  ? 11.092  -2.500  2.550   1.00 62.35 ? 4  G   A "O4'" 1 
ATOM   70   C  "C3'" . G   A 1 4  ? 11.140  -3.975  4.342   1.00 61.74 ? 4  G   A "C3'" 1 
ATOM   71   O  "O3'" . G   A 1 4  ? 11.767  -5.104  4.928   1.00 60.39 ? 4  G   A "O3'" 1 
ATOM   72   C  "C2'" . G   A 1 4  ? 11.773  -2.674  4.811   1.00 61.91 ? 4  G   A "C2'" 1 
ATOM   73   O  "O2'" . G   A 1 4  ? 13.185  -2.704  4.847   1.00 61.73 ? 4  G   A "O2'" 1 
ATOM   74   C  "C1'" . G   A 1 4  ? 11.304  -1.718  3.716   1.00 62.34 ? 4  G   A "C1'" 1 
ATOM   75   N  N9    . G   A 1 4  ? 10.036  -1.113  4.107   1.00 62.43 ? 4  G   A N9    1 
ATOM   76   C  C8    . G   A 1 4  ? 8.773   -1.484  3.710   1.00 62.61 ? 4  G   A C8    1 
ATOM   77   N  N7    . G   A 1 4  ? 7.831   -0.784  4.282   1.00 62.62 ? 4  G   A N7    1 
ATOM   78   C  C5    . G   A 1 4  ? 8.515   0.107   5.095   1.00 62.48 ? 4  G   A C5    1 
ATOM   79   C  C6    . G   A 1 4  ? 8.031   1.103   5.961   1.00 62.35 ? 4  G   A C6    1 
ATOM   80   O  O6    . G   A 1 4  ? 6.860   1.401   6.199   1.00 62.63 ? 4  G   A O6    1 
ATOM   81   N  N1    . G   A 1 4  ? 9.068   1.783   6.591   1.00 62.10 ? 4  G   A N1    1 
ATOM   82   C  C2    . G   A 1 4  ? 10.405  1.529   6.408   1.00 61.93 ? 4  G   A C2    1 
ATOM   83   N  N2    . G   A 1 4  ? 11.259  2.289   7.105   1.00 61.51 ? 4  G   A N2    1 
ATOM   84   N  N3    . G   A 1 4  ? 10.871  0.595   5.602   1.00 62.08 ? 4  G   A N3    1 
ATOM   85   C  C4    . G   A 1 4  ? 9.878   -0.072  4.984   1.00 62.34 ? 4  G   A C4    1 
ATOM   86   P  P     . A   A 1 5  ? 11.126  -5.758  6.248   1.00 59.41 ? 5  A   A P     1 
ATOM   87   O  OP1   . A   A 1 5  ? 11.907  -6.974  6.580   1.00 59.81 ? 5  A   A OP1   1 
ATOM   88   O  OP2   . A   A 1 5  ? 9.660   -5.864  6.042   1.00 59.50 ? 5  A   A OP2   1 
ATOM   89   O  "O5'" . A   A 1 5  ? 11.414  -4.680  7.380   1.00 58.07 ? 5  A   A "O5'" 1 
ATOM   90   C  "C5'" . A   A 1 5  ? 12.742  -4.279  7.657   1.00 55.78 ? 5  A   A "C5'" 1 
ATOM   91   C  "C4'" . A   A 1 5  ? 12.753  -3.147  8.651   1.00 54.52 ? 5  A   A "C4'" 1 
ATOM   92   O  "O4'" . A   A 1 5  ? 12.111  -1.980  8.073   1.00 54.07 ? 5  A   A "O4'" 1 
ATOM   93   C  "C3'" . A   A 1 5  ? 11.992  -3.371  9.948   1.00 53.50 ? 5  A   A "C3'" 1 
ATOM   94   O  "O3'" . A   A 1 5  ? 12.771  -4.146  10.860  1.00 52.27 ? 5  A   A "O3'" 1 
ATOM   95   C  "C2'" . A   A 1 5  ? 11.801  -1.938  10.431  1.00 53.42 ? 5  A   A "C2'" 1 
ATOM   96   O  "O2'" . A   A 1 5  ? 12.974  -1.414  11.014  1.00 53.23 ? 5  A   A "O2'" 1 
ATOM   97   C  "C1'" . A   A 1 5  ? 11.529  -1.207  9.110   1.00 53.67 ? 5  A   A "C1'" 1 
ATOM   98   N  N9    . A   A 1 5  ? 10.104  -1.061  8.828   1.00 53.45 ? 5  A   A N9    1 
ATOM   99   C  C8    . A   A 1 5  ? 9.327   -1.776  7.951   1.00 53.39 ? 5  A   A C8    1 
ATOM   100  N  N7    . A   A 1 5  ? 8.069   -1.409  7.939   1.00 53.30 ? 5  A   A N7    1 
ATOM   101  C  C5    . A   A 1 5  ? 8.017   -0.378  8.868   1.00 53.32 ? 5  A   A C5    1 
ATOM   102  C  C6    . A   A 1 5  ? 6.970   0.446   9.310   1.00 53.10 ? 5  A   A C6    1 
ATOM   103  N  N6    . A   A 1 5  ? 5.719   0.361   8.860   1.00 53.02 ? 5  A   A N6    1 
ATOM   104  N  N1    . A   A 1 5  ? 7.255   1.375   10.239  1.00 53.02 ? 5  A   A N1    1 
ATOM   105  C  C2    . A   A 1 5  ? 8.509   1.472   10.684  1.00 53.15 ? 5  A   A C2    1 
ATOM   106  N  N3    . A   A 1 5  ? 9.579   0.767   10.346  1.00 53.36 ? 5  A   A N3    1 
ATOM   107  C  C4    . A   A 1 5  ? 9.262   -0.155  9.421   1.00 53.37 ? 5  A   A C4    1 
HETATM 108  P  P     . A5M A 1 6  ? 12.047  -5.199  11.852  1.00 51.23 ? 6  A5M A P     1 
HETATM 109  O  OP1   . A5M A 1 6  ? 13.134  -5.926  12.559  1.00 51.27 ? 6  A5M A OP1   1 
HETATM 110  O  OP2   . A5M A 1 6  ? 10.995  -5.969  11.141  1.00 51.06 ? 6  A5M A OP2   1 
HETATM 111  O  "O5'" . A5M A 1 6  ? 11.350  -4.263  12.930  1.00 50.21 ? 6  A5M A "O5'" 1 
HETATM 112  C  "C5'" . A5M A 1 6  ? 12.124  -3.317  13.652  1.00 48.37 ? 6  A5M A "C5'" 1 
HETATM 113  C  "C4'" . A5M A 1 6  ? 11.227  -2.278  14.257  1.00 47.07 ? 6  A5M A "C4'" 1 
HETATM 114  O  "O4'" . A5M A 1 6  ? 10.567  -1.533  13.198  1.00 46.51 ? 6  A5M A "O4'" 1 
HETATM 115  C  "C1'" . A5M A 1 6  ? 9.275   -1.141  13.626  1.00 46.13 ? 6  A5M A "C1'" 1 
HETATM 116  N  N1    . A5M A 1 6  ? 8.295   -1.670  12.664  1.00 45.79 ? 6  A5M A N1    1 
HETATM 117  C  C6    . A5M A 1 6  ? 8.585   -2.762  11.896  1.00 45.61 ? 6  A5M A C6    1 
HETATM 118  C  C2    . A5M A 1 6  ? 7.046   -1.034  12.548  1.00 45.65 ? 6  A5M A C2    1 
HETATM 119  O  O2    . A5M A 1 6  ? 6.818   -0.031  13.246  1.00 45.44 ? 6  A5M A O2    1 
HETATM 120  N  N3    . A5M A 1 6  ? 6.128   -1.524  11.677  1.00 45.48 ? 6  A5M A N3    1 
HETATM 121  C  C4    . A5M A 1 6  ? 6.422   -2.595  10.934  1.00 45.55 ? 6  A5M A C4    1 
HETATM 122  N  N4    . A5M A 1 6  ? 5.490   -3.046  10.083  1.00 45.32 ? 6  A5M A N4    1 
HETATM 123  C  C5    . A5M A 1 6  ? 7.689   -3.254  11.026  1.00 45.57 ? 6  A5M A C5    1 
HETATM 124  C  "C2'" . A5M A 1 6  ? 9.101   -1.667  15.055  1.00 46.17 ? 6  A5M A "C2'" 1 
HETATM 125  N  "N2'" . A5M A 1 6  ? 9.523   -0.616  15.995  1.00 46.35 ? 6  A5M A "N2'" 1 
HETATM 126  C  "C3'" . A5M A 1 6  ? 10.071  -2.843  15.053  1.00 46.35 ? 6  A5M A "C3'" 1 
HETATM 127  O  "O3'" . A5M A 1 6  ? 10.491  -3.244  16.354  1.00 45.04 ? 6  A5M A "O3'" 1 
ATOM   128  P  P     . U   A 1 7  ? 9.698   -4.411  17.116  1.00 44.47 ? 7  U   A P     1 
ATOM   129  O  OP1   . U   A 1 7  ? 10.683  -5.098  17.984  1.00 44.27 ? 7  U   A OP1   1 
ATOM   130  O  OP2   . U   A 1 7  ? 8.910   -5.202  16.138  1.00 44.32 ? 7  U   A OP2   1 
ATOM   131  O  "O5'" . U   A 1 7  ? 8.644   -3.627  18.020  1.00 43.98 ? 7  U   A "O5'" 1 
ATOM   132  C  "C5'" . U   A 1 7  ? 9.069   -2.644  18.958  1.00 43.22 ? 7  U   A "C5'" 1 
ATOM   133  C  "C4'" . U   A 1 7  ? 7.882   -1.865  19.486  1.00 42.67 ? 7  U   A "C4'" 1 
ATOM   134  O  "O4'" . U   A 1 7  ? 7.358   -1.008  18.441  1.00 42.54 ? 7  U   A "O4'" 1 
ATOM   135  C  "C3'" . U   A 1 7  ? 6.679   -2.684  19.916  1.00 42.35 ? 7  U   A "C3'" 1 
ATOM   136  O  "O3'" . U   A 1 7  ? 6.833   -3.206  21.224  1.00 41.65 ? 7  U   A "O3'" 1 
ATOM   137  C  "C2'" . U   A 1 7  ? 5.562   -1.654  19.848  1.00 42.33 ? 7  U   A "C2'" 1 
ATOM   138  O  "O2'" . U   A 1 7  ? 5.576   -0.771  20.946  1.00 42.29 ? 7  U   A "O2'" 1 
ATOM   139  C  "C1'" . U   A 1 7  ? 5.952   -0.880  18.589  1.00 42.35 ? 7  U   A "C1'" 1 
ATOM   140  N  N1    . U   A 1 7  ? 5.321   -1.382  17.361  1.00 41.95 ? 7  U   A N1    1 
ATOM   141  C  C2    . U   A 1 7  ? 4.046   -0.928  17.046  1.00 41.73 ? 7  U   A C2    1 
ATOM   142  O  O2    . U   A 1 7  ? 3.419   -0.153  17.740  1.00 41.57 ? 7  U   A O2    1 
ATOM   143  N  N3    . U   A 1 7  ? 3.535   -1.417  15.877  1.00 41.73 ? 7  U   A N3    1 
ATOM   144  C  C4    . U   A 1 7  ? 4.142   -2.291  15.008  1.00 41.61 ? 7  U   A C4    1 
ATOM   145  O  O4    . U   A 1 7  ? 3.540   -2.641  13.991  1.00 41.54 ? 7  U   A O4    1 
ATOM   146  C  C5    . U   A 1 7  ? 5.448   -2.718  15.405  1.00 41.53 ? 7  U   A C5    1 
ATOM   147  C  C6    . U   A 1 7  ? 5.978   -2.262  16.541  1.00 41.76 ? 7  U   A C6    1 
ATOM   148  P  P     . U   A 1 8  ? 6.263   -4.669  21.560  1.00 41.69 ? 8  U   A P     1 
ATOM   149  O  OP1   . U   A 1 8  ? 6.764   -5.075  22.901  1.00 41.49 ? 8  U   A OP1   1 
ATOM   150  O  OP2   . U   A 1 8  ? 6.544   -5.527  20.373  1.00 41.58 ? 8  U   A OP2   1 
ATOM   151  O  "O5'" . U   A 1 8  ? 4.683   -4.469  21.640  1.00 41.40 ? 8  U   A "O5'" 1 
ATOM   152  C  "C5'" . U   A 1 8  ? 4.100   -3.480  22.489  1.00 41.09 ? 8  U   A "C5'" 1 
ATOM   153  C  "C4'" . U   A 1 8  ? 2.672   -3.187  22.066  1.00 40.91 ? 8  U   A "C4'" 1 
ATOM   154  O  "O4'" . U   A 1 8  ? 2.626   -2.460  20.804  1.00 40.87 ? 8  U   A "O4'" 1 
ATOM   155  C  "C3'" . U   A 1 8  ? 1.777   -4.379  21.794  1.00 40.88 ? 8  U   A "C3'" 1 
ATOM   156  O  "O3'" . U   A 1 8  ? 1.325   -4.963  23.004  1.00 40.78 ? 8  U   A "O3'" 1 
ATOM   157  C  "C2'" . U   A 1 8  ? 0.637   -3.710  21.046  1.00 40.87 ? 8  U   A "C2'" 1 
ATOM   158  O  "O2'" . U   A 1 8  ? -0.194  -2.983  21.926  1.00 40.83 ? 8  U   A "O2'" 1 
ATOM   159  C  "C1'" . U   A 1 8  ? 1.401   -2.738  20.146  1.00 40.89 ? 8  U   A "C1'" 1 
ATOM   160  N  N1    . U   A 1 8  ? 1.685   -3.330  18.829  1.00 41.14 ? 8  U   A N1    1 
ATOM   161  C  C2    . U   A 1 8  ? 0.702   -3.236  17.851  1.00 41.22 ? 8  U   A C2    1 
ATOM   162  O  O2    . U   A 1 8  ? -0.346  -2.659  18.023  1.00 41.71 ? 8  U   A O2    1 
ATOM   163  N  N3    . U   A 1 8  ? 0.996   -3.849  16.664  1.00 41.23 ? 8  U   A N3    1 
ATOM   164  C  C4    . U   A 1 8  ? 2.141   -4.533  16.348  1.00 41.02 ? 8  U   A C4    1 
ATOM   165  O  O4    . U   A 1 8  ? 2.225   -5.089  15.254  1.00 40.59 ? 8  U   A O4    1 
ATOM   166  C  C5    . U   A 1 8  ? 3.122   -4.567  17.393  1.00 40.96 ? 8  U   A C5    1 
ATOM   167  C  C6    . U   A 1 8  ? 2.868   -3.977  18.568  1.00 41.01 ? 8  U   A C6    1 
ATOM   168  P  P     . A   A 1 9  ? 0.988   -6.532  23.053  1.00 40.74 ? 9  A   A P     1 
ATOM   169  O  OP1   . A   A 1 9  ? 0.804   -6.858  24.489  1.00 40.67 ? 9  A   A OP1   1 
ATOM   170  O  OP2   . A   A 1 9  ? 1.986   -7.276  22.247  1.00 40.67 ? 9  A   A OP2   1 
ATOM   171  O  "O5'" . A   A 1 9  ? -0.417  -6.662  22.317  1.00 40.51 ? 9  A   A "O5'" 1 
ATOM   172  C  "C5'" . A   A 1 9  ? -1.597  -6.129  22.906  1.00 40.24 ? 9  A   A "C5'" 1 
ATOM   173  C  "C4'" . A   A 1 9  ? -2.741  -6.195  21.927  1.00 40.08 ? 9  A   A "C4'" 1 
ATOM   174  O  "O4'" . A   A 1 9  ? -2.451  -5.357  20.775  1.00 39.67 ? 9  A   A "O4'" 1 
ATOM   175  C  "C3'" . A   A 1 9  ? -2.995  -7.553  21.301  1.00 40.23 ? 9  A   A "C3'" 1 
ATOM   176  O  "O3'" . A   A 1 9  ? -3.721  -8.420  22.159  1.00 41.31 ? 9  A   A "O3'" 1 
ATOM   177  C  "C2'" . A   A 1 9  ? -3.797  -7.166  20.071  1.00 39.77 ? 9  A   A "C2'" 1 
ATOM   178  O  "O2'" . A   A 1 9  ? -5.123  -6.801  20.367  1.00 39.75 ? 9  A   A "O2'" 1 
ATOM   179  C  "C1'" . A   A 1 9  ? -3.051  -5.919  19.620  1.00 39.27 ? 9  A   A "C1'" 1 
ATOM   180  N  N9    . A   A 1 9  ? -2.012  -6.243  18.643  1.00 38.74 ? 9  A   A N9    1 
ATOM   181  C  C8    . A   A 1 9  ? -0.650  -6.323  18.803  1.00 38.32 ? 9  A   A C8    1 
ATOM   182  N  N7    . A   A 1 9  ? -0.006  -6.601  17.695  1.00 38.17 ? 9  A   A N7    1 
ATOM   183  C  C5    . A   A 1 9  ? -1.013  -6.722  16.745  1.00 38.31 ? 9  A   A C5    1 
ATOM   184  C  C6    . A   A 1 9  ? -0.991  -6.984  15.360  1.00 38.09 ? 9  A   A C6    1 
ATOM   185  N  N6    . A   A 1 9  ? 0.126   -7.176  14.658  1.00 38.11 ? 9  A   A N6    1 
ATOM   186  N  N1    . A   A 1 9  ? -2.174  -7.031  14.712  1.00 38.14 ? 9  A   A N1    1 
ATOM   187  C  C2    . A   A 1 9  ? -3.294  -6.822  15.412  1.00 38.06 ? 9  A   A C2    1 
ATOM   188  N  N3    . A   A 1 9  ? -3.443  -6.558  16.706  1.00 38.00 ? 9  A   A N3    1 
ATOM   189  C  C4    . A   A 1 9  ? -2.252  -6.519  17.321  1.00 38.31 ? 9  A   A C4    1 
ATOM   190  P  P     . A   A 1 10 ? -3.712  -10.001 21.876  1.00 41.80 ? 10 A   A P     1 
ATOM   191  O  OP1   . A   A 1 10 ? -4.581  -10.609 22.902  1.00 41.87 ? 10 A   A OP1   1 
ATOM   192  O  OP2   . A   A 1 10 ? -2.302  -10.429 21.760  1.00 42.15 ? 10 A   A OP2   1 
ATOM   193  O  "O5'" . A   A 1 10 ? -4.426  -10.155 20.458  1.00 42.53 ? 10 A   A "O5'" 1 
ATOM   194  C  "C5'" . A   A 1 10 ? -5.823  -9.910  20.342  1.00 43.59 ? 10 A   A "C5'" 1 
ATOM   195  C  "C4'" . A   A 1 10 ? -6.313  -10.225 18.956  1.00 44.48 ? 10 A   A "C4'" 1 
ATOM   196  O  "O4'" . A   A 1 10 ? -5.658  -9.360  17.996  1.00 44.70 ? 10 A   A "O4'" 1 
ATOM   197  C  "C3'" . A   A 1 10 ? -6.046  -11.618 18.419  1.00 45.04 ? 10 A   A "C3'" 1 
ATOM   198  O  "O3'" . A   A 1 10 ? -7.005  -12.550 18.888  1.00 45.75 ? 10 A   A "O3'" 1 
ATOM   199  C  "C2'" . A   A 1 10 ? -6.219  -11.396 16.926  1.00 45.04 ? 10 A   A "C2'" 1 
ATOM   200  O  "O2'" . A   A 1 10 ? -7.588  -11.298 16.571  1.00 45.12 ? 10 A   A "O2'" 1 
ATOM   201  C  "C1'" . A   A 1 10 ? -5.541  -10.039 16.754  1.00 44.91 ? 10 A   A "C1'" 1 
ATOM   202  N  N9    . A   A 1 10 ? -4.121  -10.169 16.450  1.00 44.90 ? 10 A   A N9    1 
ATOM   203  C  C8    . A   A 1 10 ? -3.082  -10.124 17.340  1.00 44.90 ? 10 A   A C8    1 
ATOM   204  N  N7    . A   A 1 10 ? -1.905  -10.249 16.783  1.00 44.97 ? 10 A   A N7    1 
ATOM   205  C  C5    . A   A 1 10 ? -2.189  -10.391 15.435  1.00 45.02 ? 10 A   A C5    1 
ATOM   206  C  C6    . A   A 1 10 ? -1.365  -10.560 14.315  1.00 45.06 ? 10 A   A C6    1 
ATOM   207  N  N6    . A   A 1 10 ? -0.032  -10.621 14.379  1.00 45.04 ? 10 A   A N6    1 
ATOM   208  N  N1    . A   A 1 10 ? -1.961  -10.668 13.111  1.00 45.09 ? 10 A   A N1    1 
ATOM   209  C  C2    . A   A 1 10 ? -3.299  -10.615 13.051  1.00 45.20 ? 10 A   A C2    1 
ATOM   210  N  N3    . A   A 1 10 ? -4.181  -10.462 14.035  1.00 45.18 ? 10 A   A N3    1 
ATOM   211  C  C4    . A   A 1 10 ? -3.551  -10.351 15.216  1.00 45.04 ? 10 A   A C4    1 
ATOM   212  P  P     . A   A 1 11 ? -6.698  -14.123 18.773  1.00 46.39 ? 11 A   A P     1 
ATOM   213  O  OP1   . A   A 1 11 ? -7.922  -14.825 19.239  1.00 46.40 ? 11 A   A OP1   1 
ATOM   214  O  OP2   . A   A 1 11 ? -5.395  -14.413 19.428  1.00 46.25 ? 11 A   A OP2   1 
ATOM   215  O  "O5'" . A   A 1 11 ? -6.582  -14.368 17.201  1.00 46.38 ? 11 A   A "O5'" 1 
ATOM   216  C  "C5'" . A   A 1 11 ? -7.750  -14.343 16.405  1.00 46.70 ? 11 A   A "C5'" 1 
ATOM   217  C  "C4'" . A   A 1 11 ? -7.430  -14.657 14.967  1.00 46.93 ? 11 A   A "C4'" 1 
ATOM   218  O  "O4'" . A   A 1 11 ? -6.541  -13.647 14.428  1.00 47.34 ? 11 A   A "O4'" 1 
ATOM   219  C  "C3'" . A   A 1 11 ? -6.699  -15.949 14.656  1.00 46.87 ? 11 A   A "C3'" 1 
ATOM   220  O  "O3'" . A   A 1 11 ? -7.559  -17.081 14.691  1.00 46.25 ? 11 A   A "O3'" 1 
ATOM   221  C  "C2'" . A   A 1 11 ? -6.220  -15.671 13.236  1.00 47.29 ? 11 A   A "C2'" 1 
ATOM   222  O  "O2'" . A   A 1 11 ? -7.260  -15.790 12.285  1.00 47.31 ? 11 A   A "O2'" 1 
ATOM   223  C  "C1'" . A   A 1 11 ? -5.798  -14.204 13.350  1.00 47.59 ? 11 A   A "C1'" 1 
ATOM   224  N  N9    . A   A 1 11 ? -4.368  -14.072 13.635  1.00 47.91 ? 11 A   A N9    1 
ATOM   225  C  C8    . A   A 1 11 ? -3.730  -13.905 14.840  1.00 48.02 ? 11 A   A C8    1 
ATOM   226  N  N7    . A   A 1 11 ? -2.421  -13.851 14.741  1.00 48.15 ? 11 A   A N7    1 
ATOM   227  C  C5    . A   A 1 11 ? -2.184  -13.983 13.380  1.00 48.16 ? 11 A   A C5    1 
ATOM   228  C  C6    . A   A 1 11 ? -0.997  -14.002 12.615  1.00 48.22 ? 11 A   A C6    1 
ATOM   229  N  N6    . A   A 1 11 ? 0.228   -13.890 13.129  1.00 48.11 ? 11 A   A N6    1 
ATOM   230  N  N1    . A   A 1 11 ? -1.117  -14.145 11.281  1.00 48.31 ? 11 A   A N1    1 
ATOM   231  C  C2    . A   A 1 11 ? -2.344  -14.263 10.753  1.00 48.34 ? 11 A   A C2    1 
ATOM   232  N  N3    . A   A 1 11 ? -3.527  -14.262 11.361  1.00 48.26 ? 11 A   A N3    1 
ATOM   233  C  C4    . A   A 1 11 ? -3.375  -14.116 12.688  1.00 48.13 ? 11 A   A C4    1 
ATOM   234  P  P     . U   A 1 12 ? -6.960  -18.521 15.102  1.00 45.59 ? 12 U   A P     1 
ATOM   235  O  OP1   . U   A 1 12 ? -8.105  -19.447 15.266  1.00 45.78 ? 12 U   A OP1   1 
ATOM   236  O  OP2   . U   A 1 12 ? -5.995  -18.337 16.222  1.00 45.45 ? 12 U   A OP2   1 
ATOM   237  O  "O5'" . U   A 1 12 ? -6.165  -18.984 13.806  1.00 45.04 ? 12 U   A "O5'" 1 
ATOM   238  C  "C5'" . U   A 1 12 ? -6.836  -19.062 12.558  1.00 44.11 ? 12 U   A "C5'" 1 
ATOM   239  C  "C4'" . U   A 1 12 ? -5.846  -19.164 11.427  1.00 43.32 ? 12 U   A "C4'" 1 
ATOM   240  O  "O4'" . U   A 1 12 ? -5.033  -17.961 11.361  1.00 43.51 ? 12 U   A "O4'" 1 
ATOM   241  C  "C3'" . U   A 1 12 ? -4.819  -20.269 11.540  1.00 42.70 ? 12 U   A "C3'" 1 
ATOM   242  O  "O3'" . U   A 1 12 ? -5.365  -21.514 11.148  1.00 40.88 ? 12 U   A "O3'" 1 
ATOM   243  C  "C2'" . U   A 1 12 ? -3.764  -19.787 10.558  1.00 43.05 ? 12 U   A "C2'" 1 
ATOM   244  O  "O2'" . U   A 1 12 ? -4.173  -19.966 9.218   1.00 43.10 ? 12 U   A "O2'" 1 
ATOM   245  C  "C1'" . U   A 1 12 ? -3.749  -18.289 10.855  1.00 43.44 ? 12 U   A "C1'" 1 
ATOM   246  N  N1    . U   A 1 12 ? -2.731  -17.900 11.845  1.00 43.63 ? 12 U   A N1    1 
ATOM   247  C  C2    . U   A 1 12 ? -1.431  -17.775 11.400  1.00 43.63 ? 12 U   A C2    1 
ATOM   248  O  O2    . U   A 1 12 ? -1.104  -17.999 10.251  1.00 43.99 ? 12 U   A O2    1 
ATOM   249  N  N3    . U   A 1 12 ? -0.528  -17.381 12.348  1.00 43.64 ? 12 U   A N3    1 
ATOM   250  C  C4    . U   A 1 12 ? -0.779  -17.111 13.673  1.00 43.45 ? 12 U   A C4    1 
ATOM   251  O  O4    . U   A 1 12 ? 0.137   -16.703 14.388  1.00 43.27 ? 12 U   A O4    1 
ATOM   252  C  C5    . U   A 1 12 ? -2.143  -17.281 14.068  1.00 43.42 ? 12 U   A C5    1 
ATOM   253  C  C6    . U   A 1 12 ? -3.052  -17.658 13.163  1.00 43.56 ? 12 U   A C6    1 
ATOM   254  P  P     . C   A 1 13 ? -4.657  -22.876 11.627  1.00 40.12 ? 13 C   A P     1 
ATOM   255  O  OP1   . C   A 1 13 ? -5.557  -23.952 11.139  1.00 40.08 ? 13 C   A OP1   1 
ATOM   256  O  OP2   . C   A 1 13 ? -4.296  -22.819 13.075  1.00 39.83 ? 13 C   A OP2   1 
ATOM   257  O  "O5'" . C   A 1 13 ? -3.304  -22.913 10.782  1.00 38.88 ? 13 C   A "O5'" 1 
ATOM   258  C  "C5'" . C   A 1 13 ? -3.339  -23.148 9.381   1.00 37.17 ? 13 C   A "C5'" 1 
ATOM   259  C  "C4'" . C   A 1 13 ? -1.949  -23.135 8.814   1.00 35.90 ? 13 C   A "C4'" 1 
ATOM   260  O  "O4'" . C   A 1 13 ? -1.376  -21.819 9.013   1.00 35.40 ? 13 C   A "O4'" 1 
ATOM   261  C  "C3'" . C   A 1 13 ? -0.953  -24.054 9.491   1.00 35.48 ? 13 C   A "C3'" 1 
ATOM   262  O  "O3'" . C   A 1 13 ? -1.064  -25.373 9.006   1.00 35.01 ? 13 C   A "O3'" 1 
ATOM   263  C  "C2'" . C   A 1 13 ? 0.366   -23.414 9.090   1.00 35.11 ? 13 C   A "C2'" 1 
ATOM   264  O  "O2'" . C   A 1 13 ? 0.724   -23.674 7.746   1.00 34.77 ? 13 C   A "O2'" 1 
ATOM   265  C  "C1'" . C   A 1 13 ? 0.016   -21.935 9.233   1.00 34.89 ? 13 C   A "C1'" 1 
ATOM   266  N  N1    . C   A 1 13 ? 0.305   -21.424 10.576  1.00 34.48 ? 13 C   A N1    1 
ATOM   267  C  C2    . C   A 1 13 ? 1.602   -21.021 10.863  1.00 34.19 ? 13 C   A C2    1 
ATOM   268  O  O2    . C   A 1 13 ? 2.467   -21.152 9.988   1.00 34.35 ? 13 C   A O2    1 
ATOM   269  N  N3    . C   A 1 13 ? 1.885   -20.507 12.081  1.00 34.09 ? 13 C   A N3    1 
ATOM   270  C  C4    . C   A 1 13 ? 0.924   -20.406 13.001  1.00 33.95 ? 13 C   A C4    1 
ATOM   271  N  N4    . C   A 1 13 ? 1.244   -19.886 14.187  1.00 33.57 ? 13 C   A N4    1 
ATOM   272  C  C5    . C   A 1 13 ? -0.411  -20.836 12.741  1.00 33.98 ? 13 C   A C5    1 
ATOM   273  C  C6    . C   A 1 13 ? -0.674  -21.332 11.525  1.00 34.17 ? 13 C   A C6    1 
ATOM   274  P  P     . U   A 1 14 ? -0.893  -26.597 10.022  1.00 35.31 ? 14 U   A P     1 
ATOM   275  O  OP1   . U   A 1 14 ? -1.380  -27.807 9.312   1.00 35.25 ? 14 U   A OP1   1 
ATOM   276  O  OP2   . U   A 1 14 ? -1.488  -26.228 11.336  1.00 35.19 ? 14 U   A OP2   1 
ATOM   277  O  "O5'" . U   A 1 14 ? 0.681   -26.738 10.226  1.00 35.16 ? 14 U   A "O5'" 1 
ATOM   278  C  "C5'" . U   A 1 14 ? 1.533   -27.072 9.136   1.00 35.24 ? 14 U   A "C5'" 1 
ATOM   279  C  "C4'" . U   A 1 14 ? 2.977   -26.880 9.527   1.00 35.67 ? 14 U   A "C4'" 1 
ATOM   280  O  "O4'" . U   A 1 14 ? 3.206   -25.474 9.796   1.00 35.33 ? 14 U   A "O4'" 1 
ATOM   281  C  "C3'" . U   A 1 14 ? 3.424   -27.552 10.820  1.00 35.67 ? 14 U   A "C3'" 1 
ATOM   282  O  "O3'" . U   A 1 14 ? 3.716   -28.934 10.648  1.00 35.90 ? 14 U   A "O3'" 1 
ATOM   283  C  "C2'" . U   A 1 14 ? 4.661   -26.746 11.180  1.00 35.30 ? 14 U   A "C2'" 1 
ATOM   284  O  "O2'" . U   A 1 14 ? 5.786   -27.100 10.413  1.00 35.48 ? 14 U   A "O2'" 1 
ATOM   285  C  "C1'" . U   A 1 14 ? 4.223   -25.340 10.776  1.00 35.30 ? 14 U   A "C1'" 1 
ATOM   286  N  N1    . U   A 1 14 ? 3.693   -24.570 11.908  1.00 35.11 ? 14 U   A N1    1 
ATOM   287  C  C2    . U   A 1 14 ? 4.609   -23.913 12.698  1.00 35.08 ? 14 U   A C2    1 
ATOM   288  O  O2    . U   A 1 14 ? 5.804   -23.955 12.485  1.00 35.19 ? 14 U   A O2    1 
ATOM   289  N  N3    . U   A 1 14 ? 4.077   -23.204 13.744  1.00 34.87 ? 14 U   A N3    1 
ATOM   290  C  C4    . U   A 1 14 ? 2.750   -23.086 14.064  1.00 34.73 ? 14 U   A C4    1 
ATOM   291  O  O4    . U   A 1 14 ? 2.421   -22.336 14.976  1.00 34.61 ? 14 U   A O4    1 
ATOM   292  C  C5    . U   A 1 14 ? 1.859   -23.805 13.203  1.00 34.81 ? 14 U   A C5    1 
ATOM   293  C  C6    . U   A 1 14 ? 2.351   -24.503 12.176  1.00 34.95 ? 14 U   A C6    1 
ATOM   294  P  P     . G   A 1 15 ? 3.379   -29.964 11.834  1.00 36.31 ? 15 G   A P     1 
ATOM   295  O  OP1   . G   A 1 15 ? 3.345   -31.317 11.237  1.00 36.33 ? 15 G   A OP1   1 
ATOM   296  O  OP2   . G   A 1 15 ? 2.205   -29.452 12.567  1.00 36.23 ? 15 G   A OP2   1 
ATOM   297  O  "O5'" . G   A 1 15 ? 4.632   -29.867 12.811  1.00 36.79 ? 15 G   A "O5'" 1 
ATOM   298  C  "C5'" . G   A 1 15 ? 5.961   -30.026 12.306  1.00 37.37 ? 15 G   A "C5'" 1 
ATOM   299  C  "C4'" . G   A 1 15 ? 6.981   -29.518 13.310  1.00 37.70 ? 15 G   A "C4'" 1 
ATOM   300  O  "O4'" . G   A 1 15 ? 6.964   -28.067 13.384  1.00 37.69 ? 15 G   A "O4'" 1 
ATOM   301  C  "C3'" . G   A 1 15 ? 6.767   -29.947 14.746  1.00 37.96 ? 15 G   A "C3'" 1 
ATOM   302  O  "O3'" . G   A 1 15 ? 7.232   -31.259 14.975  1.00 38.34 ? 15 G   A "O3'" 1 
ATOM   303  C  "C2'" . G   A 1 15 ? 7.591   -28.916 15.499  1.00 38.03 ? 15 G   A "C2'" 1 
ATOM   304  O  "O2'" . G   A 1 15 ? 8.978   -29.182 15.436  1.00 37.94 ? 15 G   A "O2'" 1 
ATOM   305  C  "C1'" . G   A 1 15 ? 7.279   -27.654 14.701  1.00 37.75 ? 15 G   A "C1'" 1 
ATOM   306  N  N9    . G   A 1 15 ? 6.133   -26.938 15.247  1.00 37.91 ? 15 G   A N9    1 
ATOM   307  C  C8    . G   A 1 15 ? 4.818   -27.052 14.868  1.00 37.98 ? 15 G   A C8    1 
ATOM   308  N  N7    . G   A 1 15 ? 4.020   -26.279 15.553  1.00 37.84 ? 15 G   A N7    1 
ATOM   309  C  C5    . G   A 1 15 ? 4.863   -25.613 16.432  1.00 37.99 ? 15 G   A C5    1 
ATOM   310  C  C6    . G   A 1 15 ? 4.576   -24.640 17.420  1.00 37.95 ? 15 G   A C6    1 
ATOM   311  O  O6    . G   A 1 15 ? 3.491   -24.153 17.719  1.00 37.94 ? 15 G   A O6    1 
ATOM   312  N  N1    . G   A 1 15 ? 5.722   -24.238 18.091  1.00 38.05 ? 15 G   A N1    1 
ATOM   313  C  C2    . G   A 1 15 ? 6.993   -24.704 17.835  1.00 38.17 ? 15 G   A C2    1 
ATOM   314  N  N2    . G   A 1 15 ? 7.984   -24.195 18.581  1.00 38.17 ? 15 G   A N2    1 
ATOM   315  N  N3    . G   A 1 15 ? 7.272   -25.604 16.912  1.00 38.23 ? 15 G   A N3    1 
ATOM   316  C  C4    . G   A 1 15 ? 6.169   -26.014 16.255  1.00 38.01 ? 15 G   A C4    1 
ATOM   317  P  P     . C   A 1 16 ? 6.622   -32.087 16.195  1.00 38.87 ? 16 C   A P     1 
ATOM   318  O  OP1   . C   A 1 16 ? 7.259   -33.416 16.194  1.00 39.01 ? 16 C   A OP1   1 
ATOM   319  O  OP2   . C   A 1 16 ? 5.144   -31.981 16.126  1.00 39.00 ? 16 C   A OP2   1 
ATOM   320  O  "O5'" . C   A 1 16 ? 7.103   -31.278 17.481  1.00 39.31 ? 16 C   A "O5'" 1 
ATOM   321  C  "C5'" . C   A 1 16 ? 8.422   -31.430 17.997  1.00 39.64 ? 16 C   A "C5'" 1 
ATOM   322  C  "C4'" . C   A 1 16 ? 8.572   -30.643 19.279  1.00 39.66 ? 16 C   A "C4'" 1 
ATOM   323  O  "O4'" . C   A 1 16 ? 8.324   -29.236 19.008  1.00 39.76 ? 16 C   A "O4'" 1 
ATOM   324  C  "C3'" . C   A 1 16 ? 7.563   -30.956 20.367  1.00 39.82 ? 16 C   A "C3'" 1 
ATOM   325  O  "O3'" . C   A 1 16 ? 7.786   -32.189 21.042  1.00 40.19 ? 16 C   A "O3'" 1 
ATOM   326  C  "C2'" . C   A 1 16 ? 7.655   -29.711 21.233  1.00 39.81 ? 16 C   A "C2'" 1 
ATOM   327  O  "O2'" . C   A 1 16 ? 8.827   -29.711 22.024  1.00 39.63 ? 16 C   A "O2'" 1 
ATOM   328  C  "C1'" . C   A 1 16 ? 7.745   -28.624 20.157  1.00 39.85 ? 16 C   A "C1'" 1 
ATOM   329  N  N1    . C   A 1 16 ? 6.416   -28.112 19.785  1.00 40.00 ? 16 C   A N1    1 
ATOM   330  C  C2    . C   A 1 16 ? 5.868   -27.051 20.506  1.00 39.91 ? 16 C   A C2    1 
ATOM   331  O  O2    . C   A 1 16 ? 6.535   -26.535 21.403  1.00 40.01 ? 16 C   A O2    1 
ATOM   332  N  N3    . C   A 1 16 ? 4.624   -26.616 20.206  1.00 40.07 ? 16 C   A N3    1 
ATOM   333  C  C4    . C   A 1 16 ? 3.936   -27.200 19.223  1.00 40.24 ? 16 C   A C4    1 
ATOM   334  N  N4    . C   A 1 16 ? 2.707   -26.760 18.971  1.00 40.49 ? 16 C   A N4    1 
ATOM   335  C  C5    . C   A 1 16 ? 4.479   -28.267 18.454  1.00 40.29 ? 16 C   A C5    1 
ATOM   336  C  C6    . C   A 1 16 ? 5.712   -28.683 18.761  1.00 40.25 ? 16 C   A C6    1 
ATOM   337  O  "O5'" . G   B 1 1  ? 0.063   -18.616 23.720  1.00 50.98 ? 1  G   B "O5'" 1 
ATOM   338  C  "C5'" . G   B 1 1  ? 0.421   -18.118 25.018  1.00 50.83 ? 1  G   B "C5'" 1 
ATOM   339  C  "C4'" . G   B 1 1  ? 1.582   -18.862 25.641  1.00 50.80 ? 1  G   B "C4'" 1 
ATOM   340  O  "O4'" . G   B 1 1  ? 1.246   -20.267 25.771  1.00 51.05 ? 1  G   B "O4'" 1 
ATOM   341  C  "C3'" . G   B 1 1  ? 2.892   -18.821 24.860  1.00 50.64 ? 1  G   B "C3'" 1 
ATOM   342  O  "O3'" . G   B 1 1  ? 3.640   -17.678 25.275  1.00 50.08 ? 1  G   B "O3'" 1 
ATOM   343  C  "C2'" . G   B 1 1  ? 3.563   -20.128 25.276  1.00 50.93 ? 1  G   B "C2'" 1 
ATOM   344  O  "O2'" . G   B 1 1  ? 4.222   -20.060 26.529  1.00 50.87 ? 1  G   B "O2'" 1 
ATOM   345  C  "C1'" . G   B 1 1  ? 2.356   -21.062 25.401  1.00 51.14 ? 1  G   B "C1'" 1 
ATOM   346  N  N9    . G   B 1 1  ? 1.994   -21.752 24.171  1.00 51.49 ? 1  G   B N9    1 
ATOM   347  C  C8    . G   B 1 1  ? 0.818   -21.603 23.477  1.00 51.62 ? 1  G   B C8    1 
ATOM   348  N  N7    . G   B 1 1  ? 0.741   -22.375 22.430  1.00 51.85 ? 1  G   B N7    1 
ATOM   349  C  C5    . G   B 1 1  ? 1.943   -23.072 22.426  1.00 51.80 ? 1  G   B C5    1 
ATOM   350  C  C6    . G   B 1 1  ? 2.425   -24.059 21.534  1.00 51.90 ? 1  G   B C6    1 
ATOM   351  O  O6    . G   B 1 1  ? 1.866   -24.535 20.537  1.00 52.32 ? 1  G   B O6    1 
ATOM   352  N  N1    . G   B 1 1  ? 3.693   -24.500 21.898  1.00 51.54 ? 1  G   B N1    1 
ATOM   353  C  C2    . G   B 1 1  ? 4.406   -24.051 22.976  1.00 51.20 ? 1  G   B C2    1 
ATOM   354  N  N2    . G   B 1 1  ? 5.617   -24.603 23.154  1.00 50.51 ? 1  G   B N2    1 
ATOM   355  N  N3    . G   B 1 1  ? 3.964   -23.130 23.819  1.00 51.28 ? 1  G   B N3    1 
ATOM   356  C  C4    . G   B 1 1  ? 2.734   -22.690 23.487  1.00 51.59 ? 1  G   B C4    1 
ATOM   357  P  P     . C   B 1 2  ? 4.637   -16.938 24.248  1.00 49.32 ? 2  C   B P     1 
ATOM   358  O  OP1   . C   B 1 2  ? 5.307   -15.878 25.040  1.00 49.70 ? 2  C   B OP1   1 
ATOM   359  O  OP2   . C   B 1 2  ? 3.931   -16.574 22.993  1.00 49.25 ? 2  C   B OP2   1 
ATOM   360  O  "O5'" . C   B 1 2  ? 5.758   -18.027 23.963  1.00 48.69 ? 2  C   B "O5'" 1 
ATOM   361  C  "C5'" . C   B 1 2  ? 6.791   -18.258 24.913  1.00 47.58 ? 2  C   B "C5'" 1 
ATOM   362  C  "C4'" . C   B 1 2  ? 7.742   -19.296 24.389  1.00 46.92 ? 2  C   B "C4'" 1 
ATOM   363  O  "O4'" . C   B 1 2  ? 7.022   -20.546 24.248  1.00 46.53 ? 2  C   B "O4'" 1 
ATOM   364  C  "C3'" . C   B 1 2  ? 8.264   -19.014 22.990  1.00 46.44 ? 2  C   B "C3'" 1 
ATOM   365  O  "O3'" . C   B 1 2  ? 9.397   -18.165 22.996  1.00 46.08 ? 2  C   B "O3'" 1 
ATOM   366  C  "C2'" . C   B 1 2  ? 8.613   -20.404 22.497  1.00 46.39 ? 2  C   B "C2'" 1 
ATOM   367  O  "O2'" . C   B 1 2  ? 9.852   -20.865 22.996  1.00 46.09 ? 2  C   B "O2'" 1 
ATOM   368  C  "C1'" . C   B 1 2  ? 7.445   -21.209 23.071  1.00 46.33 ? 2  C   B "C1'" 1 
ATOM   369  N  N1    . C   B 1 2  ? 6.304   -21.252 22.147  1.00 46.07 ? 2  C   B N1    1 
ATOM   370  C  C2    . C   B 1 2  ? 6.357   -22.116 21.063  1.00 45.95 ? 2  C   B C2    1 
ATOM   371  O  O2    . C   B 1 2  ? 7.379   -22.798 20.895  1.00 45.77 ? 2  C   B O2    1 
ATOM   372  N  N3    . C   B 1 2  ? 5.303   -22.184 20.223  1.00 45.90 ? 2  C   B N3    1 
ATOM   373  C  C4    . C   B 1 2  ? 4.235   -21.413 20.431  1.00 45.91 ? 2  C   B C4    1 
ATOM   374  N  N4    . C   B 1 2  ? 3.209   -21.518 19.583  1.00 45.99 ? 2  C   B N4    1 
ATOM   375  C  C5    . C   B 1 2  ? 4.167   -20.505 21.519  1.00 45.88 ? 2  C   B C5    1 
ATOM   376  C  C6    . C   B 1 2  ? 5.210   -20.461 22.349  1.00 45.96 ? 2  C   B C6    1 
ATOM   377  P  P     . A   B 1 3  ? 9.559   -17.070 21.840  1.00 45.66 ? 3  A   B P     1 
ATOM   378  O  OP1   . A   B 1 3  ? 10.617  -16.129 22.279  1.00 45.97 ? 3  A   B OP1   1 
ATOM   379  O  OP2   . A   B 1 3  ? 8.197   -16.558 21.544  1.00 45.64 ? 3  A   B OP2   1 
ATOM   380  O  "O5'" . A   B 1 3  ? 10.066  -17.904 20.575  1.00 45.42 ? 3  A   B "O5'" 1 
ATOM   381  C  "C5'" . A   B 1 3  ? 11.296  -18.626 20.614  1.00 44.71 ? 3  A   B "C5'" 1 
ATOM   382  C  "C4'" . A   B 1 3  ? 11.463  -19.475 19.366  1.00 44.19 ? 3  A   B "C4'" 1 
ATOM   383  O  "O4'" . A   B 1 3  ? 10.580  -20.625 19.405  1.00 44.18 ? 3  A   B "O4'" 1 
ATOM   384  C  "C3'" . A   B 1 3  ? 11.139  -18.814 18.037  1.00 44.07 ? 3  A   B "C3'" 1 
ATOM   385  O  "O3'" . A   B 1 3  ? 12.215  -17.987 17.600  1.00 43.88 ? 3  A   B "O3'" 1 
ATOM   386  C  "C2'" . A   B 1 3  ? 10.930  -20.033 17.148  1.00 44.05 ? 3  A   B "C2'" 1 
ATOM   387  O  "O2'" . A   B 1 3  ? 12.135  -20.680 16.780  1.00 44.16 ? 3  A   B "O2'" 1 
ATOM   388  C  "C1'" . A   B 1 3  ? 10.150  -20.947 18.092  1.00 44.06 ? 3  A   B "C1'" 1 
ATOM   389  N  N9    . A   B 1 3  ? 8.708   -20.700 18.003  1.00 44.28 ? 3  A   B N9    1 
ATOM   390  C  C8    . A   B 1 3  ? 7.948   -19.863 18.784  1.00 44.08 ? 3  A   B C8    1 
ATOM   391  N  N7    . A   B 1 3  ? 6.690   -19.806 18.427  1.00 44.10 ? 3  A   B N7    1 
ATOM   392  C  C5    . A   B 1 3  ? 6.609   -20.679 17.349  1.00 44.23 ? 3  A   B C5    1 
ATOM   393  C  C6    . A   B 1 3  ? 5.533   -21.071 16.525  1.00 44.15 ? 3  A   B C6    1 
ATOM   394  N  N6    . A   B 1 3  ? 4.291   -20.611 16.671  1.00 44.14 ? 3  A   B N6    1 
ATOM   395  N  N1    . A   B 1 3  ? 5.783   -21.965 15.540  1.00 44.18 ? 3  A   B N1    1 
ATOM   396  C  C2    . A   B 1 3  ? 7.032   -22.429 15.406  1.00 44.21 ? 3  A   B C2    1 
ATOM   397  N  N3    . A   B 1 3  ? 8.124   -22.138 16.120  1.00 44.19 ? 3  A   B N3    1 
ATOM   398  C  C4    . A   B 1 3  ? 7.842   -21.245 17.084  1.00 44.16 ? 3  A   B C4    1 
ATOM   399  P  P     . G   B 1 4  ? 11.910  -16.629 16.794  1.00 43.28 ? 4  G   B P     1 
ATOM   400  O  OP1   . G   B 1 4  ? 13.223  -15.932 16.710  1.00 43.37 ? 4  G   B OP1   1 
ATOM   401  O  OP2   . G   B 1 4  ? 10.752  -15.942 17.403  1.00 43.27 ? 4  G   B OP2   1 
ATOM   402  O  "O5'" . G   B 1 4  ? 11.490  -17.132 15.344  1.00 43.08 ? 4  G   B "O5'" 1 
ATOM   403  C  "C5'" . G   B 1 4  ? 12.403  -17.876 14.555  1.00 42.67 ? 4  G   B "C5'" 1 
ATOM   404  C  "C4'" . G   B 1 4  ? 11.685  -18.571 13.427  1.00 42.48 ? 4  G   B "C4'" 1 
ATOM   405  O  "O4'" . G   B 1 4  ? 10.758  -19.559 13.951  1.00 42.60 ? 4  G   B "O4'" 1 
ATOM   406  C  "C3'" . G   B 1 4  ? 10.795  -17.719 12.548  1.00 42.20 ? 4  G   B "C3'" 1 
ATOM   407  O  "O3'" . G   B 1 4  ? 11.530  -16.977 11.598  1.00 41.50 ? 4  G   B "O3'" 1 
ATOM   408  C  "C2'" . G   B 1 4  ? 9.964   -18.786 11.859  1.00 42.43 ? 4  G   B "C2'" 1 
ATOM   409  O  "O2'" . G   B 1 4  ? 10.665  -19.444 10.820  1.00 42.36 ? 4  G   B "O2'" 1 
ATOM   410  C  "C1'" . G   B 1 4  ? 9.695   -19.736 13.026  1.00 42.59 ? 4  G   B "C1'" 1 
ATOM   411  N  N9    . G   B 1 4  ? 8.449   -19.340 13.666  1.00 42.76 ? 4  G   B N9    1 
ATOM   412  C  C8    . G   B 1 4  ? 8.294   -18.578 14.794  1.00 42.88 ? 4  G   B C8    1 
ATOM   413  N  N7    . G   B 1 4  ? 7.044   -18.322 15.069  1.00 42.91 ? 4  G   B N7    1 
ATOM   414  C  C5    . G   B 1 4  ? 6.334   -18.964 14.069  1.00 42.92 ? 4  G   B C5    1 
ATOM   415  C  C6    . G   B 1 4  ? 4.945   -19.023 13.831  1.00 42.96 ? 4  G   B C6    1 
ATOM   416  O  O6    . G   B 1 4  ? 4.039   -18.497 14.475  1.00 43.01 ? 4  G   B O6    1 
ATOM   417  N  N1    . G   B 1 4  ? 4.648   -19.788 12.705  1.00 42.92 ? 4  G   B N1    1 
ATOM   418  C  C2    . G   B 1 4  ? 5.581   -20.418 11.910  1.00 42.89 ? 4  G   B C2    1 
ATOM   419  N  N2    . G   B 1 4  ? 5.110   -21.116 10.867  1.00 42.79 ? 4  G   B N2    1 
ATOM   420  N  N3    . G   B 1 4  ? 6.885   -20.365 12.124  1.00 42.96 ? 4  G   B N3    1 
ATOM   421  C  C4    . G   B 1 4  ? 7.187   -19.620 13.209  1.00 42.93 ? 4  G   B C4    1 
ATOM   422  P  P     . A   B 1 5  ? 10.983  -15.545 11.132  1.00 41.18 ? 5  A   B P     1 
ATOM   423  O  OP1   . A   B 1 5  ? 12.065  -14.945 10.320  1.00 41.05 ? 5  A   B OP1   1 
ATOM   424  O  OP2   . A   B 1 5  ? 10.477  -14.824 12.336  1.00 41.16 ? 5  A   B OP2   1 
ATOM   425  O  "O5'" . A   B 1 5  ? 9.742   -15.888 10.197  1.00 40.70 ? 5  A   B "O5'" 1 
ATOM   426  C  "C5'" . A   B 1 5  ? 9.937   -16.590 8.980   1.00 40.03 ? 5  A   B "C5'" 1 
ATOM   427  C  "C4'" . A   B 1 5  ? 8.617   -16.946 8.352   1.00 39.77 ? 5  A   B "C4'" 1 
ATOM   428  O  "O4'" . A   B 1 5  ? 7.845   -17.795 9.246   1.00 39.42 ? 5  A   B "O4'" 1 
ATOM   429  C  "C3'" . A   B 1 5  ? 7.654   -15.815 8.055   1.00 39.94 ? 5  A   B "C3'" 1 
ATOM   430  O  "O3'" . A   B 1 5  ? 8.003   -15.150 6.854   1.00 41.28 ? 5  A   B "O3'" 1 
ATOM   431  C  "C2'" . A   B 1 5  ? 6.370   -16.597 7.849   1.00 39.38 ? 5  A   B "C2'" 1 
ATOM   432  O  "O2'" . A   B 1 5  ? 6.390   -17.268 6.607   1.00 39.24 ? 5  A   B "O2'" 1 
ATOM   433  C  "C1'" . A   B 1 5  ? 6.466   -17.623 8.975   1.00 38.72 ? 5  A   B "C1'" 1 
ATOM   434  N  N9    . A   B 1 5  ? 5.812   -17.148 10.189  1.00 38.19 ? 5  A   B N9    1 
ATOM   435  C  C8    . A   B 1 5  ? 6.382   -16.592 11.306  1.00 37.90 ? 5  A   B C8    1 
ATOM   436  N  N7    . A   B 1 5  ? 5.516   -16.267 12.233  1.00 37.59 ? 5  A   B N7    1 
ATOM   437  C  C5    . A   B 1 5  ? 4.296   -16.632 11.689  1.00 37.55 ? 5  A   B C5    1 
ATOM   438  C  C6    . A   B 1 5  ? 2.990   -16.548 12.174  1.00 37.51 ? 5  A   B C6    1 
ATOM   439  N  N6    . A   B 1 5  ? 2.681   -16.046 13.368  1.00 37.38 ? 5  A   B N6    1 
ATOM   440  N  N1    . A   B 1 5  ? 1.995   -17.003 11.383  1.00 37.48 ? 5  A   B N1    1 
ATOM   441  C  C2    . A   B 1 5  ? 2.307   -17.504 10.183  1.00 37.40 ? 5  A   B C2    1 
ATOM   442  N  N3    . A   B 1 5  ? 3.497   -17.636 9.616   1.00 37.56 ? 5  A   B N3    1 
ATOM   443  C  C4    . A   B 1 5  ? 4.462   -17.176 10.432  1.00 37.78 ? 5  A   B C4    1 
HETATM 444  P  P     . A5M B 1 6  ? 7.443   -13.668 6.572   1.00 41.91 ? 6  A5M B P     1 
HETATM 445  O  OP1   . A5M B 1 6  ? 7.976   -13.258 5.247   1.00 42.00 ? 6  A5M B OP1   1 
HETATM 446  O  OP2   . A5M B 1 6  ? 7.722   -12.835 7.767   1.00 42.02 ? 6  A5M B OP2   1 
HETATM 447  O  "O5'" . A5M B 1 6  ? 5.863   -13.850 6.449   1.00 42.64 ? 6  A5M B "O5'" 1 
HETATM 448  C  "C5'" . A5M B 1 6  ? 5.279   -14.542 5.343   1.00 43.78 ? 6  A5M B "C5'" 1 
HETATM 449  C  "C4'" . A5M B 1 6  ? 3.775   -14.684 5.534   1.00 44.71 ? 6  A5M B "C4'" 1 
HETATM 450  O  "O4'" . A5M B 1 6  ? 3.488   -15.456 6.737   1.00 44.83 ? 6  A5M B "O4'" 1 
HETATM 451  C  "C1'" . A5M B 1 6  ? 2.365   -14.907 7.408   1.00 45.18 ? 6  A5M B "C1'" 1 
HETATM 452  N  N1    . A5M B 1 6  ? 2.847   -14.283 8.646   1.00 45.66 ? 6  A5M B N1    1 
HETATM 453  C  C6    . A5M B 1 6  ? 4.156   -13.907 8.775   1.00 45.79 ? 6  A5M B C6    1 
HETATM 454  C  C2    . A5M B 1 6  ? 1.949   -14.093 9.699   1.00 45.95 ? 6  A5M B C2    1 
HETATM 455  O  O2    . A5M B 1 6  ? 0.762   -14.404 9.535   1.00 46.10 ? 6  A5M B O2    1 
HETATM 456  N  N3    . A5M B 1 6  ? 2.395   -13.569 10.861  1.00 46.07 ? 6  A5M B N3    1 
HETATM 457  C  C4    . A5M B 1 6  ? 3.681   -13.219 10.985  1.00 46.09 ? 6  A5M B C4    1 
HETATM 458  N  N4    . A5M B 1 6  ? 4.088   -12.713 12.157  1.00 46.08 ? 6  A5M B N4    1 
HETATM 459  C  C5    . A5M B 1 6  ? 4.612   -13.375 9.914   1.00 46.04 ? 6  A5M B C5    1 
HETATM 460  C  "C2'" . A5M B 1 6  ? 1.745   -13.896 6.453   1.00 45.05 ? 6  A5M B "C2'" 1 
HETATM 461  N  "N2'" . A5M B 1 6  ? 0.825   -14.619 5.560   1.00 45.03 ? 6  A5M B "N2'" 1 
HETATM 462  C  "C3'" . A5M B 1 6  ? 2.991   -13.396 5.736   1.00 45.12 ? 6  A5M B "C3'" 1 
HETATM 463  O  "O3'" . A5M B 1 6  ? 2.684   -12.779 4.498   1.00 45.40 ? 6  A5M B "O3'" 1 
ATOM   464  P  P     . U   B 1 7  ? 2.737   -11.181 4.380   1.00 45.81 ? 7  U   B P     1 
ATOM   465  O  OP1   . U   B 1 7  ? 2.896   -10.877 2.932   1.00 45.89 ? 7  U   B OP1   1 
ATOM   466  O  OP2   . U   B 1 7  ? 3.731   -10.668 5.356   1.00 45.61 ? 7  U   B OP2   1 
ATOM   467  O  "O5'" . U   B 1 7  ? 1.286   -10.717 4.856   1.00 45.92 ? 7  U   B "O5'" 1 
ATOM   468  C  "C5'" . U   B 1 7  ? 0.121   -11.225 4.215   1.00 45.95 ? 7  U   B "C5'" 1 
ATOM   469  C  "C4'" . U   B 1 7  ? -1.064  -11.219 5.160   1.00 46.01 ? 7  U   B "C4'" 1 
ATOM   470  O  "O4'" . U   B 1 7  ? -0.787  -12.023 6.344   1.00 45.91 ? 7  U   B "O4'" 1 
ATOM   471  C  "C3'" . U   B 1 7  ? -1.497  -9.893  5.763   1.00 45.77 ? 7  U   B "C3'" 1 
ATOM   472  O  "O3'" . U   B 1 7  ? -2.238  -9.117  4.836   1.00 45.11 ? 7  U   B "O3'" 1 
ATOM   473  C  "C2'" . U   B 1 7  ? -2.408  -10.378 6.879   1.00 45.90 ? 7  U   B "C2'" 1 
ATOM   474  O  "O2'" . U   B 1 7  ? -3.647  -10.802 6.334   1.00 46.11 ? 7  U   B "O2'" 1 
ATOM   475  C  "C1'" . U   B 1 7  ? -1.625  -11.587 7.406   1.00 46.05 ? 7  U   B "C1'" 1 
ATOM   476  N  N1    . U   B 1 7  ? -0.790  -11.289 8.582   1.00 46.21 ? 7  U   B N1    1 
ATOM   477  C  C2    . U   B 1 7  ? -1.417  -11.229 9.818   1.00 46.39 ? 7  U   B C2    1 
ATOM   478  O  O2    . U   B 1 7  ? -2.612  -11.391 9.963   1.00 46.42 ? 7  U   B O2    1 
ATOM   479  N  N3    . U   B 1 7  ? -0.590  -10.965 10.880  1.00 46.46 ? 7  U   B N3    1 
ATOM   480  C  C4    . U   B 1 7  ? 0.769   -10.743 10.839  1.00 46.44 ? 7  U   B C4    1 
ATOM   481  O  O4    . U   B 1 7  ? 1.378   -10.505 11.889  1.00 46.29 ? 7  U   B O4    1 
ATOM   482  C  C5    . U   B 1 7  ? 1.344   -10.808 9.525   1.00 46.37 ? 7  U   B C5    1 
ATOM   483  C  C6    . U   B 1 7  ? 0.562   -11.075 8.470   1.00 46.32 ? 7  U   B C6    1 
ATOM   484  P  P     . U   B 1 8  ? -2.277  -7.517  4.988   1.00 44.68 ? 8  U   B P     1 
ATOM   485  O  OP1   . U   B 1 8  ? -2.801  -6.958  3.721   1.00 44.79 ? 8  U   B OP1   1 
ATOM   486  O  OP2   . U   B 1 8  ? -0.979  -7.037  5.521   1.00 44.87 ? 8  U   B OP2   1 
ATOM   487  O  "O5'" . U   B 1 8  ? -3.366  -7.265  6.120   1.00 44.39 ? 8  U   B "O5'" 1 
ATOM   488  C  "C5'" . U   B 1 8  ? -4.710  -7.680  5.949   1.00 43.53 ? 8  U   B "C5'" 1 
ATOM   489  C  "C4'" . U   B 1 8  ? -5.447  -7.577  7.259   1.00 43.04 ? 8  U   B "C4'" 1 
ATOM   490  O  "O4'" . U   B 1 8  ? -4.839  -8.489  8.211   1.00 42.75 ? 8  U   B "O4'" 1 
ATOM   491  C  "C3'" . U   B 1 8  ? -5.380  -6.230  7.966   1.00 42.77 ? 8  U   B "C3'" 1 
ATOM   492  O  "O3'" . U   B 1 8  ? -6.326  -5.298  7.446   1.00 41.95 ? 8  U   B "O3'" 1 
ATOM   493  C  "C2'" . U   B 1 8  ? -5.693  -6.627  9.402   1.00 42.76 ? 8  U   B "C2'" 1 
ATOM   494  O  "O2'" . U   B 1 8  ? -7.064  -6.886  9.626   1.00 42.92 ? 8  U   B "O2'" 1 
ATOM   495  C  "C1'" . U   B 1 8  ? -4.925  -7.941  9.516   1.00 42.75 ? 8  U   B "C1'" 1 
ATOM   496  N  N1    . U   B 1 8  ? -3.564  -7.748  10.032  1.00 42.72 ? 8  U   B N1    1 
ATOM   497  C  C2    . U   B 1 8  ? -3.413  -7.615  11.402  1.00 42.49 ? 8  U   B C2    1 
ATOM   498  O  O2    . U   B 1 8  ? -4.351  -7.628  12.165  1.00 42.32 ? 8  U   B O2    1 
ATOM   499  N  N3    . U   B 1 8  ? -2.117  -7.464  11.835  1.00 42.59 ? 8  U   B N3    1 
ATOM   500  C  C4    . U   B 1 8  ? -0.982  -7.436  11.052  1.00 42.76 ? 8  U   B C4    1 
ATOM   501  O  O4    . U   B 1 8  ? 0.125   -7.426  11.594  1.00 42.86 ? 8  U   B O4    1 
ATOM   502  C  C5    . U   B 1 8  ? -1.226  -7.555  9.643   1.00 42.77 ? 8  U   B C5    1 
ATOM   503  C  C6    . U   B 1 8  ? -2.477  -7.705  9.192   1.00 42.64 ? 8  U   B C6    1 
ATOM   504  P  P     . A   B 1 9  ? -5.995  -3.723  7.482   1.00 41.73 ? 9  A   B P     1 
ATOM   505  O  OP1   . A   B 1 9  ? -7.049  -2.999  6.725   1.00 41.79 ? 9  A   B OP1   1 
ATOM   506  O  OP2   . A   B 1 9  ? -4.568  -3.529  7.116   1.00 41.83 ? 9  A   B OP2   1 
ATOM   507  O  "O5'" . A   B 1 9  ? -6.151  -3.328  9.013   1.00 41.07 ? 9  A   B "O5'" 1 
ATOM   508  C  "C5'" . A   B 1 9  ? -7.406  -3.425  9.662   1.00 40.03 ? 9  A   B "C5'" 1 
ATOM   509  C  "C4'" . A   B 1 9  ? -7.231  -3.175  11.126  1.00 39.47 ? 9  A   B "C4'" 1 
ATOM   510  O  "O4'" . A   B 1 9  ? -6.378  -4.211  11.668  1.00 39.40 ? 9  A   B "O4'" 1 
ATOM   511  C  "C3'" . A   B 1 9  ? -6.479  -1.900  11.459  1.00 39.09 ? 9  A   B "C3'" 1 
ATOM   512  O  "O3'" . A   B 1 9  ? -7.346  -0.783  11.432  1.00 38.81 ? 9  A   B "O3'" 1 
ATOM   513  C  "C2'" . A   B 1 9  ? -5.946  -2.195  12.854  1.00 38.99 ? 9  A   B "C2'" 1 
ATOM   514  O  "O2'" . A   B 1 9  ? -6.924  -2.051  13.862  1.00 38.63 ? 9  A   B "O2'" 1 
ATOM   515  C  "C1'" . A   B 1 9  ? -5.587  -3.673  12.719  1.00 39.25 ? 9  A   B "C1'" 1 
ATOM   516  N  N9    . A   B 1 9  ? -4.179  -3.919  12.413  1.00 39.16 ? 9  A   B N9    1 
ATOM   517  C  C8    . A   B 1 9  ? -3.609  -4.269  11.215  1.00 39.00 ? 9  A   B C8    1 
ATOM   518  N  N7    . A   B 1 9  ? -2.315  -4.459  11.284  1.00 39.01 ? 9  A   B N7    1 
ATOM   519  C  C5    . A   B 1 9  ? -2.012  -4.203  12.613  1.00 39.18 ? 9  A   B C5    1 
ATOM   520  C  C6    . A   B 1 9  ? -0.810  -4.239  13.332  1.00 39.22 ? 9  A   B C6    1 
ATOM   521  N  N6    . A   B 1 9  ? 0.359   -4.575  12.795  1.00 39.36 ? 9  A   B N6    1 
ATOM   522  N  N1    . A   B 1 9  ? -0.851  -3.922  14.641  1.00 39.39 ? 9  A   B N1    1 
ATOM   523  C  C2    . A   B 1 9  ? -2.029  -3.598  15.183  1.00 39.35 ? 9  A   B C2    1 
ATOM   524  N  N3    . A   B 1 9  ? -3.228  -3.535  14.615  1.00 39.14 ? 9  A   B N3    1 
ATOM   525  C  C4    . A   B 1 9  ? -3.149  -3.855  13.315  1.00 39.12 ? 9  A   B C4    1 
ATOM   526  P  P     . A   B 1 10 ? -6.757  0.660   11.072  1.00 38.43 ? 10 A   B P     1 
ATOM   527  O  OP1   . A   B 1 10 ? -7.914  1.548   10.834  1.00 38.83 ? 10 A   B OP1   1 
ATOM   528  O  OP2   . A   B 1 10 ? -5.730  0.501   10.023  1.00 38.56 ? 10 A   B OP2   1 
ATOM   529  O  "O5'" . A   B 1 10 ? -6.048  1.128   12.413  1.00 37.97 ? 10 A   B "O5'" 1 
ATOM   530  C  "C5'" . A   B 1 10 ? -6.801  1.319   13.607  1.00 37.13 ? 10 A   B "C5'" 1 
ATOM   531  C  "C4'" . A   B 1 10 ? -5.905  1.837   14.701  1.00 36.68 ? 10 A   B "C4'" 1 
ATOM   532  O  "O4'" . A   B 1 10 ? -5.089  0.764   15.251  1.00 36.28 ? 10 A   B "O4'" 1 
ATOM   533  C  "C3'" . A   B 1 10 ? -4.880  2.834   14.201  1.00 36.62 ? 10 A   B "C3'" 1 
ATOM   534  O  "O3'" . A   B 1 10 ? -5.448  4.116   14.010  1.00 36.60 ? 10 A   B "O3'" 1 
ATOM   535  C  "C2'" . A   B 1 10 ? -3.811  2.768   15.285  1.00 36.31 ? 10 A   B "C2'" 1 
ATOM   536  O  "O2'" . A   B 1 10 ? -4.139  3.485   16.457  1.00 36.16 ? 10 A   B "O2'" 1 
ATOM   537  C  "C1'" . A   B 1 10 ? -3.800  1.268   15.587  1.00 36.06 ? 10 A   B "C1'" 1 
ATOM   538  N  N9    . A   B 1 10 ? -2.794  0.563   14.788  1.00 35.86 ? 10 A   B N9    1 
ATOM   539  C  C8    . A   B 1 10 ? -2.899  0.115   13.489  1.00 35.56 ? 10 A   B C8    1 
ATOM   540  N  N7    . A   B 1 10 ? -1.811  -0.462  13.037  1.00 35.36 ? 10 A   B N7    1 
ATOM   541  C  C5    . A   B 1 10 ? -0.930  -0.397  14.108  1.00 35.38 ? 10 A   B C5    1 
ATOM   542  C  C6    . A   B 1 10 ? 0.391   -0.845  14.271  1.00 35.27 ? 10 A   B C6    1 
ATOM   543  N  N6    . A   B 1 10 ? 1.078   -1.476  13.315  1.00 35.14 ? 10 A   B N6    1 
ATOM   544  N  N1    . A   B 1 10 ? 0.987   -0.623  15.467  1.00 35.35 ? 10 A   B N1    1 
ATOM   545  C  C2    . A   B 1 10 ? 0.293   -0.001  16.428  1.00 35.30 ? 10 A   B C2    1 
ATOM   546  N  N3    . A   B 1 10 ? -0.958  0.461   16.398  1.00 35.59 ? 10 A   B N3    1 
ATOM   547  C  C4    . A   B 1 10 ? -1.522  0.229   15.196  1.00 35.61 ? 10 A   B C4    1 
ATOM   548  P  P     . A   B 1 11 ? -4.658  5.187   13.129  1.00 36.92 ? 11 A   B P     1 
ATOM   549  O  OP1   . A   B 1 11 ? -5.417  6.466   13.126  1.00 36.97 ? 11 A   B OP1   1 
ATOM   550  O  OP2   . A   B 1 11 ? -4.300  4.547   11.840  1.00 37.19 ? 11 A   B OP2   1 
ATOM   551  O  "O5'" . A   B 1 11 ? -3.339  5.384   13.991  1.00 36.88 ? 11 A   B "O5'" 1 
ATOM   552  C  "C5'" . A   B 1 11 ? -2.085  5.654   13.399  1.00 36.79 ? 11 A   B "C5'" 1 
ATOM   553  C  "C4'" . A   B 1 11 ? -1.026  5.572   14.461  1.00 37.15 ? 11 A   B "C4'" 1 
ATOM   554  O  "O4'" . A   B 1 11 ? -0.832  4.178   14.831  1.00 37.18 ? 11 A   B "O4'" 1 
ATOM   555  C  "C3'" . A   B 1 11 ? 0.353   6.057   14.082  1.00 37.25 ? 11 A   B "C3'" 1 
ATOM   556  O  "O3'" . A   B 1 11 ? 0.415   7.468   14.227  1.00 37.92 ? 11 A   B "O3'" 1 
ATOM   557  C  "C2'" . A   B 1 11 ? 1.211   5.315   15.098  1.00 37.03 ? 11 A   B "C2'" 1 
ATOM   558  O  "O2'" . A   B 1 11 ? 1.096   5.854   16.392  1.00 36.47 ? 11 A   B "O2'" 1 
ATOM   559  C  "C1'" . A   B 1 11 ? 0.543   3.939   15.089  1.00 37.10 ? 11 A   B "C1'" 1 
ATOM   560  N  N9    . A   B 1 11 ? 1.052   3.069   14.023  1.00 37.03 ? 11 A   B N9    1 
ATOM   561  C  C8    . A   B 1 11 ? 0.409   2.713   12.857  1.00 37.03 ? 11 A   B C8    1 
ATOM   562  N  N7    . A   B 1 11 ? 1.114   1.928   12.081  1.00 37.00 ? 11 A   B N7    1 
ATOM   563  C  C5    . A   B 1 11 ? 2.300   1.748   12.782  1.00 37.08 ? 11 A   B C5    1 
ATOM   564  C  C6    . A   B 1 11 ? 3.462   1.008   12.496  1.00 37.07 ? 11 A   B C6    1 
ATOM   565  N  N6    . A   B 1 11 ? 3.640   0.309   11.366  1.00 37.03 ? 11 A   B N6    1 
ATOM   566  N  N1    . A   B 1 11 ? 4.453   1.021   13.414  1.00 37.11 ? 11 A   B N1    1 
ATOM   567  C  C2    . A   B 1 11 ? 4.286   1.748   14.530  1.00 37.18 ? 11 A   B C2    1 
ATOM   568  N  N3    . A   B 1 11 ? 3.248   2.495   14.905  1.00 37.07 ? 11 A   B N3    1 
ATOM   569  C  C4    . A   B 1 11 ? 2.275   2.445   13.980  1.00 37.01 ? 11 A   B C4    1 
ATOM   570  P  P     . U   B 1 12 ? 1.113   8.353   13.081  1.00 38.46 ? 12 U   B P     1 
ATOM   571  O  OP1   . U   B 1 12 ? 0.888   9.784   13.386  1.00 38.32 ? 12 U   B OP1   1 
ATOM   572  O  OP2   . U   B 1 12 ? 0.683   7.802   11.769  1.00 38.55 ? 12 U   B OP2   1 
ATOM   573  O  "O5'" . U   B 1 12 ? 2.673   8.039   13.231  1.00 38.59 ? 12 U   B "O5'" 1 
ATOM   574  C  "C5'" . U   B 1 12 ? 3.372   8.311   14.440  1.00 38.77 ? 12 U   B "C5'" 1 
ATOM   575  C  "C4'" . U   B 1 12 ? 4.698   7.581   14.450  1.00 39.05 ? 12 U   B "C4'" 1 
ATOM   576  O  "O4'" . U   B 1 12 ? 4.468   6.144   14.406  1.00 39.04 ? 12 U   B "O4'" 1 
ATOM   577  C  "C3'" . U   B 1 12 ? 5.623   7.812   13.265  1.00 39.18 ? 12 U   B "C3'" 1 
ATOM   578  O  "O3'" . U   B 1 12 ? 6.362   9.023   13.388  1.00 39.71 ? 12 U   B "O3'" 1 
ATOM   579  C  "C2'" . U   B 1 12 ? 6.547   6.608   13.367  1.00 39.00 ? 12 U   B "C2'" 1 
ATOM   580  O  "O2'" . U   B 1 12 ? 7.499   6.764   14.396  1.00 38.99 ? 12 U   B "O2'" 1 
ATOM   581  C  "C1'" . U   B 1 12 ? 5.561   5.510   13.759  1.00 39.01 ? 12 U   B "C1'" 1 
ATOM   582  N  N1    . U   B 1 12 ? 5.046   4.794   12.590  1.00 39.01 ? 12 U   B N1    1 
ATOM   583  C  C2    . U   B 1 12 ? 5.833   3.809   12.047  1.00 39.17 ? 12 U   B C2    1 
ATOM   584  O  O2    . U   B 1 12 ? 6.926   3.527   12.487  1.00 38.78 ? 12 U   B O2    1 
ATOM   585  N  N3    . U   B 1 12 ? 5.292   3.165   10.965  1.00 39.48 ? 12 U   B N3    1 
ATOM   586  C  C4    . U   B 1 12 ? 4.066   3.415   10.384  1.00 39.76 ? 12 U   B C4    1 
ATOM   587  O  O4    . U   B 1 12 ? 3.683   2.719   9.436   1.00 40.15 ? 12 U   B O4    1 
ATOM   588  C  C5    . U   B 1 12 ? 3.322   4.465   11.006  1.00 39.73 ? 12 U   B C5    1 
ATOM   589  C  C6    . U   B 1 12 ? 3.826   5.098   12.061  1.00 39.32 ? 12 U   B C6    1 
ATOM   590  P  P     . C   B 1 13 ? 6.936   9.743   12.066  1.00 40.02 ? 13 C   B P     1 
ATOM   591  O  OP1   . C   B 1 13 ? 7.381   11.109  12.433  1.00 39.82 ? 13 C   B OP1   1 
ATOM   592  O  OP2   . C   B 1 13 ? 5.954   9.557   10.970  1.00 40.12 ? 13 C   B OP2   1 
ATOM   593  O  "O5'" . C   B 1 13 ? 8.209   8.874   11.686  1.00 40.28 ? 13 C   B "O5'" 1 
ATOM   594  C  "C5'" . C   B 1 13 ? 9.273   8.730   12.603  1.00 40.78 ? 13 C   B "C5'" 1 
ATOM   595  C  "C4'" . C   B 1 13 ? 10.236  7.693   12.103  1.00 41.43 ? 13 C   B "C4'" 1 
ATOM   596  O  "O4'" . C   B 1 13 ? 9.553   6.419   12.010  1.00 41.02 ? 13 C   B "O4'" 1 
ATOM   597  C  "C3'" . C   B 1 13 ? 10.727  7.916   10.685  1.00 41.91 ? 13 C   B "C3'" 1 
ATOM   598  O  "O3'" . C   B 1 13 ? 11.767  8.880   10.649  1.00 43.19 ? 13 C   B "O3'" 1 
ATOM   599  C  "C2'" . C   B 1 13 ? 11.196  6.523   10.311  1.00 41.19 ? 13 C   B "C2'" 1 
ATOM   600  O  "O2'" . C   B 1 13 ? 12.402  6.221   10.965  1.00 41.28 ? 13 C   B "O2'" 1 
ATOM   601  C  "C1'" . C   B 1 13 ? 10.089  5.674   10.930  1.00 40.81 ? 13 C   B "C1'" 1 
ATOM   602  N  N1    . C   B 1 13 ? 8.995   5.350   9.999   1.00 40.47 ? 13 C   B N1    1 
ATOM   603  C  C2    . C   B 1 13 ? 9.170   4.289   9.112   1.00 40.30 ? 13 C   B C2    1 
ATOM   604  O  O2    . C   B 1 13 ? 10.252  3.676   9.119   1.00 40.52 ? 13 C   B O2    1 
ATOM   605  N  N3    . C   B 1 13 ? 8.163   3.953   8.274   1.00 39.78 ? 13 C   B N3    1 
ATOM   606  C  C4    . C   B 1 13 ? 7.018   4.630   8.303   1.00 39.54 ? 13 C   B C4    1 
ATOM   607  N  N4    . C   B 1 13 ? 6.042   4.236   7.489   1.00 39.15 ? 13 C   B N4    1 
ATOM   608  C  C5    . C   B 1 13 ? 6.821   5.734   9.178   1.00 39.70 ? 13 C   B C5    1 
ATOM   609  C  C6    . C   B 1 13 ? 7.825   6.058   10.003  1.00 40.08 ? 13 C   B C6    1 
ATOM   610  P  P     . U   B 1 14 ? 11.943  9.804   9.347   1.00 44.39 ? 14 U   B P     1 
ATOM   611  O  OP1   . U   B 1 14 ? 12.824  10.945  9.727   1.00 43.96 ? 14 U   B OP1   1 
ATOM   612  O  OP2   . U   B 1 14 ? 10.604  10.065  8.753   1.00 44.17 ? 14 U   B OP2   1 
ATOM   613  O  "O5'" . U   B 1 14 ? 12.755  8.867   8.354   1.00 45.63 ? 14 U   B "O5'" 1 
ATOM   614  C  "C5'" . U   B 1 14 ? 14.121  8.573   8.618   1.00 47.74 ? 14 U   B "C5'" 1 
ATOM   615  C  "C4'" . U   B 1 14 ? 14.629  7.554   7.644   1.00 49.13 ? 14 U   B "C4'" 1 
ATOM   616  O  "O4'" . U   B 1 14 ? 13.908  6.313   7.844   1.00 49.31 ? 14 U   B "O4'" 1 
ATOM   617  C  "C3'" . U   B 1 14 ? 14.394  7.868   6.176   1.00 50.09 ? 14 U   B "C3'" 1 
ATOM   618  O  "O3'" . U   B 1 14 ? 15.353  8.774   5.658   1.00 51.14 ? 14 U   B "O3'" 1 
ATOM   619  C  "C2'" . U   B 1 14 ? 14.512  6.483   5.565   1.00 50.05 ? 14 U   B "C2'" 1 
ATOM   620  O  "O2'" . U   B 1 14 ? 15.845  6.008   5.499   1.00 50.27 ? 14 U   B "O2'" 1 
ATOM   621  C  "C1'" . U   B 1 14 ? 13.735  5.669   6.594   1.00 49.91 ? 14 U   B "C1'" 1 
ATOM   622  N  N1    . U   B 1 14 ? 12.314  5.708   6.253   1.00 49.89 ? 14 U   B N1    1 
ATOM   623  C  C2    . U   B 1 14 ? 11.924  4.926   5.208   1.00 49.94 ? 14 U   B C2    1 
ATOM   624  O  O2    . U   B 1 14 ? 12.714  4.240   4.590   1.00 50.26 ? 14 U   B O2    1 
ATOM   625  N  N3    . U   B 1 14 ? 10.589  4.977   4.907   1.00 49.90 ? 14 U   B N3    1 
ATOM   626  C  C4    . U   B 1 14 ? 9.628   5.730   5.544   1.00 49.79 ? 14 U   B C4    1 
ATOM   627  O  O4    . U   B 1 14 ? 8.457   5.652   5.176   1.00 49.49 ? 14 U   B O4    1 
ATOM   628  C  C5    . U   B 1 14 ? 10.118  6.529   6.626   1.00 49.77 ? 14 U   B C5    1 
ATOM   629  C  C6    . U   B 1 14 ? 11.414  6.489   6.939   1.00 49.91 ? 14 U   B C6    1 
ATOM   630  P  P     . G   B 1 15 ? 14.879  9.939   4.652   1.00 52.53 ? 15 G   B P     1 
ATOM   631  O  OP1   . G   B 1 15 ? 15.963  10.961  4.625   1.00 52.21 ? 15 G   B OP1   1 
ATOM   632  O  OP2   . G   B 1 15 ? 13.488  10.347  5.022   1.00 52.20 ? 15 G   B OP2   1 
ATOM   633  O  "O5'" . G   B 1 15 ? 14.810  9.223   3.228   1.00 52.98 ? 15 G   B "O5'" 1 
ATOM   634  C  "C5'" . G   B 1 15 ? 15.942  8.560   2.694   1.00 54.21 ? 15 G   B "C5'" 1 
ATOM   635  C  "C4'" . G   B 1 15 ? 15.510  7.512   1.707   1.00 55.24 ? 15 G   B "C4'" 1 
ATOM   636  O  "O4'" . G   B 1 15 ? 14.613  6.573   2.361   1.00 55.29 ? 15 G   B "O4'" 1 
ATOM   637  C  "C3'" . G   B 1 15 ? 14.690  8.003   0.529   1.00 56.02 ? 15 G   B "C3'" 1 
ATOM   638  O  "O3'" . G   B 1 15 ? 15.520  8.569   -0.477  1.00 57.38 ? 15 G   B "O3'" 1 
ATOM   639  C  "C2'" . G   B 1 15 ? 14.023  6.711   0.069   1.00 55.80 ? 15 G   B "C2'" 1 
ATOM   640  O  "O2'" . G   B 1 15 ? 14.871  5.874   -0.700  1.00 55.58 ? 15 G   B "O2'" 1 
ATOM   641  C  "C1'" . G   B 1 15 ? 13.694  6.052   1.413   1.00 55.49 ? 15 G   B "C1'" 1 
ATOM   642  N  N9    . G   B 1 15 ? 12.340  6.376   1.856   1.00 55.44 ? 15 G   B N9    1 
ATOM   643  C  C8    . G   B 1 15 ? 11.979  7.286   2.825   1.00 55.37 ? 15 G   B C8    1 
ATOM   644  N  N7    . G   B 1 15 ? 10.685  7.398   2.964   1.00 55.28 ? 15 G   B N7    1 
ATOM   645  C  C5    . G   B 1 15 ? 10.158  6.501   2.040   1.00 55.13 ? 15 G   B C5    1 
ATOM   646  C  C6    . G   B 1 15 ? 8.806   6.190   1.724   1.00 54.97 ? 15 G   B C6    1 
ATOM   647  O  O6    . G   B 1 15 ? 7.778   6.672   2.194   1.00 55.02 ? 15 G   B O6    1 
ATOM   648  N  N1    . G   B 1 15 ? 8.719   5.211   0.744   1.00 54.93 ? 15 G   B N1    1 
ATOM   649  C  C2    . G   B 1 15 ? 9.790   4.606   0.133   1.00 54.87 ? 15 G   B C2    1 
ATOM   650  N  N2    . G   B 1 15 ? 9.494   3.652   -0.768  1.00 54.42 ? 15 G   B N2    1 
ATOM   651  N  N3    . G   B 1 15 ? 11.060  4.905   0.398   1.00 54.98 ? 15 G   B N3    1 
ATOM   652  C  C4    . G   B 1 15 ? 11.166  5.850   1.359   1.00 55.24 ? 15 G   B C4    1 
ATOM   653  P  P     . C   B 1 16 ? 14.976  9.803   -1.366  1.00 58.52 ? 16 C   B P     1 
ATOM   654  O  OP1   . C   B 1 16 ? 16.049  10.130  -2.343  1.00 58.65 ? 16 C   B OP1   1 
ATOM   655  O  OP2   . C   B 1 16 ? 14.472  10.863  -0.455  1.00 58.53 ? 16 C   B OP2   1 
ATOM   656  O  "O5'" . C   B 1 16 ? 13.772  9.189   -2.216  1.00 59.10 ? 16 C   B "O5'" 1 
ATOM   657  C  "C5'" . C   B 1 16 ? 13.990  8.798   -3.571  1.00 60.21 ? 16 C   B "C5'" 1 
ATOM   658  C  "C4'" . C   B 1 16 ? 13.099  7.637   -3.948  1.00 60.96 ? 16 C   B "C4'" 1 
ATOM   659  O  "O4'" . C   B 1 16 ? 12.625  6.973   -2.744  1.00 61.27 ? 16 C   B "O4'" 1 
ATOM   660  C  "C3'" . C   B 1 16 ? 11.821  7.989   -4.696  1.00 61.21 ? 16 C   B "C3'" 1 
ATOM   661  O  "O3'" . C   B 1 16 ? 11.993  8.274   -6.086  1.00 61.24 ? 16 C   B "O3'" 1 
ATOM   662  C  "C2'" . C   B 1 16 ? 10.956  6.772   -4.413  1.00 61.55 ? 16 C   B "C2'" 1 
ATOM   663  O  "O2'" . C   B 1 16 ? 11.327  5.640   -5.179  1.00 61.60 ? 16 C   B "O2'" 1 
ATOM   664  C  "C1'" . C   B 1 16 ? 11.282  6.535   -2.937  1.00 61.65 ? 16 C   B "C1'" 1 
ATOM   665  N  N1    . C   B 1 16 ? 10.408  7.332   -2.060  1.00 61.89 ? 16 C   B N1    1 
ATOM   666  C  C2    . C   B 1 16 ? 9.054   7.010   -1.985  1.00 61.96 ? 16 C   B C2    1 
ATOM   667  O  O2    . C   B 1 16 ? 8.621   6.080   -2.681  1.00 61.92 ? 16 C   B O2    1 
ATOM   668  N  N3    . C   B 1 16 ? 8.250   7.723   -1.168  1.00 62.22 ? 16 C   B N3    1 
ATOM   669  C  C4    . C   B 1 16 ? 8.752   8.738   -0.459  1.00 62.34 ? 16 C   B C4    1 
ATOM   670  N  N4    . C   B 1 16 ? 7.926   9.416   0.334   1.00 62.56 ? 16 C   B N4    1 
ATOM   671  C  C5    . C   B 1 16 ? 10.125  9.100   -0.531  1.00 62.27 ? 16 C   B C5    1 
ATOM   672  C  C6    . C   B 1 16 ? 10.910  8.376   -1.332  1.00 62.09 ? 16 C   B C6    1 
ATOM   673  O  "O5'" . G   C 1 1  ? 3.897   30.350  -29.062 1.00 31.48 ? 1  G   C "O5'" 1 
ATOM   674  C  "C5'" . G   C 1 1  ? 4.606   30.758  -27.882 1.00 31.33 ? 1  G   C "C5'" 1 
ATOM   675  C  "C4'" . G   C 1 1  ? 3.863   31.767  -27.043 1.00 31.51 ? 1  G   C "C4'" 1 
ATOM   676  O  "O4'" . G   C 1 1  ? 3.588   32.943  -27.849 1.00 31.63 ? 1  G   C "O4'" 1 
ATOM   677  C  "C3'" . G   C 1 1  ? 2.493   31.350  -26.535 1.00 32.02 ? 1  G   C "C3'" 1 
ATOM   678  O  "O3'" . G   C 1 1  ? 2.567   30.590  -25.335 1.00 33.10 ? 1  G   C "O3'" 1 
ATOM   679  C  "C2'" . G   C 1 1  ? 1.838   32.697  -26.285 1.00 31.58 ? 1  G   C "C2'" 1 
ATOM   680  O  "O2'" . G   C 1 1  ? 2.306   33.313  -25.103 1.00 31.46 ? 1  G   C "O2'" 1 
ATOM   681  C  "C1'" . G   C 1 1  ? 2.328   33.485  -27.497 1.00 31.09 ? 1  G   C "C1'" 1 
ATOM   682  N  N9    . G   C 1 1  ? 1.432   33.349  -28.643 1.00 30.66 ? 1  G   C N9    1 
ATOM   683  C  C8    . G   C 1 1  ? 1.643   32.610  -29.786 1.00 30.37 ? 1  G   C C8    1 
ATOM   684  N  N7    . G   C 1 1  ? 0.651   32.681  -30.633 1.00 29.96 ? 1  G   C N7    1 
ATOM   685  C  C5    . G   C 1 1  ? -0.268  33.513  -30.014 1.00 29.84 ? 1  G   C C5    1 
ATOM   686  C  C6    . G   C 1 1  ? -1.540  33.972  -30.458 1.00 29.84 ? 1  G   C C6    1 
ATOM   687  O  O6    . G   C 1 1  ? -2.111  33.733  -31.525 1.00 29.68 ? 1  G   C O6    1 
ATOM   688  N  N1    . G   C 1 1  ? -2.139  34.809  -29.518 1.00 29.60 ? 1  G   C N1    1 
ATOM   689  C  C2    . G   C 1 1  ? -1.574  35.179  -28.320 1.00 29.50 ? 1  G   C C2    1 
ATOM   690  N  N2    . G   C 1 1  ? -2.273  36.034  -27.585 1.00 29.03 ? 1  G   C N2    1 
ATOM   691  N  N3    . G   C 1 1  ? -0.397  34.750  -27.889 1.00 29.67 ? 1  G   C N3    1 
ATOM   692  C  C4    . G   C 1 1  ? 0.199   33.933  -28.784 1.00 30.14 ? 1  G   C C4    1 
ATOM   693  P  P     . C   C 1 2  ? 1.386   29.555  -24.980 1.00 34.06 ? 2  C   C P     1 
ATOM   694  O  OP1   . C   C 1 2  ? 1.831   28.746  -23.804 1.00 34.04 ? 2  C   C OP1   1 
ATOM   695  O  OP2   . C   C 1 2  ? 0.959   28.862  -26.239 1.00 33.92 ? 2  C   C OP2   1 
ATOM   696  O  "O5'" . C   C 1 2  ? 0.188   30.492  -24.506 1.00 34.28 ? 2  C   C "O5'" 1 
ATOM   697  C  "C5'" . C   C 1 2  ? 0.284   31.251  -23.314 1.00 35.02 ? 2  C   C "C5'" 1 
ATOM   698  C  "C4'" . C   C 1 2  ? -0.966  32.068  -23.122 1.00 35.66 ? 2  C   C "C4'" 1 
ATOM   699  O  "O4'" . C   C 1 2  ? -1.110  32.986  -24.240 1.00 35.84 ? 2  C   C "O4'" 1 
ATOM   700  C  "C3'" . C   C 1 2  ? -2.266  31.288  -23.146 1.00 35.94 ? 2  C   C "C3'" 1 
ATOM   701  O  "O3'" . C   C 1 2  ? -2.568  30.714  -21.888 1.00 36.16 ? 2  C   C "O3'" 1 
ATOM   702  C  "C2'" . C   C 1 2  ? -3.265  32.371  -23.497 1.00 35.82 ? 2  C   C "C2'" 1 
ATOM   703  O  "O2'" . C   C 1 2  ? -3.504  33.191  -22.376 1.00 35.88 ? 2  C   C "O2'" 1 
ATOM   704  C  "C1'" . C   C 1 2  ? -2.482  33.154  -24.551 1.00 35.96 ? 2  C   C "C1'" 1 
ATOM   705  N  N1    . C   C 1 2  ? -2.692  32.651  -25.914 1.00 36.18 ? 2  C   C N1    1 
ATOM   706  C  C2    . C   C 1 2  ? -3.759  33.159  -26.667 1.00 36.38 ? 2  C   C C2    1 
ATOM   707  O  O2    . C   C 1 2  ? -4.501  34.010  -26.159 1.00 36.39 ? 2  C   C O2    1 
ATOM   708  N  N3    . C   C 1 2  ? -3.946  32.711  -27.929 1.00 36.34 ? 2  C   C N3    1 
ATOM   709  C  C4    . C   C 1 2  ? -3.119  31.798  -28.443 1.00 36.28 ? 2  C   C C4    1 
ATOM   710  N  N4    . C   C 1 2  ? -3.336  31.398  -29.694 1.00 36.27 ? 2  C   C N4    1 
ATOM   711  C  C5    . C   C 1 2  ? -2.034  31.257  -27.697 1.00 36.20 ? 2  C   C C5    1 
ATOM   712  C  C6    . C   C 1 2  ? -1.859  31.708  -26.447 1.00 36.21 ? 2  C   C C6    1 
ATOM   713  P  P     . A   C 1 3  ? -3.531  29.429  -21.825 1.00 36.51 ? 3  A   C P     1 
ATOM   714  O  OP1   . A   C 1 3  ? -3.655  29.094  -20.387 1.00 36.86 ? 3  A   C OP1   1 
ATOM   715  O  OP2   . A   C 1 3  ? -3.041  28.401  -22.780 1.00 36.37 ? 3  A   C OP2   1 
ATOM   716  O  "O5'" . A   C 1 3  ? -4.937  29.963  -22.367 1.00 36.41 ? 3  A   C "O5'" 1 
ATOM   717  C  "C5'" . A   C 1 3  ? -5.676  30.939  -21.639 1.00 36.20 ? 3  A   C "C5'" 1 
ATOM   718  C  "C4'" . A   C 1 3  ? -7.004  31.203  -22.307 1.00 36.07 ? 3  A   C "C4'" 1 
ATOM   719  O  "O4'" . A   C 1 3  ? -6.804  31.925  -23.550 1.00 35.92 ? 3  A   C "O4'" 1 
ATOM   720  C  "C3'" . A   C 1 3  ? -7.772  29.977  -22.751 1.00 36.08 ? 3  A   C "C3'" 1 
ATOM   721  O  "O3'" . A   C 1 3  ? -8.480  29.348  -21.699 1.00 36.33 ? 3  A   C "O3'" 1 
ATOM   722  C  "C2'" . A   C 1 3  ? -8.722  30.562  -23.779 1.00 35.84 ? 3  A   C "C2'" 1 
ATOM   723  O  "O2'" . A   C 1 3  ? -9.788  31.256  -23.179 1.00 35.59 ? 3  A   C "O2'" 1 
ATOM   724  C  "C1'" . A   C 1 3  ? -7.804  31.551  -24.483 1.00 35.75 ? 3  A   C "C1'" 1 
ATOM   725  N  N9    . A   C 1 3  ? -7.149  30.935  -25.627 1.00 35.84 ? 3  A   C N9    1 
ATOM   726  C  C8    . A   C 1 3  ? -5.897  30.381  -25.678 1.00 35.84 ? 3  A   C C8    1 
ATOM   727  N  N7    . A   C 1 3  ? -5.576  29.909  -26.855 1.00 35.88 ? 3  A   C N7    1 
ATOM   728  C  C5    . A   C 1 3  ? -6.693  30.170  -27.634 1.00 35.89 ? 3  A   C C5    1 
ATOM   729  C  C6    . A   C 1 3  ? -6.979  29.926  -28.981 1.00 35.99 ? 3  A   C C6    1 
ATOM   730  N  N6    . A   C 1 3  ? -6.121  29.362  -29.824 1.00 35.97 ? 3  A   C N6    1 
ATOM   731  N  N1    . A   C 1 3  ? -8.190  30.297  -29.442 1.00 36.02 ? 3  A   C N1    1 
ATOM   732  C  C2    . A   C 1 3  ? -9.041  30.891  -28.602 1.00 35.82 ? 3  A   C C2    1 
ATOM   733  N  N3    . A   C 1 3  ? -8.883  31.187  -27.317 1.00 35.82 ? 3  A   C N3    1 
ATOM   734  C  C4    . A   C 1 3  ? -7.673  30.794  -26.887 1.00 35.85 ? 3  A   C C4    1 
ATOM   735  P  P     . G   C 1 4  ? -8.799  27.784  -21.816 1.00 36.39 ? 4  G   C P     1 
ATOM   736  O  OP1   . G   C 1 4  ? -9.151  27.280  -20.468 1.00 37.03 ? 4  G   C OP1   1 
ATOM   737  O  OP2   . G   C 1 4  ? -7.663  27.183  -22.551 1.00 36.76 ? 4  G   C OP2   1 
ATOM   738  O  "O5'" . G   C 1 4  ? -10.088 27.701  -22.745 1.00 36.10 ? 4  G   C "O5'" 1 
ATOM   739  C  "C5'" . G   C 1 4  ? -11.305 28.336  -22.367 1.00 35.38 ? 4  G   C "C5'" 1 
ATOM   740  C  "C4'" . G   C 1 4  ? -12.229 28.419  -23.553 1.00 34.87 ? 4  G   C "C4'" 1 
ATOM   741  O  "O4'" . G   C 1 4  ? -11.559 29.182  -24.588 1.00 34.77 ? 4  G   C "O4'" 1 
ATOM   742  C  "C3'" . G   C 1 4  ? -12.512 27.098  -24.253 1.00 34.59 ? 4  G   C "C3'" 1 
ATOM   743  O  "O3'" . G   C 1 4  ? -13.531 26.345  -23.627 1.00 34.63 ? 4  G   C "O3'" 1 
ATOM   744  C  "C2'" . G   C 1 4  ? -12.947 27.568  -25.625 1.00 34.66 ? 4  G   C "C2'" 1 
ATOM   745  O  "O2'" . G   C 1 4  ? -14.259 28.083  -25.624 1.00 34.34 ? 4  G   C "O2'" 1 
ATOM   746  C  "C1'" . G   C 1 4  ? -11.949 28.701  -25.868 1.00 34.80 ? 4  G   C "C1'" 1 
ATOM   747  N  N9    . G   C 1 4  ? -10.767 28.208  -26.566 1.00 34.66 ? 4  G   C N9    1 
ATOM   748  C  C8    . G   C 1 4  ? -9.533  27.931  -26.032 1.00 34.66 ? 4  G   C C8    1 
ATOM   749  N  N7    . G   C 1 4  ? -8.685  27.476  -26.915 1.00 34.62 ? 4  G   C N7    1 
ATOM   750  C  C5    . G   C 1 4  ? -9.399  27.461  -28.102 1.00 34.65 ? 4  G   C C5    1 
ATOM   751  C  C6    . G   C 1 4  ? -9.003  27.076  -29.404 1.00 34.52 ? 4  G   C C6    1 
ATOM   752  O  O6    . G   C 1 4  ? -7.900  26.676  -29.784 1.00 34.96 ? 4  G   C O6    1 
ATOM   753  N  N1    . G   C 1 4  ? -10.049 27.201  -30.314 1.00 34.31 ? 4  G   C N1    1 
ATOM   754  C  C2    . G   C 1 4  ? -11.311 27.653  -30.009 1.00 34.08 ? 4  G   C C2    1 
ATOM   755  N  N2    . G   C 1 4  ? -12.193 27.698  -31.016 1.00 33.52 ? 4  G   C N2    1 
ATOM   756  N  N3    . G   C 1 4  ? -11.683 28.033  -28.801 1.00 34.24 ? 4  G   C N3    1 
ATOM   757  C  C4    . G   C 1 4  ? -10.686 27.909  -27.903 1.00 34.51 ? 4  G   C C4    1 
ATOM   758  P  P     . A   C 1 5  ? -13.602 24.771  -23.882 1.00 34.44 ? 5  A   C P     1 
ATOM   759  O  OP1   . A   C 1 5  ? -14.743 24.227  -23.133 1.00 34.97 ? 5  A   C OP1   1 
ATOM   760  O  OP2   . A   C 1 5  ? -12.244 24.216  -23.655 1.00 34.87 ? 5  A   C OP2   1 
ATOM   761  O  "O5'" . A   C 1 5  ? -13.969 24.646  -25.421 1.00 34.57 ? 5  A   C "O5'" 1 
ATOM   762  C  "C5'" . A   C 1 5  ? -15.294 24.904  -25.877 1.00 34.36 ? 5  A   C "C5'" 1 
ATOM   763  C  "C4'" . A   C 1 5  ? -15.434 24.475  -27.314 1.00 34.06 ? 5  A   C "C4'" 1 
ATOM   764  O  "O4'" . A   C 1 5  ? -14.495 25.227  -28.126 1.00 33.75 ? 5  A   C "O4'" 1 
ATOM   765  C  "C3'" . A   C 1 5  ? -15.066 23.032  -27.605 1.00 33.97 ? 5  A   C "C3'" 1 
ATOM   766  O  "O3'" . A   C 1 5  ? -16.127 22.149  -27.284 1.00 34.10 ? 5  A   C "O3'" 1 
ATOM   767  C  "C2'" . A   C 1 5  ? -14.782 23.086  -29.098 1.00 33.80 ? 5  A   C "C2'" 1 
ATOM   768  O  "O2'" . A   C 1 5  ? -15.944 23.145  -29.900 1.00 33.67 ? 5  A   C "O2'" 1 
ATOM   769  C  "C1'" . A   C 1 5  ? -14.046 24.423  -29.202 1.00 33.79 ? 5  A   C "C1'" 1 
ATOM   770  N  N9    . A   C 1 5  ? -12.598 24.255  -29.088 1.00 33.40 ? 5  A   C N9    1 
ATOM   771  C  C8    . A   C 1 5  ? -11.804 24.444  -27.985 1.00 33.16 ? 5  A   C C8    1 
ATOM   772  N  N7    . A   C 1 5  ? -10.535 24.202  -28.203 1.00 33.23 ? 5  A   C N7    1 
ATOM   773  C  C5    . A   C 1 5  ? -10.490 23.828  -29.537 1.00 33.03 ? 5  A   C C5    1 
ATOM   774  C  C6    . A   C 1 5  ? -9.435  23.437  -30.373 1.00 32.96 ? 5  A   C C6    1 
ATOM   775  N  N6    . A   C 1 5  ? -8.168  23.363  -29.979 1.00 32.72 ? 5  A   C N6    1 
ATOM   776  N  N1    . A   C 1 5  ? -9.733  23.117  -31.651 1.00 33.07 ? 5  A   C N1    1 
ATOM   777  C  C2    . A   C 1 5  ? -11.009 23.193  -32.049 1.00 32.85 ? 5  A   C C2    1 
ATOM   778  N  N3    . A   C 1 5  ? -12.084 23.549  -31.360 1.00 32.77 ? 5  A   C N3    1 
ATOM   779  C  C4    . A   C 1 5  ? -11.753 23.855  -30.095 1.00 33.11 ? 5  A   C C4    1 
HETATM 780  P  P     . A5M C 1 6  ? -15.796 20.718  -26.629 1.00 34.49 ? 6  A5M C P     1 
HETATM 781  O  OP1   . A5M C 1 6  ? -17.065 20.093  -26.203 1.00 34.75 ? 6  A5M C OP1   1 
HETATM 782  O  OP2   . A5M C 1 6  ? -14.715 20.918  -25.627 1.00 34.46 ? 6  A5M C OP2   1 
HETATM 783  O  "O5'" . A5M C 1 6  ? -15.221 19.862  -27.840 1.00 34.25 ? 6  A5M C "O5'" 1 
HETATM 784  C  "C5'" . A5M C 1 6  ? -15.915 19.789  -29.073 1.00 34.06 ? 6  A5M C "C5'" 1 
HETATM 785  C  "C4'" . A5M C 1 6  ? -14.990 19.289  -30.155 1.00 34.29 ? 6  A5M C "C4'" 1 
HETATM 786  O  "O4'" . A5M C 1 6  ? -13.991 20.304  -30.463 1.00 34.43 ? 6  A5M C "O4'" 1 
HETATM 787  C  "C1'" . A5M C 1 6  ? -12.773 19.671  -30.850 1.00 34.38 ? 6  A5M C "C1'" 1 
HETATM 788  N  N1    . A5M C 1 6  ? -11.729 20.059  -29.900 1.00 34.54 ? 6  A5M C N1    1 
HETATM 789  C  C6    . A5M C 1 6  ? -12.055 20.479  -28.640 1.00 34.78 ? 6  A5M C C6    1 
HETATM 790  C  C2    . A5M C 1 6  ? -10.386 20.004  -30.303 1.00 34.62 ? 6  A5M C C2    1 
HETATM 791  O  O2    . A5M C 1 6  ? -10.114 19.569  -31.430 1.00 34.91 ? 6  A5M C O2    1 
HETATM 792  N  N3    . A5M C 1 6  ? -9.425  20.415  -29.450 1.00 34.75 ? 6  A5M C N3    1 
HETATM 793  C  C4    . A5M C 1 6  ? -9.758  20.843  -28.228 1.00 34.72 ? 6  A5M C C4    1 
HETATM 794  N  N4    . A5M C 1 6  ? -8.782  21.259  -27.422 1.00 35.13 ? 6  A5M C N4    1 
HETATM 795  C  C5    . A5M C 1 6  ? -11.111 20.873  -27.778 1.00 34.78 ? 6  A5M C C5    1 
HETATM 796  C  "C2'" . A5M C 1 6  ? -13.023 18.165  -30.814 1.00 34.22 ? 6  A5M C "C2'" 1 
HETATM 797  N  "N2'" . A5M C 1 6  ? -13.430 17.707  -32.141 1.00 33.86 ? 6  A5M C "N2'" 1 
HETATM 798  C  "C3'" . A5M C 1 6  ? -14.138 18.088  -29.783 1.00 34.22 ? 6  A5M C "C3'" 1 
HETATM 799  O  "O3'" . A5M C 1 6  ? -14.829 16.859  -29.851 1.00 34.49 ? 6  A5M C "O3'" 1 
ATOM   800  P  P     . U   C 1 7  ? -14.293 15.603  -28.998 1.00 34.57 ? 7  U   C P     1 
ATOM   801  O  OP1   . U   C 1 7  ? -15.393 14.602  -29.006 1.00 34.90 ? 7  U   C OP1   1 
ATOM   802  O  OP2   . U   C 1 7  ? -13.756 16.090  -27.707 1.00 34.79 ? 7  U   C OP2   1 
ATOM   803  O  "O5'" . U   C 1 7  ? -13.078 15.016  -29.849 1.00 34.42 ? 7  U   C "O5'" 1 
ATOM   804  C  "C5'" . U   C 1 7  ? -13.322 14.319  -31.061 1.00 34.06 ? 7  U   C "C5'" 1 
ATOM   805  C  "C4'" . U   C 1 7  ? -12.040 14.114  -31.824 1.00 33.97 ? 7  U   C "C4'" 1 
ATOM   806  O  "O4'" . U   C 1 7  ? -11.397 15.396  -32.032 1.00 33.76 ? 7  U   C "O4'" 1 
ATOM   807  C  "C3'" . U   C 1 7  ? -10.959 13.289  -31.149 1.00 33.97 ? 7  U   C "C3'" 1 
ATOM   808  O  "O3'" . U   C 1 7  ? -11.197 11.909  -31.352 1.00 34.33 ? 7  U   C "O3'" 1 
ATOM   809  C  "C2'" . U   C 1 7  ? -9.733  13.726  -31.932 1.00 33.73 ? 7  U   C "C2'" 1 
ATOM   810  O  "O2'" . U   C 1 7  ? -9.762  13.171  -33.227 1.00 33.70 ? 7  U   C "O2'" 1 
ATOM   811  C  "C1'" . U   C 1 7  ? -9.988  15.224  -32.044 1.00 33.43 ? 7  U   C "C1'" 1 
ATOM   812  N  N1    . U   C 1 7  ? -9.427  15.976  -30.916 1.00 33.22 ? 7  U   C N1    1 
ATOM   813  C  C2    . U   C 1 7  ? -8.083  16.268  -30.950 1.00 32.96 ? 7  U   C C2    1 
ATOM   814  O  O2    . U   C 1 7  ? -7.353  15.888  -31.838 1.00 33.03 ? 7  U   C O2    1 
ATOM   815  N  N3    . U   C 1 7  ? -7.623  17.011  -29.890 1.00 32.64 ? 7  U   C N3    1 
ATOM   816  C  C4    . U   C 1 7  ? -8.346  17.452  -28.813 1.00 32.59 ? 7  U   C C4    1 
ATOM   817  O  O4    . U   C 1 7  ? -7.785  18.106  -27.942 1.00 32.61 ? 7  U   C O4    1 
ATOM   818  C  C5    . U   C 1 7  ? -9.728  17.091  -28.831 1.00 32.82 ? 7  U   C C5    1 
ATOM   819  C  C6    . U   C 1 7  ? -10.214 16.386  -29.862 1.00 33.02 ? 7  U   C C6    1 
ATOM   820  P  P     . U   C 1 8  ? -10.788 10.852  -30.217 1.00 34.40 ? 8  U   C P     1 
ATOM   821  O  OP1   . U   C 1 8  ? -11.414 9.569   -30.600 1.00 34.41 ? 8  U   C OP1   1 
ATOM   822  O  OP2   . U   C 1 8  ? -11.059 11.434  -28.877 1.00 34.52 ? 8  U   C OP2   1 
ATOM   823  O  "O5'" . U   C 1 8  ? -9.214  10.713  -30.386 1.00 34.79 ? 8  U   C "O5'" 1 
ATOM   824  C  "C5'" . U   C 1 8  ? -8.654  10.227  -31.597 1.00 35.11 ? 8  U   C "C5'" 1 
ATOM   825  C  "C4'" . U   C 1 8  ? -7.176  10.538  -31.651 1.00 35.30 ? 8  U   C "C4'" 1 
ATOM   826  O  "O4'" . U   C 1 8  ? -6.972  11.973  -31.598 1.00 35.30 ? 8  U   C "O4'" 1 
ATOM   827  C  "C3'" . U   C 1 8  ? -6.362  10.042  -30.475 1.00 35.56 ? 8  U   C "C3'" 1 
ATOM   828  O  "O3'" . U   C 1 8  ? -6.083  8.666   -30.623 1.00 35.89 ? 8  U   C "O3'" 1 
ATOM   829  C  "C2'" . U   C 1 8  ? -5.122  10.916  -30.572 1.00 35.48 ? 8  U   C "C2'" 1 
ATOM   830  O  "O2'" . U   C 1 8  ? -4.236  10.533  -31.609 1.00 35.38 ? 8  U   C "O2'" 1 
ATOM   831  C  "C1'" . U   C 1 8  ? -5.752  12.257  -30.931 1.00 35.43 ? 8  U   C "C1'" 1 
ATOM   832  N  N1    . U   C 1 8  ? -6.056  13.074  -29.748 1.00 35.63 ? 8  U   C N1    1 
ATOM   833  C  C2    . U   C 1 8  ? -5.033  13.820  -29.219 1.00 35.39 ? 8  U   C C2    1 
ATOM   834  O  O2    . U   C 1 8  ? -3.917  13.815  -29.690 1.00 35.44 ? 8  U   C O2    1 
ATOM   835  N  N3    . U   C 1 8  ? -5.364  14.571  -28.122 1.00 35.49 ? 8  U   C N3    1 
ATOM   836  C  C4    . U   C 1 8  ? -6.601  14.654  -27.514 1.00 35.75 ? 8  U   C C4    1 
ATOM   837  O  O4    . U   C 1 8  ? -6.765  15.434  -26.565 1.00 35.93 ? 8  U   C O4    1 
ATOM   838  C  C5    . U   C 1 8  ? -7.615  13.841  -28.119 1.00 35.77 ? 8  U   C C5    1 
ATOM   839  C  C6    . U   C 1 8  ? -7.315  13.097  -29.190 1.00 35.70 ? 8  U   C C6    1 
ATOM   840  P  P     . A   C 1 9  ? -6.056  7.725   -29.326 1.00 36.10 ? 9  A   C P     1 
ATOM   841  O  OP1   . A   C 1 9  ? -6.076  6.321   -29.818 1.00 36.25 ? 9  A   C OP1   1 
ATOM   842  O  OP2   . A   C 1 9  ? -7.113  8.195   -28.385 1.00 35.88 ? 9  A   C OP2   1 
ATOM   843  O  "O5'" . A   C 1 9  ? -4.634  8.036   -28.667 1.00 36.10 ? 9  A   C "O5'" 1 
ATOM   844  C  "C5'" . A   C 1 9  ? -3.425  7.713   -29.339 1.00 35.92 ? 9  A   C "C5'" 1 
ATOM   845  C  "C4'" . A   C 1 9  ? -2.232  8.322   -28.623 1.00 35.80 ? 9  A   C "C4'" 1 
ATOM   846  O  "O4'" . A   C 1 9  ? -2.254  9.769   -28.755 1.00 35.84 ? 9  A   C "O4'" 1 
ATOM   847  C  "C3'" . A   C 1 9  ? -2.109  8.097   -27.124 1.00 35.80 ? 9  A   C "C3'" 1 
ATOM   848  O  "O3'" . A   C 1 9  ? -1.586  6.801   -26.832 1.00 35.99 ? 9  A   C "O3'" 1 
ATOM   849  C  "C2'" . A   C 1 9  ? -1.146  9.217   -26.732 1.00 35.76 ? 9  A   C "C2'" 1 
ATOM   850  O  "O2'" . A   C 1 9  ? 0.201   8.980   -27.099 1.00 35.75 ? 9  A   C "O2'" 1 
ATOM   851  C  "C1'" . A   C 1 9  ? -1.658  10.365  -27.602 1.00 35.93 ? 9  A   C "C1'" 1 
ATOM   852  N  N9    . A   C 1 9  ? -2.669  11.163  -26.903 1.00 35.41 ? 9  A   C N9    1 
ATOM   853  C  C8    . A   C 1 9  ? -4.032  11.032  -26.985 1.00 35.45 ? 9  A   C C8    1 
ATOM   854  N  N7    . A   C 1 9  ? -4.688  11.870  -26.221 1.00 35.36 ? 9  A   C N7    1 
ATOM   855  C  C5    . A   C 1 9  ? -3.691  12.602  -25.597 1.00 35.19 ? 9  A   C C5    1 
ATOM   856  C  C6    . A   C 1 9  ? -3.739  13.646  -24.661 1.00 35.06 ? 9  A   C C6    1 
ATOM   857  N  N6    . A   C 1 9  ? -4.873  14.157  -24.192 1.00 34.91 ? 9  A   C N6    1 
ATOM   858  N  N1    . A   C 1 9  ? -2.567  14.159  -24.228 1.00 34.84 ? 9  A   C N1    1 
ATOM   859  C  C2    . A   C 1 9  ? -1.434  13.659  -24.725 1.00 35.03 ? 9  A   C C2    1 
ATOM   860  N  N3    . A   C 1 9  ? -1.262  12.679  -25.620 1.00 35.30 ? 9  A   C N3    1 
ATOM   861  C  C4    . A   C 1 9  ? -2.444  12.185  -26.015 1.00 35.12 ? 9  A   C C4    1 
ATOM   862  P  P     . A   C 1 10 ? -1.955  6.076   -25.430 1.00 36.12 ? 10 A   C P     1 
ATOM   863  O  OP1   . A   C 1 10 ? -1.402  4.698   -25.487 1.00 36.21 ? 10 A   C OP1   1 
ATOM   864  O  OP2   . A   C 1 10 ? -3.403  6.263   -25.116 1.00 36.01 ? 10 A   C OP2   1 
ATOM   865  O  "O5'" . A   C 1 10 ? -1.102  6.887   -24.362 1.00 35.73 ? 10 A   C "O5'" 1 
ATOM   866  C  "C5'" . A   C 1 10 ? 0.309   6.829   -24.381 1.00 35.33 ? 10 A   C "C5'" 1 
ATOM   867  C  "C4'" . A   C 1 10 ? 0.874   7.736   -23.324 1.00 35.33 ? 10 A   C "C4'" 1 
ATOM   868  O  "O4'" . A   C 1 10 ? 0.594   9.120   -23.678 1.00 35.18 ? 10 A   C "O4'" 1 
ATOM   869  C  "C3'" . A   C 1 10 ? 0.264   7.615   -21.939 1.00 35.42 ? 10 A   C "C3'" 1 
ATOM   870  O  "O3'" . A   C 1 10 ? 0.745   6.501   -21.198 1.00 36.00 ? 10 A   C "O3'" 1 
ATOM   871  C  "C2'" . A   C 1 10 ? 0.687   8.937   -21.324 1.00 34.99 ? 10 A   C "C2'" 1 
ATOM   872  O  "O2'" . A   C 1 10 ? 2.066   8.939   -21.007 1.00 34.90 ? 10 A   C "O2'" 1 
ATOM   873  C  "C1'" . A   C 1 10 ? 0.420   9.889   -22.494 1.00 34.78 ? 10 A   C "C1'" 1 
ATOM   874  N  N9    . A   C 1 10 ? -0.955  10.393  -22.463 1.00 34.21 ? 10 A   C N9    1 
ATOM   875  C  C8    . A   C 1 10 ? -2.082  9.862   -23.054 1.00 33.93 ? 10 A   C C8    1 
ATOM   876  N  N7    . A   C 1 10 ? -3.180  10.516  -22.774 1.00 33.61 ? 10 A   C N7    1 
ATOM   877  C  C5    . A   C 1 10 ? -2.747  11.561  -21.956 1.00 33.47 ? 10 A   C C5    1 
ATOM   878  C  C6    . A   C 1 10 ? -3.430  12.611  -21.302 1.00 33.07 ? 10 A   C C6    1 
ATOM   879  N  N6    . A   C 1 10 ? -4.741  12.819  -21.386 1.00 32.63 ? 10 A   C N6    1 
ATOM   880  N  N1    . A   C 1 10 ? -2.702  13.456  -20.552 1.00 33.06 ? 10 A   C N1    1 
ATOM   881  C  C2    . A   C 1 10 ? -1.383  13.278  -20.478 1.00 33.28 ? 10 A   C C2    1 
ATOM   882  N  N3    . A   C 1 10 ? -0.627  12.347  -21.047 1.00 33.58 ? 10 A   C N3    1 
ATOM   883  C  C4    . A   C 1 10 ? -1.380  11.504  -21.774 1.00 33.74 ? 10 A   C C4    1 
ATOM   884  P  P     . A   C 1 11 ? -0.106  5.971   -19.934 1.00 36.81 ? 11 A   C P     1 
ATOM   885  O  OP1   . A   C 1 11 ? 0.537   4.711   -19.471 1.00 37.03 ? 11 A   C OP1   1 
ATOM   886  O  OP2   . A   C 1 11 ? -1.559  5.976   -20.258 1.00 36.71 ? 11 A   C OP2   1 
ATOM   887  O  "O5'" . A   C 1 11 ? 0.123   7.090   -18.825 1.00 36.71 ? 11 A   C "O5'" 1 
ATOM   888  C  "C5'" . A   C 1 11 ? 1.425   7.361   -18.333 1.00 36.95 ? 11 A   C "C5'" 1 
ATOM   889  C  "C4'" . A   C 1 11 ? 1.375   8.479   -17.321 1.00 37.29 ? 11 A   C "C4'" 1 
ATOM   890  O  "O4'" . A   C 1 11 ? 0.909   9.686   -17.980 1.00 37.20 ? 11 A   C "O4'" 1 
ATOM   891  C  "C3'" . A   C 1 11 ? 0.386   8.327   -16.172 1.00 37.28 ? 11 A   C "C3'" 1 
ATOM   892  O  "O3'" . A   C 1 11 ? 0.868   7.482   -15.124 1.00 36.92 ? 11 A   C "O3'" 1 
ATOM   893  C  "C2'" . A   C 1 11 ? 0.275   9.765   -15.699 1.00 37.21 ? 11 A   C "C2'" 1 
ATOM   894  O  "O2'" . A   C 1 11 ? 1.421   10.133  -14.956 1.00 37.06 ? 11 A   C "O2'" 1 
ATOM   895  C  "C1'" . A   C 1 11 ? 0.248   10.512  -17.035 1.00 37.22 ? 11 A   C "C1'" 1 
ATOM   896  N  N9    . A   C 1 11 ? -1.111  10.743  -17.510 1.00 37.28 ? 11 A   C N9    1 
ATOM   897  C  C8    . A   C 1 11 ? -1.800  10.030  -18.455 1.00 37.31 ? 11 A   C C8    1 
ATOM   898  N  N7    . A   C 1 11 ? -3.023  10.456  -18.653 1.00 37.53 ? 11 A   C N7    1 
ATOM   899  C  C5    . A   C 1 11 ? -3.148  11.530  -17.784 1.00 37.35 ? 11 A   C C5    1 
ATOM   900  C  C6    . A   C 1 11 ? -4.214  12.414  -17.510 1.00 37.55 ? 11 A   C C6    1 
ATOM   901  N  N6    . A   C 1 11 ? -5.405  12.353  -18.108 1.00 37.21 ? 11 A   C N6    1 
ATOM   902  N  N1    . A   C 1 11 ? -4.006  13.380  -16.585 1.00 37.73 ? 11 A   C N1    1 
ATOM   903  C  C2    . A   C 1 11 ? -2.803  13.442  -15.983 1.00 37.56 ? 11 A   C C2    1 
ATOM   904  N  N3    . A   C 1 11 ? -1.730  12.670  -16.156 1.00 37.19 ? 11 A   C N3    1 
ATOM   905  C  C4    . A   C 1 11 ? -1.972  11.724  -17.077 1.00 37.43 ? 11 A   C C4    1 
ATOM   906  P  P     . U   C 1 12 ? -0.168  6.552   -14.313 1.00 37.02 ? 12 U   C P     1 
ATOM   907  O  OP1   . U   C 1 12 ? 0.616   5.664   -13.414 1.00 37.10 ? 12 U   C OP1   1 
ATOM   908  O  OP2   . U   C 1 12 ? -1.139  5.952   -15.272 1.00 37.08 ? 12 U   C OP2   1 
ATOM   909  O  "O5'" . U   C 1 12 ? -0.982  7.578   -13.408 1.00 36.60 ? 12 U   C "O5'" 1 
ATOM   910  C  "C5'" . U   C 1 12 ? -0.324  8.378   -12.439 1.00 35.85 ? 12 U   C "C5'" 1 
ATOM   911  C  "C4'" . U   C 1 12 ? -1.298  9.338   -11.815 1.00 35.51 ? 12 U   C "C4'" 1 
ATOM   912  O  "O4'" . U   C 1 12 ? -1.683  10.355  -12.779 1.00 35.35 ? 12 U   C "O4'" 1 
ATOM   913  C  "C3'" . U   C 1 12 ? -2.626  8.743   -11.389 1.00 35.37 ? 12 U   C "C3'" 1 
ATOM   914  O  "O3'" . U   C 1 12 ? -2.539  8.060   -10.151 1.00 35.46 ? 12 U   C "O3'" 1 
ATOM   915  C  "C2'" . U   C 1 12 ? -3.490  9.990   -11.302 1.00 35.33 ? 12 U   C "C2'" 1 
ATOM   916  O  "O2'" . U   C 1 12 ? -3.206  10.772  -10.158 1.00 35.18 ? 12 U   C "O2'" 1 
ATOM   917  C  "C1'" . U   C 1 12 ? -3.034  10.737  -12.555 1.00 35.19 ? 12 U   C "C1'" 1 
ATOM   918  N  N1    . U   C 1 12 ? -3.840  10.352  -13.723 1.00 34.96 ? 12 U   C N1    1 
ATOM   919  C  C2    . U   C 1 12 ? -5.078  10.947  -13.863 1.00 34.89 ? 12 U   C C2    1 
ATOM   920  O  O2    . U   C 1 12 ? -5.515  11.752  -13.071 1.00 34.81 ? 12 U   C O2    1 
ATOM   921  N  N3    . U   C 1 12 ? -5.793  10.552  -14.961 1.00 34.93 ? 12 U   C N3    1 
ATOM   922  C  C4    . U   C 1 12 ? -5.414  9.635   -15.903 1.00 34.86 ? 12 U   C C4    1 
ATOM   923  O  O4    . U   C 1 12 ? -6.192  9.357   -16.816 1.00 34.79 ? 12 U   C O4    1 
ATOM   924  C  C5    . U   C 1 12 ? -4.123  9.059   -15.689 1.00 34.70 ? 12 U   C C5    1 
ATOM   925  C  C6    . U   C 1 12 ? -3.398  9.431   -14.637 1.00 34.76 ? 12 U   C C6    1 
ATOM   926  P  P     . C   C 1 13 ? -3.454  6.760   -9.892  1.00 35.55 ? 13 C   C P     1 
ATOM   927  O  OP1   . C   C 1 13 ? -2.935  6.117   -8.659  1.00 35.62 ? 13 C   C OP1   1 
ATOM   928  O  OP2   . C   C 1 13 ? -3.568  5.966   -11.143 1.00 35.55 ? 13 C   C OP2   1 
ATOM   929  O  "O5'" . C   C 1 13 ? -4.891  7.364   -9.590  1.00 35.40 ? 13 C   C "O5'" 1 
ATOM   930  C  "C5'" . C   C 1 13 ? -5.082  8.265   -8.511  1.00 35.04 ? 13 C   C "C5'" 1 
ATOM   931  C  "C4'" . C   C 1 13 ? -6.459  8.855   -8.577  1.00 34.56 ? 13 C   C "C4'" 1 
ATOM   932  O  "O4'" . C   C 1 13 ? -6.563  9.661   -9.779  1.00 34.66 ? 13 C   C "O4'" 1 
ATOM   933  C  "C3'" . C   C 1 13 ? -7.591  7.858   -8.743  1.00 34.58 ? 13 C   C "C3'" 1 
ATOM   934  O  "O3'" . C   C 1 13 ? -7.964  7.253   -7.512  1.00 34.81 ? 13 C   C "O3'" 1 
ATOM   935  C  "C2'" . C   C 1 13 ? -8.692  8.758   -9.275  1.00 34.55 ? 13 C   C "C2'" 1 
ATOM   936  O  "O2'" . C   C 1 13 ? -9.234  9.569   -8.263  1.00 34.38 ? 13 C   C "O2'" 1 
ATOM   937  C  "C1'" . C   C 1 13 ? -7.905  9.639   -10.244 1.00 34.43 ? 13 C   C "C1'" 1 
ATOM   938  N  N1    . C   C 1 13 ? -7.933  9.106   -11.617 1.00 34.52 ? 13 C   C N1    1 
ATOM   939  C  C2    . C   C 1 13 ? -9.058  9.368   -12.402 1.00 34.46 ? 13 C   C C2    1 
ATOM   940  O  O2    . C   C 1 13 ? -9.980  10.023  -11.914 1.00 34.48 ? 13 C   C O2    1 
ATOM   941  N  N3    . C   C 1 13 ? -9.114  8.897   -13.663 1.00 34.48 ? 13 C   C N3    1 
ATOM   942  C  C4    . C   C 1 13 ? -8.104  8.179   -14.150 1.00 34.49 ? 13 C   C C4    1 
ATOM   943  N  N4    . C   C 1 13 ? -8.209  7.735   -15.410 1.00 34.18 ? 13 C   C N4    1 
ATOM   944  C  C5    . C   C 1 13 ? -6.943  7.884   -13.370 1.00 34.44 ? 13 C   C C5    1 
ATOM   945  C  C6    . C   C 1 13 ? -6.898  8.367   -12.120 1.00 34.31 ? 13 C   C C6    1 
ATOM   946  P  P     . U   C 1 14 ? -8.535  5.747   -7.502  1.00 34.61 ? 14 U   C P     1 
ATOM   947  O  OP1   . U   C 1 14 ? -8.576  5.306   -6.090  1.00 34.56 ? 14 U   C OP1   1 
ATOM   948  O  OP2   . U   C 1 14 ? -7.737  4.970   -8.491  1.00 34.79 ? 14 U   C OP2   1 
ATOM   949  O  "O5'" . U   C 1 14 ? -10.034 5.890   -8.023  1.00 34.29 ? 14 U   C "O5'" 1 
ATOM   950  C  "C5'" . U   C 1 14 ? -11.005 6.557   -7.232  1.00 34.12 ? 14 U   C "C5'" 1 
ATOM   951  C  "C4'" . U   C 1 14 ? -12.280 6.753   -8.012  1.00 34.10 ? 14 U   C "C4'" 1 
ATOM   952  O  "O4'" . U   C 1 14 ? -12.022 7.602   -9.167  1.00 34.29 ? 14 U   C "O4'" 1 
ATOM   953  C  "C3'" . U   C 1 14 ? -12.897 5.507   -8.616  1.00 34.03 ? 14 U   C "C3'" 1 
ATOM   954  O  "O3'" . U   C 1 14 ? -13.648 4.796   -7.644  1.00 34.24 ? 14 U   C "O3'" 1 
ATOM   955  C  "C2'" . U   C 1 14 ? -13.776 6.104   -9.710  1.00 34.08 ? 14 U   C "C2'" 1 
ATOM   956  O  "O2'" . U   C 1 14 ? -14.968 6.687   -9.236  1.00 34.00 ? 14 U   C "O2'" 1 
ATOM   957  C  "C1'" . U   C 1 14 ? -12.875 7.221   -10.235 1.00 34.01 ? 14 U   C "C1'" 1 
ATOM   958  N  N1    . U   C 1 14 ? -12.047 6.753   -11.352 1.00 33.70 ? 14 U   C N1    1 
ATOM   959  C  C2    . U   C 1 14 ? -12.646 6.680   -12.592 1.00 33.49 ? 14 U   C C2    1 
ATOM   960  O  O2    . U   C 1 14 ? -13.803 6.992   -12.784 1.00 32.95 ? 14 U   C O2    1 
ATOM   961  N  N3    . U   C 1 14 ? -11.837 6.223   -13.596 1.00 33.51 ? 14 U   C N3    1 
ATOM   962  C  C4    . U   C 1 14 ? -10.522 5.832   -13.485 1.00 33.65 ? 14 U   C C4    1 
ATOM   963  O  O4    . U   C 1 14 ? -9.952  5.361   -14.472 1.00 34.11 ? 14 U   C O4    1 
ATOM   964  C  C5    . U   C 1 14 ? -9.972  5.942   -12.168 1.00 33.55 ? 14 U   C C5    1 
ATOM   965  C  C6    . U   C 1 14 ? -10.735 6.389   -11.171 1.00 33.59 ? 14 U   C C6    1 
ATOM   966  P  P     . G   C 1 15 ? -14.059 3.266   -7.910  1.00 34.12 ? 15 G   C P     1 
ATOM   967  O  OP1   . G   C 1 15 ? -14.750 2.785   -6.703  1.00 34.34 ? 15 G   C OP1   1 
ATOM   968  O  OP2   . G   C 1 15 ? -12.891 2.512   -8.447  1.00 34.42 ? 15 G   C OP2   1 
ATOM   969  O  "O5'" . G   C 1 15 ? -15.160 3.365   -9.047  1.00 34.27 ? 15 G   C "O5'" 1 
ATOM   970  C  "C5'" . G   C 1 15 ? -16.406 3.980   -8.782  1.00 34.40 ? 15 G   C "C5'" 1 
ATOM   971  C  "C4'" . G   C 1 15 ? -17.284 3.902   -10.000 1.00 34.55 ? 15 G   C "C4'" 1 
ATOM   972  O  "O4'" . G   C 1 15 ? -16.737 4.749   -11.045 1.00 34.73 ? 15 G   C "O4'" 1 
ATOM   973  C  "C3'" . G   C 1 15 ? -17.363 2.524   -10.638 1.00 34.68 ? 15 G   C "C3'" 1 
ATOM   974  O  "O3'" . G   C 1 15 ? -18.321 1.713   -9.973  1.00 34.21 ? 15 G   C "O3'" 1 
ATOM   975  C  "C2'" . G   C 1 15 ? -17.759 2.876   -12.065 1.00 34.84 ? 15 G   C "C2'" 1 
ATOM   976  O  "O2'" . G   C 1 15 ? -19.111 3.272   -12.186 1.00 34.91 ? 15 G   C "O2'" 1 
ATOM   977  C  "C1'" . G   C 1 15 ? -16.881 4.103   -12.300 1.00 34.76 ? 15 G   C "C1'" 1 
ATOM   978  N  N9    . G   C 1 15 ? -15.556 3.729   -12.790 1.00 34.92 ? 15 G   C N9    1 
ATOM   979  C  C8    . G   C 1 15 ? -14.385 3.593   -12.074 1.00 34.77 ? 15 G   C C8    1 
ATOM   980  N  N7    . G   C 1 15 ? -13.365 3.267   -12.822 1.00 34.62 ? 15 G   C N7    1 
ATOM   981  C  C5    . G   C 1 15 ? -13.897 3.177   -14.105 1.00 34.78 ? 15 G   C C5    1 
ATOM   982  C  C6    . G   C 1 15 ? -13.275 2.862   -15.349 1.00 34.83 ? 15 G   C C6    1 
ATOM   983  O  O6    . G   C 1 15 ? -12.093 2.581   -15.569 1.00 34.43 ? 15 G   C O6    1 
ATOM   984  N  N1    . G   C 1 15 ? -14.190 2.889   -16.401 1.00 35.10 ? 15 G   C N1    1 
ATOM   985  C  C2    . G   C 1 15 ? -15.536 3.165   -16.270 1.00 35.41 ? 15 G   C C2    1 
ATOM   986  N  N2    . G   C 1 15 ? -16.278 3.134   -17.403 1.00 35.90 ? 15 G   C N2    1 
ATOM   987  N  N3    . G   C 1 15 ? -16.121 3.450   -15.118 1.00 35.16 ? 15 G   C N3    1 
ATOM   988  C  C4    . G   C 1 15 ? -15.249 3.446   -14.092 1.00 34.75 ? 15 G   C C4    1 
ATOM   989  P  P     . C   C 1 16 ? -18.203 0.114   -10.044 1.00 33.95 ? 16 C   C P     1 
ATOM   990  O  OP1   . C   C 1 16 ? -19.419 -0.392  -9.377  1.00 34.20 ? 16 C   C OP1   1 
ATOM   991  O  OP2   . C   C 1 16 ? -16.869 -0.354  -9.591  1.00 34.15 ? 16 C   C OP2   1 
ATOM   992  O  "O5'" . C   C 1 16 ? -18.355 -0.209  -11.595 1.00 33.82 ? 16 C   C "O5'" 1 
ATOM   993  C  "C5'" . C   C 1 16 ? -19.602 0.000   -12.253 1.00 33.37 ? 16 C   C "C5'" 1 
ATOM   994  C  "C4'" . C   C 1 16 ? -19.490 -0.345  -13.711 1.00 33.16 ? 16 C   C "C4'" 1 
ATOM   995  O  "O4'" . C   C 1 16 ? -18.538 0.542   -14.357 1.00 33.03 ? 16 C   C "O4'" 1 
ATOM   996  C  "C3'" . C   C 1 16 ? -18.945 -1.729  -14.013 1.00 32.94 ? 16 C   C "C3'" 1 
ATOM   997  O  "O3'" . C   C 1 16 ? -19.883 -2.779  -13.837 1.00 33.24 ? 16 C   C "O3'" 1 
ATOM   998  C  "C2'" . C   C 1 16 ? -18.492 -1.562  -15.450 1.00 32.89 ? 16 C   C "C2'" 1 
ATOM   999  O  "O2'" . C   C 1 16 ? -19.581 -1.568  -16.348 1.00 32.49 ? 16 C   C "O2'" 1 
ATOM   1000 C  "C1'" . C   C 1 16 ? -17.872 -0.164  -15.393 1.00 32.76 ? 16 C   C "C1'" 1 
ATOM   1001 N  N1    . C   C 1 16 ? -16.438 -0.227  -15.068 1.00 32.50 ? 16 C   C N1    1 
ATOM   1002 C  C2    . C   C 1 16 ? -15.526 -0.460  -16.102 1.00 32.28 ? 16 C   C C2    1 
ATOM   1003 O  O2    . C   C 1 16 ? -15.947 -0.614  -17.247 1.00 32.00 ? 16 C   C O2    1 
ATOM   1004 N  N3    . C   C 1 16 ? -14.211 -0.522  -15.822 1.00 32.35 ? 16 C   C N3    1 
ATOM   1005 C  C4    . C   C 1 16 ? -13.793 -0.377  -14.573 1.00 32.43 ? 16 C   C C4    1 
ATOM   1006 N  N4    . C   C 1 16 ? -12.492 -0.460  -14.351 1.00 32.70 ? 16 C   C N4    1 
ATOM   1007 C  C5    . C   C 1 16 ? -14.694 -0.143  -13.495 1.00 32.40 ? 16 C   C C5    1 
ATOM   1008 C  C6    . C   C 1 16 ? -15.998 -0.072  -13.785 1.00 32.42 ? 16 C   C C6    1 
HETATM 1009 SR SR    . SR  D 2 .  ? 9.979   -31.797 22.978  1.00 58.57 ? 17 SR  A SR    1 
HETATM 1010 SR SR    . SR  E 2 .  ? -9.126  17.580  -23.284 0.5  59.04 ? 17 SR  C SR    1 
HETATM 1011 O  O     . HOH F 3 .  ? -0.273  -16.846 17.009  1.00 32.44 ? 22 HOH A O     1 
HETATM 1012 O  O     . HOH F 3 .  ? 5.192   -1.959  3.886   1.00 36.28 ? 26 HOH A O     1 
HETATM 1013 O  O     . HOH F 3 .  ? 5.769   -4.824  6.869   1.00 48.61 ? 34 HOH A O     1 
HETATM 1014 O  O     . HOH F 3 .  ? 0.981   -13.377 19.319  1.00 52.23 ? 36 HOH A O     1 
HETATM 1015 O  O     . HOH F 3 .  ? 4.409   9.249   2.579   1.00 45.53 ? 37 HOH A O     1 
HETATM 1016 O  O     . HOH F 3 .  ? 1.384   -10.786 17.365  1.00 47.80 ? 38 HOH A O     1 
HETATM 1017 O  O     . HOH F 3 .  ? 0.944   -27.387 14.031  1.00 39.26 ? 40 HOH A O     1 
HETATM 1018 O  O     . HOH F 3 .  ? 8.540   -24.656 12.165  1.00 47.05 ? 45 HOH A O     1 
HETATM 1019 O  O     . HOH F 3 .  ? 10.061  0.213   -4.223  0.5  59.42 ? 51 HOH A O     1 
HETATM 1020 O  O     . HOH F 3 .  ? 15.739  -7.326  10.581  1.00 43.59 ? 52 HOH A O     1 
HETATM 1021 O  O     . HOH G 3 .  ? 10.512  -23.920 16.023  1.00 47.89 ? 17 HOH B O     1 
HETATM 1022 O  O     . HOH G 3 .  ? 10.820  10.073  6.212   1.00 32.23 ? 18 HOH B O     1 
HETATM 1023 O  O     . HOH G 3 .  ? 1.661   8.276   17.149  1.00 24.24 ? 19 HOH B O     1 
HETATM 1024 O  O     . HOH G 3 .  ? 17.607  12.059  6.616   1.00 30.30 ? 20 HOH B O     1 
HETATM 1025 O  O     . HOH G 3 .  ? -7.169  -8.958  2.938   1.00 42.48 ? 21 HOH B O     1 
HETATM 1026 O  O     . HOH G 3 .  ? 1.423   3.081   7.611   1.00 35.09 ? 22 HOH B O     1 
HETATM 1027 O  O     . HOH G 3 .  ? -0.948  -24.033 18.903  1.00 45.64 ? 23 HOH B O     1 
HETATM 1028 O  O     . HOH G 3 .  ? -1.497  2.455   18.460  1.00 41.16 ? 24 HOH B O     1 
HETATM 1029 O  O     . HOH G 3 .  ? -5.671  -2.943  16.334  1.00 37.80 ? 25 HOH B O     1 
HETATM 1030 O  O     . HOH G 3 .  ? 8.609   -10.167 4.328   1.00 42.81 ? 26 HOH B O     1 
HETATM 1031 O  O     . HOH G 3 .  ? 15.579  12.965  12.876  1.00 52.53 ? 27 HOH B O     1 
HETATM 1032 O  O     . HOH G 3 .  ? 3.982   -9.630  12.401  1.00 36.79 ? 28 HOH B O     1 
HETATM 1033 O  O     . HOH G 3 .  ? 2.253   -5.876  8.875   1.00 50.57 ? 29 HOH B O     1 
HETATM 1034 O  O     . HOH G 3 .  ? -0.875  1.987   7.860   1.00 36.45 ? 30 HOH B O     1 
HETATM 1035 O  O     . HOH H 3 .  ? -7.405  3.104   -6.013  1.00 32.64 ? 18 HOH C O     1 
HETATM 1036 O  O     . HOH H 3 .  ? -9.246  15.326  -25.701 1.00 33.86 ? 19 HOH C O     1 
HETATM 1037 O  O     . HOH H 3 .  ? -11.220 15.782  -22.749 1.00 37.29 ? 20 HOH C O     1 
HETATM 1038 O  O     . HOH H 3 .  ? -8.984  6.338   -22.215 1.00 59.45 ? 21 HOH C O     1 
HETATM 1039 O  O     . HOH H 3 .  ? -6.578  7.740   -23.169 1.00 44.42 ? 22 HOH C O     1 
HETATM 1040 O  O     . HOH H 3 .  ? -8.768  8.457   -23.444 1.00 32.18 ? 23 HOH C O     1 
HETATM 1041 O  O     . HOH H 3 .  ? -6.510  5.233   -21.143 1.00 40.25 ? 24 HOH C O     1 
HETATM 1042 O  O     . HOH H 3 .  ? -8.809  6.167   -24.559 1.00 39.47 ? 25 HOH C O     1 
HETATM 1043 O  O     . HOH H 3 .  ? -3.681  30.478  -34.749 1.00 19.26 ? 26 HOH C O     1 
HETATM 1044 O  O     . HOH H 3 .  ? -2.579  2.890   -17.340 1.00 37.95 ? 27 HOH C O     1 
HETATM 1045 O  O     . HOH H 3 .  ? -5.913  5.829   -15.814 1.00 25.36 ? 28 HOH C O     1 
HETATM 1046 O  O     . HOH H 3 .  ? -11.404 -0.075  -11.943 1.00 35.93 ? 29 HOH C O     1 
HETATM 1047 O  O     . HOH H 3 .  ? -3.980  5.498   -14.110 1.00 38.00 ? 30 HOH C O     1 
HETATM 1048 O  O     . HOH H 3 .  ? -14.327 -0.021  -10.192 1.00 30.02 ? 31 HOH C O     1 
HETATM 1049 O  O     . HOH H 3 .  ? -22.025 0.332   -8.372  1.00 21.52 ? 32 HOH C O     1 
HETATM 1050 O  O     . HOH H 3 .  ? -16.733 8.296   -13.286 1.00 22.48 ? 33 HOH C O     1 
HETATM 1051 O  O     . HOH H 3 .  ? -0.785  4.004   -10.994 1.00 54.74 ? 34 HOH C O     1 
HETATM 1052 O  O     . HOH H 3 .  ? -11.460 22.553  -19.277 1.00 26.85 ? 35 HOH C O     1 
HETATM 1053 O  O     . HOH H 3 .  ? -5.071  8.055   -20.165 1.00 46.41 ? 36 HOH C O     1 
HETATM 1054 O  O     . HOH H 3 .  ? -19.591 -2.497  -19.477 1.00 71.66 ? 37 HOH C O     1 
HETATM 1055 O  O     . HOH H 3 .  ? -6.769  9.883   -35.778 1.00 42.28 ? 38 HOH C O     1 
HETATM 1056 O  O     . HOH H 3 .  ? -14.269 7.741   -33.051 1.00 34.33 ? 39 HOH C O     1 
HETATM 1057 O  O     . HOH H 3 .  ? 2.672   11.640  -20.506 1.00 55.85 ? 40 HOH C O     1 
HETATM 1058 O  O     . HOH H 3 .  ? -8.346  12.893  -24.031 1.00 50.10 ? 41 HOH C O     1 
HETATM 1059 O  O     . HOH H 3 .  ? -8.685  2.846   -9.396  1.00 36.39 ? 42 HOH C O     1 
HETATM 1060 O  O     . HOH H 3 .  ? -8.865  10.276  -26.797 1.00 34.97 ? 43 HOH C O     1 
# 
